data_8ZYB
#
_entry.id   8ZYB
#
_cell.length_a   368.944
_cell.length_b   78.254
_cell.length_c   81.912
_cell.angle_alpha   90.00
_cell.angle_beta   98.02
_cell.angle_gamma   90.00
#
_symmetry.space_group_name_H-M   'C 1 2 1'
#
loop_
_entity.id
_entity.type
_entity.pdbx_description
1 polymer DhiD
2 non-polymer 'FE (III) ION'
3 water water
#
_entity_poly.entity_id   1
_entity_poly.type   'polypeptide(L)'
_entity_poly.pdbx_seq_one_letter_code
;SNTSAIRHANKATSSDEIVQILEEDGVVIVESFLSSDLVQKLNDELDPHLAALYDPVSGESAYHPVTTKQMNDLPARSQT
FRQDLLNNTLIHKVCEGFYGPTVGDYWMSHGGVLERGPGTPIQSLHRDEAVFPAIHSLSGSGPPVMLHFFIALSDFTAEN
GATQFIPGSHKWADFNDNGTRDQAVTAILKAGEMVIFTGKTVHCGGANSTKDSVRRALGMNFHPWYVTPYENFYNTPREV
VESMTPLAQRMIGWRTLHPHSHSFGWWLIRNAEAGQALGLKP
;
_entity_poly.pdbx_strand_id   E,A,B,C,D,F,G,H
#
# COMPACT_ATOMS: atom_id res chain seq x y z
N SER A 1 -8.66 -55.23 -4.93
CA SER A 1 -9.86 -56.03 -4.64
C SER A 1 -10.17 -56.02 -3.15
N ASN A 2 -9.18 -56.32 -2.31
CA ASN A 2 -9.31 -56.07 -0.88
C ASN A 2 -9.03 -54.63 -0.51
N THR A 3 -8.57 -53.82 -1.46
CA THR A 3 -8.07 -52.48 -1.18
C THR A 3 -8.47 -51.57 -2.33
N SER A 4 -8.67 -50.29 -2.02
CA SER A 4 -9.14 -49.31 -3.00
C SER A 4 -8.32 -48.03 -2.91
N ALA A 5 -8.19 -47.35 -4.05
CA ALA A 5 -7.32 -46.20 -4.16
C ALA A 5 -7.85 -45.29 -5.26
N ILE A 6 -7.23 -44.12 -5.39
CA ILE A 6 -7.51 -43.25 -6.53
C ILE A 6 -7.05 -43.95 -7.81
N ARG A 7 -7.88 -43.90 -8.84
CA ARG A 7 -7.58 -44.58 -10.09
C ARG A 7 -6.70 -43.71 -10.98
N HIS A 8 -5.72 -44.34 -11.60
CA HIS A 8 -4.83 -43.67 -12.55
C HIS A 8 -5.39 -43.75 -13.96
N ALA A 9 -5.03 -42.77 -14.78
CA ALA A 9 -5.39 -42.74 -16.19
C ALA A 9 -4.12 -42.62 -17.02
N ASN A 10 -3.84 -43.63 -17.83
CA ASN A 10 -2.65 -43.64 -18.66
C ASN A 10 -2.94 -43.02 -20.02
N LYS A 11 -1.89 -42.92 -20.84
CA LYS A 11 -1.96 -42.31 -22.16
C LYS A 11 -2.96 -43.04 -23.05
N ALA A 12 -3.12 -44.35 -22.87
CA ALA A 12 -4.09 -45.10 -23.64
C ALA A 12 -5.51 -44.95 -23.13
N THR A 13 -5.69 -44.27 -21.99
CA THR A 13 -7.04 -43.99 -21.51
C THR A 13 -7.59 -42.77 -22.26
N SER A 14 -8.83 -42.88 -22.71
CA SER A 14 -9.53 -41.77 -23.36
C SER A 14 -10.07 -40.79 -22.31
N SER A 15 -10.37 -39.57 -22.78
CA SER A 15 -10.96 -38.55 -21.91
C SER A 15 -12.35 -38.95 -21.44
N ASP A 16 -13.09 -39.73 -22.24
CA ASP A 16 -14.39 -40.21 -21.80
C ASP A 16 -14.27 -41.10 -20.56
N GLU A 17 -13.26 -41.97 -20.53
CA GLU A 17 -13.02 -42.77 -19.33
C GLU A 17 -12.56 -41.91 -18.17
N ILE A 18 -11.85 -40.81 -18.43
CA ILE A 18 -11.45 -39.94 -17.32
C ILE A 18 -12.66 -39.25 -16.72
N VAL A 19 -13.58 -38.80 -17.57
CA VAL A 19 -14.82 -38.22 -17.08
C VAL A 19 -15.65 -39.26 -16.33
N GLN A 20 -15.57 -40.52 -16.76
CA GLN A 20 -16.30 -41.58 -16.07
C GLN A 20 -15.73 -41.81 -14.67
N ILE A 21 -14.41 -41.94 -14.57
CA ILE A 21 -13.78 -42.09 -13.26
C ILE A 21 -14.08 -40.89 -12.41
N LEU A 22 -14.15 -39.70 -13.03
CA LEU A 22 -14.42 -38.50 -12.27
C LEU A 22 -15.83 -38.48 -11.71
N GLU A 23 -16.83 -39.00 -12.40
CA GLU A 23 -17.97 -38.82 -11.52
C GLU A 23 -18.45 -40.16 -10.92
N GLU A 24 -17.66 -41.20 -11.03
CA GLU A 24 -17.84 -42.28 -10.06
C GLU A 24 -17.06 -42.01 -8.77
N ASP A 25 -15.86 -41.44 -8.87
CA ASP A 25 -14.98 -41.30 -7.71
C ASP A 25 -14.79 -39.88 -7.21
N GLY A 26 -15.02 -38.88 -8.05
CA GLY A 26 -14.76 -37.51 -7.66
C GLY A 26 -13.30 -37.10 -7.79
N VAL A 27 -12.43 -38.01 -8.21
CA VAL A 27 -11.00 -37.74 -8.30
C VAL A 27 -10.39 -38.76 -9.25
N VAL A 28 -9.38 -38.31 -10.01
CA VAL A 28 -8.70 -39.18 -10.95
C VAL A 28 -7.27 -38.67 -11.10
N ILE A 29 -6.35 -39.57 -11.44
CA ILE A 29 -4.95 -39.22 -11.64
C ILE A 29 -4.61 -39.45 -13.11
N VAL A 30 -4.16 -38.39 -13.79
CA VAL A 30 -3.71 -38.45 -15.18
C VAL A 30 -2.19 -38.52 -15.16
N GLU A 31 -1.64 -39.69 -15.52
CA GLU A 31 -0.21 -39.87 -15.56
C GLU A 31 0.40 -39.18 -16.77
N SER A 32 1.63 -38.67 -16.59
CA SER A 32 2.45 -38.09 -17.66
C SER A 32 1.66 -37.04 -18.45
N PHE A 33 1.02 -36.12 -17.72
CA PHE A 33 0.21 -35.10 -18.36
C PHE A 33 1.09 -34.04 -19.04
N LEU A 34 2.13 -33.58 -18.36
CA LEU A 34 3.05 -32.59 -18.91
C LEU A 34 4.41 -33.24 -19.14
N SER A 35 5.00 -32.91 -20.29
CA SER A 35 6.36 -33.33 -20.60
C SER A 35 7.34 -32.63 -19.67
N SER A 36 8.51 -33.25 -19.48
CA SER A 36 9.51 -32.68 -18.58
C SER A 36 9.94 -31.29 -19.00
N ASP A 37 9.94 -31.00 -20.31
CA ASP A 37 10.28 -29.65 -20.78
C ASP A 37 9.23 -28.62 -20.39
N LEU A 38 7.95 -29.00 -20.46
CA LEU A 38 6.91 -28.07 -20.05
C LEU A 38 7.00 -27.77 -18.57
N VAL A 39 7.28 -28.80 -17.75
CA VAL A 39 7.44 -28.58 -16.32
C VAL A 39 8.65 -27.69 -16.06
N GLN A 40 9.71 -27.86 -16.86
CA GLN A 40 10.91 -27.08 -16.60
C GLN A 40 10.72 -25.60 -16.91
N LYS A 41 10.17 -25.26 -18.08
CA LYS A 41 9.91 -23.83 -18.29
C LYS A 41 8.78 -23.30 -17.42
N LEU A 42 7.77 -24.09 -17.06
CA LEU A 42 6.76 -23.56 -16.17
C LEU A 42 7.39 -23.16 -14.84
N ASN A 43 8.26 -24.02 -14.30
CA ASN A 43 8.97 -23.67 -13.07
C ASN A 43 9.88 -22.47 -13.31
N ASP A 44 10.48 -22.38 -14.49
CA ASP A 44 11.38 -21.26 -14.79
C ASP A 44 10.63 -19.94 -14.89
N GLU A 45 9.47 -19.95 -15.54
CA GLU A 45 8.65 -18.74 -15.65
C GLU A 45 8.10 -18.33 -14.30
N LEU A 46 7.85 -19.29 -13.41
CA LEU A 46 7.25 -18.95 -12.13
C LEU A 46 8.27 -18.52 -11.08
N ASP A 47 9.52 -18.98 -11.18
CA ASP A 47 10.51 -18.66 -10.16
C ASP A 47 10.74 -17.16 -9.96
N PRO A 48 11.03 -16.34 -10.99
CA PRO A 48 11.25 -14.90 -10.72
C PRO A 48 10.06 -14.18 -10.09
N HIS A 49 8.84 -14.57 -10.47
CA HIS A 49 7.67 -13.92 -9.89
C HIS A 49 7.51 -14.26 -8.41
N LEU A 50 7.76 -15.52 -8.05
CA LEU A 50 7.70 -15.90 -6.64
C LEU A 50 8.82 -15.23 -5.86
N ALA A 51 10.00 -15.10 -6.48
CA ALA A 51 11.11 -14.45 -5.80
C ALA A 51 10.81 -12.98 -5.55
N ALA A 52 10.02 -12.36 -6.42
CA ALA A 52 9.73 -10.97 -6.18
C ALA A 52 8.63 -10.83 -5.13
N LEU A 53 7.70 -11.79 -5.10
CA LEU A 53 6.67 -11.77 -4.05
C LEU A 53 7.24 -12.02 -2.67
N TYR A 54 8.26 -12.88 -2.54
CA TYR A 54 8.66 -13.38 -1.22
C TYR A 54 10.09 -13.03 -0.81
N ASP A 55 10.81 -12.22 -1.59
CA ASP A 55 12.19 -11.88 -1.22
C ASP A 55 12.31 -11.19 0.14
N PRO A 56 11.48 -10.17 0.48
CA PRO A 56 11.62 -9.53 1.80
C PRO A 56 11.56 -10.51 2.97
N TYR A 63 9.23 -10.92 10.80
CA TYR A 63 8.53 -11.43 11.98
C TYR A 63 7.96 -12.83 11.75
N HIS A 64 8.01 -13.32 10.51
CA HIS A 64 7.28 -14.54 10.18
C HIS A 64 8.08 -15.49 9.29
N PRO A 65 8.33 -16.72 9.72
CA PRO A 65 8.85 -17.75 8.81
C PRO A 65 7.86 -18.05 7.69
N VAL A 66 8.41 -18.37 6.52
CA VAL A 66 7.61 -18.63 5.32
C VAL A 66 7.60 -20.13 5.08
N THR A 67 6.57 -20.80 5.58
CA THR A 67 6.32 -22.19 5.24
C THR A 67 5.44 -22.36 4.00
N THR A 68 4.85 -21.27 3.51
CA THR A 68 3.78 -21.38 2.52
C THR A 68 3.88 -20.20 1.56
N LYS A 69 3.67 -20.49 0.28
CA LYS A 69 3.68 -19.46 -0.75
C LYS A 69 2.51 -19.69 -1.69
N GLN A 70 1.90 -18.60 -2.16
CA GLN A 70 0.83 -18.69 -3.13
C GLN A 70 1.00 -17.59 -4.18
N MET A 71 0.47 -17.86 -5.37
CA MET A 71 0.57 -16.91 -6.47
C MET A 71 -0.56 -17.18 -7.44
N ASN A 72 -1.15 -16.11 -7.96
CA ASN A 72 -2.22 -16.24 -8.95
C ASN A 72 -2.00 -15.15 -10.00
N ASP A 73 -3.03 -14.86 -10.80
CA ASP A 73 -2.92 -14.02 -12.00
C ASP A 73 -1.90 -14.60 -12.96
N LEU A 74 -1.96 -15.91 -13.13
CA LEU A 74 -1.02 -16.62 -14.02
C LEU A 74 -1.03 -16.15 -15.47
N PRO A 75 -2.18 -15.90 -16.13
CA PRO A 75 -2.08 -15.53 -17.55
C PRO A 75 -1.23 -14.31 -17.82
N ALA A 76 -1.24 -13.31 -16.93
CA ALA A 76 -0.33 -12.20 -17.11
C ALA A 76 1.12 -12.61 -16.88
N ARG A 77 1.35 -13.65 -16.09
CA ARG A 77 2.68 -13.96 -15.59
C ARG A 77 3.43 -15.02 -16.39
N SER A 78 2.73 -15.98 -16.98
CA SER A 78 3.40 -17.13 -17.57
C SER A 78 2.93 -17.35 -18.99
N GLN A 79 3.87 -17.40 -19.93
CA GLN A 79 3.53 -17.66 -21.33
C GLN A 79 3.12 -19.12 -21.54
N THR A 80 3.79 -20.05 -20.86
CA THR A 80 3.41 -21.45 -21.03
C THR A 80 2.01 -21.69 -20.50
N PHE A 81 1.65 -21.02 -19.39
CA PHE A 81 0.28 -21.07 -18.91
C PHE A 81 -0.68 -20.37 -19.86
N ARG A 82 -0.23 -19.26 -20.46
CA ARG A 82 -1.08 -18.50 -21.38
C ARG A 82 -1.43 -19.30 -22.61
N GLN A 83 -0.48 -20.08 -23.12
CA GLN A 83 -0.62 -20.79 -24.38
C GLN A 83 -0.84 -22.28 -24.17
N ASP A 84 0.09 -22.96 -23.51
CA ASP A 84 0.06 -24.42 -23.46
C ASP A 84 -1.06 -24.92 -22.55
N LEU A 85 -1.12 -24.42 -21.31
CA LEU A 85 -2.08 -24.96 -20.34
C LEU A 85 -3.49 -24.48 -20.64
N LEU A 86 -3.66 -23.19 -20.94
CA LEU A 86 -5.00 -22.66 -21.18
C LEU A 86 -5.62 -23.19 -22.46
N ASN A 87 -4.82 -23.74 -23.37
CA ASN A 87 -5.33 -24.34 -24.59
C ASN A 87 -5.25 -25.86 -24.57
N ASN A 88 -4.89 -26.46 -23.42
CA ASN A 88 -4.66 -27.90 -23.36
C ASN A 88 -5.91 -28.67 -23.75
N THR A 89 -5.75 -29.64 -24.64
CA THR A 89 -6.92 -30.32 -25.21
C THR A 89 -7.59 -31.25 -24.20
N LEU A 90 -6.80 -31.93 -23.36
CA LEU A 90 -7.41 -32.84 -22.39
C LEU A 90 -8.23 -32.08 -21.35
N ILE A 91 -7.73 -30.93 -20.91
CA ILE A 91 -8.46 -30.15 -19.92
C ILE A 91 -9.81 -29.73 -20.49
N HIS A 92 -9.84 -29.36 -21.78
CA HIS A 92 -11.10 -28.92 -22.36
C HIS A 92 -12.03 -30.09 -22.65
N LYS A 93 -11.50 -31.25 -23.02
CA LYS A 93 -12.33 -32.44 -23.15
C LYS A 93 -13.00 -32.76 -21.83
N VAL A 94 -12.23 -32.79 -20.74
CA VAL A 94 -12.78 -33.12 -19.44
C VAL A 94 -13.76 -32.04 -18.96
N CYS A 95 -13.52 -30.78 -19.30
CA CYS A 95 -14.46 -29.72 -18.91
C CYS A 95 -15.79 -29.89 -19.62
N GLU A 96 -15.73 -30.16 -20.93
CA GLU A 96 -16.97 -30.36 -21.69
C GLU A 96 -17.72 -31.57 -21.16
N GLY A 97 -17.00 -32.64 -20.80
CA GLY A 97 -17.67 -33.82 -20.29
C GLY A 97 -18.23 -33.64 -18.90
N PHE A 98 -17.57 -32.83 -18.07
CA PHE A 98 -18.00 -32.63 -16.70
C PHE A 98 -19.23 -31.73 -16.63
N TYR A 99 -19.25 -30.65 -17.41
CA TYR A 99 -20.42 -29.78 -17.37
C TYR A 99 -21.56 -30.33 -18.24
N GLY A 100 -21.25 -30.96 -19.37
CA GLY A 100 -22.22 -31.71 -20.13
C GLY A 100 -23.19 -30.86 -20.93
N PRO A 101 -24.33 -31.47 -21.28
CA PRO A 101 -25.25 -30.81 -22.23
C PRO A 101 -25.85 -29.52 -21.69
N THR A 102 -26.46 -29.55 -20.50
CA THR A 102 -27.26 -28.42 -20.06
C THR A 102 -26.41 -27.17 -19.81
N VAL A 103 -25.13 -27.32 -19.49
CA VAL A 103 -24.31 -26.17 -19.16
C VAL A 103 -23.81 -25.46 -20.42
N GLY A 104 -23.02 -26.15 -21.23
CA GLY A 104 -22.55 -25.58 -22.47
C GLY A 104 -21.20 -24.89 -22.43
N ASP A 105 -21.07 -23.82 -21.65
CA ASP A 105 -19.83 -23.06 -21.62
C ASP A 105 -19.30 -22.94 -20.19
N TYR A 106 -18.00 -22.68 -20.12
CA TYR A 106 -17.28 -22.63 -18.86
C TYR A 106 -16.12 -21.66 -18.99
N TRP A 107 -15.56 -21.27 -17.85
CA TRP A 107 -14.38 -20.43 -17.82
C TRP A 107 -13.62 -20.67 -16.52
N MET A 108 -12.40 -20.16 -16.48
CA MET A 108 -11.53 -20.42 -15.33
C MET A 108 -11.80 -19.43 -14.21
N SER A 109 -12.00 -19.96 -13.01
CA SER A 109 -12.23 -19.13 -11.85
C SER A 109 -10.94 -18.76 -11.12
N HIS A 110 -10.00 -19.69 -11.02
CA HIS A 110 -8.79 -19.40 -10.23
C HIS A 110 -7.63 -20.20 -10.78
N GLY A 111 -6.55 -19.52 -11.09
CA GLY A 111 -5.32 -20.22 -11.45
C GLY A 111 -4.19 -19.86 -10.52
N GLY A 112 -3.74 -20.82 -9.72
CA GLY A 112 -2.77 -20.50 -8.71
C GLY A 112 -1.68 -21.53 -8.50
N VAL A 113 -0.47 -21.07 -8.21
CA VAL A 113 0.64 -21.90 -7.79
C VAL A 113 0.70 -21.90 -6.27
N LEU A 114 0.85 -23.09 -5.70
CA LEU A 114 0.90 -23.31 -4.26
C LEU A 114 2.20 -24.00 -3.90
N GLU A 115 2.86 -23.52 -2.84
CA GLU A 115 4.14 -24.08 -2.40
C GLU A 115 4.03 -24.34 -0.91
N ARG A 116 4.19 -25.61 -0.52
CA ARG A 116 4.19 -26.04 0.87
C ARG A 116 5.57 -26.60 1.21
N GLY A 117 6.33 -25.85 2.00
CA GLY A 117 7.66 -26.25 2.39
C GLY A 117 7.69 -27.03 3.69
N PRO A 118 8.89 -27.28 4.21
CA PRO A 118 9.03 -28.05 5.45
C PRO A 118 8.31 -27.37 6.62
N GLY A 119 7.71 -28.18 7.48
CA GLY A 119 7.01 -27.67 8.63
C GLY A 119 5.61 -27.16 8.39
N THR A 120 5.04 -27.38 7.21
CA THR A 120 3.66 -26.96 7.00
C THR A 120 2.70 -27.96 7.65
N PRO A 121 1.75 -27.49 8.46
CA PRO A 121 0.83 -28.40 9.14
C PRO A 121 -0.19 -29.04 8.20
N ILE A 122 -0.74 -30.17 8.65
CA ILE A 122 -1.79 -30.85 7.90
C ILE A 122 -3.03 -29.96 7.80
N GLN A 123 -3.72 -30.06 6.66
CA GLN A 123 -4.92 -29.31 6.37
C GLN A 123 -6.16 -30.04 6.85
N SER A 124 -7.18 -29.26 7.22
CA SER A 124 -8.48 -29.84 7.57
C SER A 124 -9.17 -30.40 6.33
N LEU A 125 -9.90 -31.51 6.50
CA LEU A 125 -10.70 -32.03 5.42
C LEU A 125 -11.80 -31.04 5.07
N HIS A 126 -12.03 -30.83 3.78
CA HIS A 126 -12.93 -29.77 3.35
C HIS A 126 -13.40 -30.04 1.92
N ARG A 127 -14.44 -29.32 1.52
CA ARG A 127 -14.85 -29.21 0.12
C ARG A 127 -14.70 -27.76 -0.32
N ASP A 128 -14.06 -27.54 -1.48
CA ASP A 128 -13.81 -26.17 -1.92
C ASP A 128 -15.11 -25.40 -2.15
N GLU A 129 -16.20 -26.08 -2.46
CA GLU A 129 -17.48 -25.46 -2.76
C GLU A 129 -18.27 -25.04 -1.53
N ALA A 130 -17.69 -25.10 -0.33
CA ALA A 130 -18.39 -24.56 0.83
C ALA A 130 -18.55 -23.04 0.75
N VAL A 131 -17.82 -22.38 -0.15
CA VAL A 131 -17.84 -20.93 -0.30
C VAL A 131 -19.12 -20.48 -0.99
N PHE A 132 -19.92 -21.44 -1.46
CA PHE A 132 -21.20 -21.16 -2.13
C PHE A 132 -22.28 -21.89 -1.34
N PRO A 133 -22.71 -21.33 -0.21
CA PRO A 133 -23.66 -22.05 0.67
C PRO A 133 -24.96 -22.45 -0.04
N ALA A 134 -25.48 -21.64 -0.97
CA ALA A 134 -26.70 -22.01 -1.68
C ALA A 134 -26.48 -23.24 -2.56
N ILE A 135 -25.26 -23.44 -3.07
CA ILE A 135 -24.97 -24.69 -3.76
C ILE A 135 -24.58 -25.78 -2.76
N HIS A 136 -23.79 -25.43 -1.76
CA HIS A 136 -23.26 -26.43 -0.83
C HIS A 136 -24.37 -27.13 -0.06
N SER A 137 -25.49 -26.46 0.18
CA SER A 137 -26.56 -27.02 0.99
C SER A 137 -27.31 -28.15 0.28
N LEU A 138 -27.15 -28.30 -1.04
CA LEU A 138 -27.75 -29.41 -1.78
C LEU A 138 -26.93 -30.69 -1.71
N SER A 139 -25.71 -30.64 -1.17
CA SER A 139 -24.83 -31.82 -1.01
C SER A 139 -24.73 -32.57 -2.35
N GLY A 140 -24.83 -33.89 -2.37
CA GLY A 140 -24.52 -34.65 -3.57
C GLY A 140 -25.52 -34.53 -4.70
N SER A 141 -26.68 -33.92 -4.44
CA SER A 141 -27.64 -33.60 -5.50
C SER A 141 -27.30 -32.30 -6.23
N GLY A 142 -26.30 -31.55 -5.76
CA GLY A 142 -26.00 -30.27 -6.34
C GLY A 142 -25.43 -30.36 -7.75
N PRO A 143 -25.57 -29.27 -8.50
CA PRO A 143 -25.05 -29.24 -9.88
C PRO A 143 -23.53 -29.22 -9.88
N PRO A 144 -22.90 -29.68 -10.95
CA PRO A 144 -21.44 -29.47 -11.07
C PRO A 144 -21.12 -27.98 -11.07
N VAL A 145 -20.15 -27.58 -10.25
CA VAL A 145 -19.73 -26.18 -10.27
C VAL A 145 -18.23 -26.07 -10.46
N MET A 146 -17.46 -26.46 -9.45
CA MET A 146 -16.00 -26.33 -9.49
C MET A 146 -15.37 -27.57 -10.11
N LEU A 147 -14.44 -27.36 -11.03
CA LEU A 147 -13.63 -28.46 -11.55
C LEU A 147 -12.17 -28.08 -11.35
N HIS A 148 -11.44 -28.86 -10.57
CA HIS A 148 -10.09 -28.52 -10.15
C HIS A 148 -9.08 -29.43 -10.85
N PHE A 149 -8.11 -28.83 -11.54
CA PHE A 149 -6.99 -29.54 -12.15
C PHE A 149 -5.73 -29.17 -11.36
N PHE A 150 -5.14 -30.14 -10.68
CA PHE A 150 -4.00 -29.92 -9.80
C PHE A 150 -2.79 -30.61 -10.42
N ILE A 151 -1.93 -29.82 -11.07
CA ILE A 151 -0.70 -30.32 -11.68
C ILE A 151 0.43 -30.32 -10.66
N ALA A 152 1.22 -31.37 -10.65
CA ALA A 152 2.37 -31.48 -9.76
C ALA A 152 3.59 -30.88 -10.47
N LEU A 153 4.02 -29.70 -10.01
CA LEU A 153 5.27 -29.10 -10.47
C LEU A 153 6.50 -29.65 -9.76
N SER A 154 6.29 -30.47 -8.73
CA SER A 154 7.34 -31.21 -8.05
C SER A 154 6.72 -32.55 -7.64
N ASP A 155 7.55 -33.45 -7.15
CA ASP A 155 7.05 -34.76 -6.74
C ASP A 155 6.07 -34.62 -5.58
N PHE A 156 5.02 -35.45 -5.61
CA PHE A 156 4.00 -35.51 -4.55
C PHE A 156 4.23 -36.78 -3.75
N THR A 157 4.88 -36.65 -2.60
CA THR A 157 5.11 -37.77 -1.69
C THR A 157 4.27 -37.61 -0.43
N ALA A 158 3.98 -38.72 0.22
CA ALA A 158 3.30 -38.64 1.53
C ALA A 158 4.18 -37.95 2.54
N GLU A 159 5.50 -38.00 2.37
CA GLU A 159 6.43 -37.37 3.30
C GLU A 159 6.40 -35.85 3.19
N ASN A 160 6.25 -35.30 1.98
CA ASN A 160 6.12 -33.86 1.81
C ASN A 160 4.67 -33.40 1.80
N GLY A 161 3.73 -34.31 2.06
CA GLY A 161 2.35 -33.93 2.23
C GLY A 161 1.50 -34.02 0.99
N ALA A 162 1.59 -35.12 0.25
CA ALA A 162 0.79 -35.27 -0.95
C ALA A 162 -0.69 -35.20 -0.60
N THR A 163 -1.47 -34.57 -1.46
CA THR A 163 -2.87 -34.30 -1.15
C THR A 163 -3.63 -35.62 -0.99
N GLN A 164 -4.50 -35.66 0.02
CA GLN A 164 -5.32 -36.82 0.31
C GLN A 164 -6.76 -36.54 -0.11
N PHE A 165 -7.46 -37.60 -0.50
CA PHE A 165 -8.81 -37.49 -1.02
C PHE A 165 -9.67 -38.59 -0.41
N ILE A 166 -10.97 -38.35 -0.37
CA ILE A 166 -11.94 -39.36 0.01
C ILE A 166 -12.81 -39.64 -1.20
N PRO A 167 -12.54 -40.72 -1.94
CA PRO A 167 -13.35 -41.01 -3.13
C PRO A 167 -14.80 -41.26 -2.77
N GLY A 168 -15.71 -40.79 -3.62
CA GLY A 168 -17.13 -40.95 -3.42
C GLY A 168 -17.75 -39.95 -2.47
N SER A 169 -16.96 -39.07 -1.87
CA SER A 169 -17.51 -38.07 -0.94
C SER A 169 -18.23 -36.95 -1.66
N HIS A 170 -18.08 -36.84 -2.98
CA HIS A 170 -18.83 -35.88 -3.78
C HIS A 170 -20.29 -36.28 -3.91
N LYS A 171 -20.62 -37.53 -3.60
CA LYS A 171 -21.99 -38.03 -3.70
C LYS A 171 -22.72 -38.03 -2.36
N TRP A 172 -22.06 -37.61 -1.28
CA TRP A 172 -22.65 -37.72 0.05
C TRP A 172 -23.91 -36.86 0.18
N ALA A 173 -24.88 -37.36 0.95
CA ALA A 173 -26.14 -36.65 1.12
C ALA A 173 -26.05 -35.46 2.07
N ASP A 174 -25.00 -35.38 2.91
CA ASP A 174 -24.86 -34.26 3.85
C ASP A 174 -23.42 -33.76 3.79
N PHE A 175 -23.24 -32.54 3.27
CA PHE A 175 -21.92 -31.94 3.14
C PHE A 175 -21.44 -31.27 4.42
N ASN A 176 -22.26 -31.26 5.47
CA ASN A 176 -21.74 -30.89 6.79
C ASN A 176 -20.80 -31.96 7.32
N ASP A 177 -20.84 -33.16 6.74
CA ASP A 177 -19.95 -34.26 7.09
C ASP A 177 -18.75 -34.24 6.15
N ASN A 178 -17.57 -33.94 6.68
CA ASN A 178 -16.32 -33.96 5.93
C ASN A 178 -15.52 -35.25 6.09
N GLY A 179 -16.09 -36.30 6.69
CA GLY A 179 -15.36 -37.55 6.81
C GLY A 179 -14.29 -37.53 7.90
N THR A 180 -13.39 -38.51 7.83
CA THR A 180 -12.31 -38.66 8.80
C THR A 180 -11.01 -39.04 8.09
N ARG A 181 -9.88 -38.76 8.74
CA ARG A 181 -8.58 -38.93 8.06
C ARG A 181 -8.32 -40.41 7.70
N ASP A 182 -9.06 -41.32 8.32
CA ASP A 182 -8.85 -42.76 8.07
C ASP A 182 -9.57 -43.14 6.77
N GLN A 183 -10.41 -42.24 6.28
CA GLN A 183 -11.10 -42.49 4.99
C GLN A 183 -10.31 -41.86 3.84
N ALA A 184 -9.27 -41.08 4.13
CA ALA A 184 -8.57 -40.39 3.05
C ALA A 184 -7.45 -41.25 2.43
N VAL A 185 -7.34 -41.19 1.11
CA VAL A 185 -6.25 -41.84 0.37
C VAL A 185 -5.33 -40.77 -0.21
N THR A 186 -4.03 -40.97 -0.06
CA THR A 186 -3.05 -40.03 -0.59
C THR A 186 -2.94 -40.14 -2.11
N ALA A 187 -2.69 -39.00 -2.76
CA ALA A 187 -2.46 -38.94 -4.20
C ALA A 187 -0.98 -38.75 -4.47
N ILE A 188 -0.28 -39.83 -4.80
CA ILE A 188 1.15 -39.77 -5.11
C ILE A 188 1.33 -39.49 -6.60
N LEU A 189 2.03 -38.39 -6.91
CA LEU A 189 2.30 -37.97 -8.28
C LEU A 189 3.77 -37.62 -8.41
N LYS A 190 4.41 -37.99 -9.53
CA LYS A 190 5.82 -37.66 -9.66
C LYS A 190 6.07 -36.39 -10.46
N ALA A 191 5.85 -36.49 -11.76
CA ALA A 191 6.26 -35.48 -12.74
C ALA A 191 5.14 -34.47 -12.88
N GLY A 192 5.08 -33.75 -13.99
CA GLY A 192 3.87 -33.00 -14.24
C GLY A 192 2.71 -33.93 -14.53
N GLU A 193 2.48 -34.87 -13.61
CA GLU A 193 1.25 -35.63 -13.52
C GLU A 193 0.17 -34.77 -12.87
N MET A 194 -1.08 -35.11 -13.16
CA MET A 194 -2.20 -34.28 -12.72
C MET A 194 -3.16 -35.11 -11.88
N VAL A 195 -3.84 -34.43 -10.95
CA VAL A 195 -4.99 -35.00 -10.27
C VAL A 195 -6.17 -34.06 -10.51
N ILE A 196 -7.28 -34.63 -10.97
CA ILE A 196 -8.50 -33.89 -11.22
C ILE A 196 -9.48 -34.23 -10.13
N PHE A 197 -10.16 -33.21 -9.62
CA PHE A 197 -11.18 -33.47 -8.60
C PHE A 197 -12.25 -32.39 -8.68
N THR A 198 -13.37 -32.69 -8.06
CA THR A 198 -14.56 -31.86 -8.01
C THR A 198 -14.52 -30.96 -6.78
N GLY A 199 -15.31 -29.89 -6.80
CA GLY A 199 -15.45 -29.06 -5.61
C GLY A 199 -16.29 -29.68 -4.52
N LYS A 200 -16.93 -30.82 -4.80
CA LYS A 200 -17.70 -31.55 -3.81
C LYS A 200 -16.96 -32.70 -3.15
N THR A 201 -15.73 -33.01 -3.58
CA THR A 201 -14.99 -34.11 -2.99
C THR A 201 -14.13 -33.63 -1.84
N VAL A 202 -14.20 -34.33 -0.71
CA VAL A 202 -13.39 -33.99 0.44
C VAL A 202 -11.93 -34.27 0.14
N HIS A 203 -11.06 -33.36 0.57
CA HIS A 203 -9.62 -33.49 0.36
C HIS A 203 -8.91 -32.66 1.41
N CYS A 204 -7.60 -32.87 1.51
CA CYS A 204 -6.78 -32.03 2.37
C CYS A 204 -5.33 -32.20 1.96
N GLY A 205 -4.56 -31.12 2.07
CA GLY A 205 -3.13 -31.24 1.93
C GLY A 205 -2.51 -31.89 3.14
N GLY A 206 -1.35 -32.53 2.93
CA GLY A 206 -0.67 -33.21 4.01
C GLY A 206 0.33 -32.32 4.71
N ALA A 207 0.88 -32.85 5.80
CA ALA A 207 1.98 -32.18 6.48
C ALA A 207 3.29 -32.51 5.75
N ASN A 208 4.17 -31.53 5.66
CA ASN A 208 5.48 -31.72 5.02
C ASN A 208 6.46 -32.09 6.12
N SER A 209 6.62 -33.40 6.34
CA SER A 209 7.55 -33.88 7.36
C SER A 209 9.00 -33.62 7.00
N THR A 210 9.31 -33.58 5.70
CA THR A 210 10.70 -33.40 5.27
C THR A 210 11.25 -32.08 5.79
N LYS A 211 12.55 -32.07 6.11
CA LYS A 211 13.26 -30.86 6.50
C LYS A 211 13.92 -30.18 5.32
N ASP A 212 13.72 -30.69 4.11
CA ASP A 212 14.48 -30.26 2.93
C ASP A 212 13.63 -29.97 1.70
N SER A 213 12.47 -30.58 1.56
CA SER A 213 11.79 -30.67 0.27
C SER A 213 10.57 -29.75 0.23
N VAL A 214 10.38 -29.07 -0.89
CA VAL A 214 9.24 -28.17 -1.10
C VAL A 214 8.28 -28.81 -2.11
N ARG A 215 7.02 -28.91 -1.69
CA ARG A 215 5.96 -29.44 -2.60
C ARG A 215 5.38 -28.25 -3.36
N ARG A 216 5.28 -28.41 -4.67
CA ARG A 216 4.79 -27.31 -5.51
C ARG A 216 3.74 -27.81 -6.48
N ALA A 217 2.66 -27.04 -6.61
CA ALA A 217 1.54 -27.46 -7.45
C ALA A 217 0.96 -26.26 -8.18
N LEU A 218 0.32 -26.54 -9.31
CA LEU A 218 -0.42 -25.54 -10.09
C LEU A 218 -1.87 -25.99 -10.20
N GLY A 219 -2.77 -25.23 -9.59
CA GLY A 219 -4.20 -25.52 -9.65
C GLY A 219 -4.92 -24.59 -10.63
N MET A 220 -5.80 -25.20 -11.43
CA MET A 220 -6.70 -24.50 -12.33
C MET A 220 -8.12 -24.89 -11.95
N ASN A 221 -8.85 -23.95 -11.34
CA ASN A 221 -10.21 -24.16 -10.87
C ASN A 221 -11.16 -23.48 -11.84
N PHE A 222 -11.98 -24.29 -12.52
CA PHE A 222 -12.93 -23.87 -13.53
C PHE A 222 -14.35 -23.83 -12.97
N HIS A 223 -15.16 -22.94 -13.56
CA HIS A 223 -16.55 -22.69 -13.22
C HIS A 223 -17.43 -22.87 -14.44
N PRO A 224 -18.70 -23.23 -14.26
CA PRO A 224 -19.66 -23.08 -15.34
C PRO A 224 -19.90 -21.59 -15.59
N TRP A 225 -20.45 -21.28 -16.76
CA TRP A 225 -20.55 -19.90 -17.21
C TRP A 225 -21.28 -19.00 -16.21
N TYR A 226 -22.22 -19.54 -15.45
CA TYR A 226 -23.09 -18.74 -14.60
C TYR A 226 -22.54 -18.49 -13.20
N VAL A 227 -21.37 -19.01 -12.85
CA VAL A 227 -20.79 -18.81 -11.53
C VAL A 227 -19.63 -17.84 -11.64
N THR A 228 -19.62 -16.84 -10.77
CA THR A 228 -18.66 -15.75 -10.87
C THR A 228 -17.24 -16.26 -10.62
N PRO A 229 -16.30 -16.00 -11.53
CA PRO A 229 -14.90 -16.37 -11.26
C PRO A 229 -14.34 -15.62 -10.08
N TYR A 230 -13.47 -16.30 -9.32
CA TYR A 230 -12.80 -15.65 -8.20
C TYR A 230 -11.87 -14.54 -8.68
N GLU A 231 -11.18 -14.76 -9.81
CA GLU A 231 -10.23 -13.79 -10.33
C GLU A 231 -10.86 -12.88 -11.37
N ASN A 232 -10.48 -11.61 -11.31
CA ASN A 232 -10.81 -10.62 -12.34
C ASN A 232 -9.54 -10.39 -13.15
N PHE A 233 -9.65 -10.46 -14.48
CA PHE A 233 -8.51 -10.35 -15.38
C PHE A 233 -8.54 -9.06 -16.20
N TYR A 234 -9.16 -7.99 -15.67
CA TYR A 234 -9.23 -6.75 -16.43
C TYR A 234 -7.86 -6.09 -16.59
N ASN A 235 -6.95 -6.31 -15.65
CA ASN A 235 -5.63 -5.69 -15.66
C ASN A 235 -4.63 -6.47 -16.50
N THR A 236 -5.03 -7.56 -17.11
CA THR A 236 -4.13 -8.24 -18.01
C THR A 236 -3.80 -7.31 -19.17
N PRO A 237 -2.52 -7.12 -19.50
CA PRO A 237 -2.18 -6.16 -20.57
C PRO A 237 -2.78 -6.60 -21.89
N ARG A 238 -3.20 -5.62 -22.70
CA ARG A 238 -3.85 -5.94 -23.96
C ARG A 238 -2.91 -6.68 -24.90
N GLU A 239 -1.63 -6.38 -24.86
CA GLU A 239 -0.68 -7.06 -25.74
C GLU A 239 -0.59 -8.55 -25.44
N VAL A 240 -0.78 -8.94 -24.17
CA VAL A 240 -0.74 -10.36 -23.87
C VAL A 240 -2.10 -11.01 -24.15
N VAL A 241 -3.21 -10.28 -23.93
CA VAL A 241 -4.52 -10.85 -24.27
C VAL A 241 -4.63 -11.08 -25.77
N GLU A 242 -4.05 -10.18 -26.57
CA GLU A 242 -4.08 -10.32 -28.02
C GLU A 242 -3.19 -11.45 -28.51
N SER A 243 -2.21 -11.87 -27.71
CA SER A 243 -1.39 -13.02 -28.06
C SER A 243 -2.10 -14.34 -27.79
N MET A 244 -3.21 -14.34 -27.07
CA MET A 244 -3.90 -15.55 -26.70
C MET A 244 -4.92 -15.96 -27.75
N THR A 245 -5.20 -17.25 -27.82
CA THR A 245 -6.24 -17.77 -28.69
C THR A 245 -7.61 -17.39 -28.14
N PRO A 246 -8.62 -17.31 -29.01
CA PRO A 246 -9.97 -16.95 -28.50
C PRO A 246 -10.48 -17.89 -27.42
N LEU A 247 -10.14 -19.18 -27.48
CA LEU A 247 -10.54 -20.08 -26.39
C LEU A 247 -9.94 -19.65 -25.07
N ALA A 248 -8.63 -19.39 -25.05
CA ALA A 248 -7.99 -18.95 -23.82
C ALA A 248 -8.49 -17.58 -23.39
N GLN A 249 -8.88 -16.72 -24.34
CA GLN A 249 -9.47 -15.44 -23.96
C GLN A 249 -10.82 -15.63 -23.29
N ARG A 250 -11.63 -16.56 -23.78
CA ARG A 250 -12.89 -16.88 -23.10
C ARG A 250 -12.64 -17.47 -21.72
N MET A 251 -11.56 -18.23 -21.56
CA MET A 251 -11.27 -18.81 -20.25
C MET A 251 -11.00 -17.75 -19.20
N ILE A 252 -10.47 -16.60 -19.60
CA ILE A 252 -10.11 -15.55 -18.64
C ILE A 252 -11.11 -14.40 -18.69
N GLY A 253 -12.29 -14.63 -19.26
CA GLY A 253 -13.40 -13.71 -19.19
C GLY A 253 -13.43 -12.58 -20.19
N TRP A 254 -12.59 -12.61 -21.22
CA TRP A 254 -12.57 -11.58 -22.25
C TRP A 254 -13.47 -11.87 -23.45
N ARG A 255 -14.16 -13.01 -23.46
CA ARG A 255 -15.12 -13.34 -24.51
C ARG A 255 -16.45 -13.72 -23.89
N THR A 256 -17.53 -13.59 -24.66
CA THR A 256 -18.83 -13.98 -24.15
C THR A 256 -18.95 -15.50 -24.10
N LEU A 257 -19.72 -15.98 -23.12
CA LEU A 257 -20.04 -17.38 -22.98
C LEU A 257 -21.27 -17.72 -23.80
N HIS A 258 -21.40 -18.99 -24.16
CA HIS A 258 -22.50 -19.47 -25.00
C HIS A 258 -23.14 -20.66 -24.31
N PRO A 259 -23.91 -20.42 -23.25
CA PRO A 259 -24.61 -21.52 -22.59
C PRO A 259 -25.64 -22.15 -23.51
N HIS A 260 -25.83 -23.46 -23.34
CA HIS A 260 -26.90 -24.14 -24.07
C HIS A 260 -28.27 -23.63 -23.65
N SER A 261 -28.42 -23.22 -22.38
CA SER A 261 -29.69 -22.73 -21.87
C SER A 261 -30.11 -21.45 -22.60
N HIS A 262 -29.31 -20.39 -22.46
CA HIS A 262 -29.54 -19.12 -23.16
C HIS A 262 -28.58 -19.06 -24.34
N SER A 263 -29.00 -19.68 -25.45
CA SER A 263 -28.12 -19.86 -26.60
C SER A 263 -27.65 -18.56 -27.23
N PHE A 264 -28.40 -17.46 -27.06
CA PHE A 264 -27.99 -16.19 -27.64
C PHE A 264 -26.70 -15.66 -27.04
N GLY A 265 -26.36 -16.07 -25.82
CA GLY A 265 -25.11 -15.65 -25.20
C GLY A 265 -25.25 -15.05 -23.81
N TRP A 266 -24.13 -15.00 -23.10
CA TRP A 266 -24.09 -14.42 -21.77
C TRP A 266 -22.75 -13.70 -21.62
N TRP A 267 -22.70 -12.69 -20.75
CA TRP A 267 -21.50 -11.86 -20.54
C TRP A 267 -21.23 -11.02 -21.80
N LEU A 268 -22.25 -10.31 -22.27
CA LEU A 268 -22.23 -9.53 -23.50
C LEU A 268 -22.05 -8.03 -23.23
N ILE A 269 -21.70 -7.30 -24.29
CA ILE A 269 -21.67 -5.84 -24.28
C ILE A 269 -22.63 -5.37 -25.36
N ARG A 270 -23.71 -4.71 -24.94
CA ARG A 270 -24.76 -4.26 -25.85
C ARG A 270 -25.28 -5.41 -26.72
N ASN A 271 -25.49 -6.57 -26.08
CA ASN A 271 -25.99 -7.78 -26.73
C ASN A 271 -25.12 -8.21 -27.92
N ALA A 272 -23.82 -7.93 -27.84
CA ALA A 272 -22.86 -8.31 -28.86
C ALA A 272 -21.64 -8.91 -28.16
N GLU A 273 -20.81 -9.60 -28.94
CA GLU A 273 -19.65 -10.29 -28.38
C GLU A 273 -18.73 -9.30 -27.66
N ALA A 274 -18.28 -9.70 -26.47
CA ALA A 274 -17.62 -8.75 -25.57
C ALA A 274 -16.21 -8.43 -26.04
N GLY A 275 -15.44 -9.46 -26.45
CA GLY A 275 -14.07 -9.21 -26.82
C GLY A 275 -13.94 -8.35 -28.07
N GLN A 276 -14.82 -8.58 -29.06
CA GLN A 276 -14.87 -7.70 -30.22
C GLN A 276 -15.31 -6.31 -29.82
N ALA A 277 -16.21 -6.20 -28.84
CA ALA A 277 -16.74 -4.90 -28.44
C ALA A 277 -15.67 -4.03 -27.77
N LEU A 278 -14.63 -4.63 -27.20
CA LEU A 278 -13.56 -3.86 -26.59
C LEU A 278 -12.24 -3.99 -27.35
N GLY A 279 -12.31 -4.27 -28.65
CA GLY A 279 -11.15 -4.14 -29.52
C GLY A 279 -10.43 -5.41 -29.91
N LEU A 280 -10.82 -6.57 -29.38
CA LEU A 280 -10.17 -7.80 -29.80
C LEU A 280 -10.64 -8.22 -31.18
N LYS A 281 -9.91 -9.15 -31.79
CA LYS A 281 -10.29 -9.67 -33.09
C LYS A 281 -11.66 -10.33 -33.01
N PRO A 282 -12.48 -10.24 -34.06
CA PRO A 282 -13.73 -11.01 -34.12
C PRO A 282 -13.48 -12.50 -33.89
N THR B 3 -56.90 -12.00 -2.81
CA THR B 3 -55.97 -13.08 -3.14
C THR B 3 -55.37 -12.85 -4.51
N SER B 4 -56.23 -12.83 -5.53
CA SER B 4 -55.81 -12.53 -6.89
C SER B 4 -55.61 -11.01 -7.01
N ALA B 5 -54.60 -10.54 -6.30
CA ALA B 5 -54.29 -9.11 -6.25
C ALA B 5 -52.83 -8.94 -5.86
N ILE B 6 -52.21 -7.90 -6.40
CA ILE B 6 -50.82 -7.56 -6.09
C ILE B 6 -50.86 -6.44 -5.06
N ARG B 7 -50.33 -6.72 -3.87
CA ARG B 7 -50.38 -5.73 -2.80
C ARG B 7 -49.54 -4.51 -3.15
N HIS B 8 -50.09 -3.33 -2.89
CA HIS B 8 -49.39 -2.07 -3.14
C HIS B 8 -48.63 -1.65 -1.89
N ALA B 9 -47.50 -0.99 -2.11
CA ALA B 9 -46.71 -0.38 -1.05
C ALA B 9 -46.63 1.12 -1.29
N ASN B 10 -47.05 1.91 -0.31
CA ASN B 10 -47.14 3.35 -0.44
C ASN B 10 -45.88 4.02 0.13
N LYS B 11 -45.93 5.35 0.25
CA LYS B 11 -44.80 6.08 0.82
C LYS B 11 -44.63 5.75 2.30
N ALA B 12 -45.69 5.37 3.00
CA ALA B 12 -45.62 5.04 4.42
C ALA B 12 -45.13 3.61 4.66
N THR B 13 -44.92 2.82 3.62
CA THR B 13 -44.41 1.46 3.78
C THR B 13 -42.90 1.47 3.99
N SER B 14 -42.46 0.69 4.98
CA SER B 14 -41.06 0.47 5.27
C SER B 14 -40.44 -0.54 4.30
N SER B 15 -39.12 -0.52 4.20
CA SER B 15 -38.43 -1.48 3.35
C SER B 15 -38.61 -2.91 3.85
N ASP B 16 -38.72 -3.10 5.17
CA ASP B 16 -38.93 -4.44 5.71
C ASP B 16 -40.26 -5.01 5.23
N GLU B 17 -41.30 -4.19 5.15
CA GLU B 17 -42.57 -4.68 4.66
C GLU B 17 -42.55 -4.96 3.17
N ILE B 18 -41.77 -4.20 2.39
CA ILE B 18 -41.67 -4.51 0.97
C ILE B 18 -40.98 -5.85 0.78
N VAL B 19 -39.91 -6.10 1.56
CA VAL B 19 -39.25 -7.40 1.49
C VAL B 19 -40.19 -8.51 1.92
N GLN B 20 -41.01 -8.28 2.95
CA GLN B 20 -41.93 -9.31 3.42
C GLN B 20 -43.01 -9.59 2.39
N ILE B 21 -43.55 -8.55 1.75
CA ILE B 21 -44.53 -8.76 0.69
C ILE B 21 -43.89 -9.52 -0.45
N LEU B 22 -42.62 -9.27 -0.73
CA LEU B 22 -41.95 -9.97 -1.86
C LEU B 22 -41.82 -11.46 -1.51
N GLU B 23 -41.44 -11.77 -0.28
CA GLU B 23 -41.23 -13.17 0.16
C GLU B 23 -42.54 -13.96 0.11
N GLU B 24 -43.63 -13.32 0.49
CA GLU B 24 -44.93 -14.03 0.55
C GLU B 24 -45.60 -14.06 -0.82
N ASP B 25 -45.47 -13.00 -1.61
CA ASP B 25 -46.22 -12.94 -2.86
C ASP B 25 -45.40 -13.04 -4.13
N GLY B 26 -44.11 -12.72 -4.09
CA GLY B 26 -43.29 -12.74 -5.28
C GLY B 26 -43.38 -11.50 -6.13
N VAL B 27 -44.20 -10.52 -5.73
CA VAL B 27 -44.37 -9.29 -6.50
C VAL B 27 -44.95 -8.25 -5.57
N VAL B 28 -44.54 -7.00 -5.76
CA VAL B 28 -45.03 -5.88 -4.96
C VAL B 28 -44.94 -4.62 -5.80
N ILE B 29 -45.84 -3.67 -5.55
CA ILE B 29 -45.85 -2.41 -6.28
C ILE B 29 -45.50 -1.29 -5.31
N VAL B 30 -44.43 -0.57 -5.62
CA VAL B 30 -44.00 0.58 -4.85
C VAL B 30 -44.54 1.83 -5.55
N GLU B 31 -45.54 2.45 -4.95
CA GLU B 31 -46.16 3.65 -5.49
C GLU B 31 -45.27 4.86 -5.31
N SER B 32 -45.39 5.81 -6.24
CA SER B 32 -44.72 7.10 -6.15
C SER B 32 -43.22 6.93 -5.90
N PHE B 33 -42.61 5.99 -6.64
CA PHE B 33 -41.18 5.72 -6.46
C PHE B 33 -40.34 6.85 -7.05
N LEU B 34 -40.45 7.07 -8.36
CA LEU B 34 -39.75 8.14 -9.05
C LEU B 34 -40.68 9.29 -9.35
N SER B 35 -40.19 10.52 -9.13
CA SER B 35 -40.93 11.72 -9.49
C SER B 35 -41.08 11.85 -11.00
N SER B 36 -42.14 12.55 -11.42
CA SER B 36 -42.36 12.77 -12.85
C SER B 36 -41.21 13.56 -13.47
N ASP B 37 -40.57 14.45 -12.71
CA ASP B 37 -39.40 15.14 -13.23
C ASP B 37 -38.24 14.19 -13.44
N LEU B 38 -38.02 13.23 -12.53
CA LEU B 38 -36.94 12.23 -12.75
C LEU B 38 -37.30 11.30 -13.92
N VAL B 39 -38.57 10.91 -14.03
CA VAL B 39 -39.02 10.03 -15.14
C VAL B 39 -38.70 10.72 -16.48
N GLN B 40 -39.04 12.01 -16.58
CA GLN B 40 -38.83 12.74 -17.84
C GLN B 40 -37.34 12.93 -18.10
N LYS B 41 -36.57 13.23 -17.05
CA LYS B 41 -35.10 13.34 -17.20
C LYS B 41 -34.55 12.02 -17.73
N LEU B 42 -35.06 10.91 -17.22
CA LEU B 42 -34.64 9.58 -17.75
C LEU B 42 -35.08 9.51 -19.22
N ASN B 43 -36.35 9.77 -19.50
CA ASN B 43 -36.79 9.62 -20.89
C ASN B 43 -36.02 10.56 -21.82
N ASP B 44 -35.70 11.77 -21.36
CA ASP B 44 -34.95 12.69 -22.20
C ASP B 44 -33.54 12.18 -22.47
N GLU B 45 -32.87 11.65 -21.45
CA GLU B 45 -31.54 11.10 -21.69
C GLU B 45 -31.59 9.86 -22.58
N LEU B 46 -32.66 9.07 -22.49
CA LEU B 46 -32.68 7.80 -23.21
C LEU B 46 -33.23 7.89 -24.64
N ASP B 47 -34.09 8.87 -24.94
CA ASP B 47 -34.72 8.92 -26.25
C ASP B 47 -33.71 9.01 -27.41
N PRO B 48 -32.71 9.89 -27.40
CA PRO B 48 -31.78 9.91 -28.54
C PRO B 48 -31.06 8.59 -28.79
N HIS B 49 -30.73 7.84 -27.72
CA HIS B 49 -30.04 6.56 -27.91
C HIS B 49 -30.99 5.54 -28.54
N LEU B 50 -32.26 5.55 -28.14
CA LEU B 50 -33.25 4.67 -28.74
C LEU B 50 -33.52 5.04 -30.19
N ALA B 51 -33.42 6.33 -30.54
CA ALA B 51 -33.71 6.75 -31.90
C ALA B 51 -32.77 6.11 -32.90
N ALA B 52 -31.56 5.78 -32.49
CA ALA B 52 -30.60 5.10 -33.35
C ALA B 52 -30.82 3.58 -33.26
N LEU B 53 -32.04 3.18 -33.60
CA LEU B 53 -32.47 1.79 -33.49
C LEU B 53 -31.60 0.85 -34.29
N HIS B 64 -44.52 -1.01 -42.40
CA HIS B 64 -44.02 -2.12 -41.58
C HIS B 64 -44.55 -2.02 -40.14
N PRO B 65 -44.91 -3.16 -39.56
CA PRO B 65 -45.44 -3.15 -38.18
C PRO B 65 -44.40 -2.69 -37.19
N VAL B 66 -44.87 -2.02 -36.13
CA VAL B 66 -44.00 -1.66 -35.02
C VAL B 66 -43.51 -2.92 -34.33
N THR B 67 -42.22 -2.94 -34.01
CA THR B 67 -41.60 -4.04 -33.30
C THR B 67 -41.21 -3.61 -31.89
N THR B 68 -40.85 -4.60 -31.07
CA THR B 68 -40.35 -4.34 -29.72
C THR B 68 -38.96 -3.71 -29.75
N LYS B 69 -38.73 -2.75 -28.87
CA LYS B 69 -37.45 -2.06 -28.80
C LYS B 69 -36.80 -2.32 -27.46
N GLN B 70 -35.48 -2.49 -27.43
CA GLN B 70 -34.75 -2.69 -26.18
C GLN B 70 -33.41 -1.97 -26.22
N MET B 71 -32.90 -1.67 -25.04
CA MET B 71 -31.64 -0.96 -24.93
C MET B 71 -31.02 -1.30 -23.58
N ASN B 72 -29.71 -1.52 -23.56
CA ASN B 72 -29.00 -1.79 -22.32
C ASN B 72 -27.70 -0.99 -22.38
N ASP B 73 -26.74 -1.35 -21.52
CA ASP B 73 -25.55 -0.52 -21.31
C ASP B 73 -25.97 0.87 -20.87
N LEU B 74 -26.96 0.91 -19.98
CA LEU B 74 -27.48 2.17 -19.45
C LEU B 74 -26.41 3.03 -18.78
N PRO B 75 -25.49 2.50 -17.96
CA PRO B 75 -24.51 3.40 -17.32
C PRO B 75 -23.71 4.22 -18.30
N ALA B 76 -23.35 3.64 -19.45
CA ALA B 76 -22.67 4.43 -20.48
C ALA B 76 -23.59 5.48 -21.07
N ARG B 77 -24.89 5.23 -21.06
CA ARG B 77 -25.84 6.02 -21.82
C ARG B 77 -26.58 7.09 -21.00
N SER B 78 -26.78 6.88 -19.70
CA SER B 78 -27.63 7.77 -18.91
C SER B 78 -26.96 8.22 -17.63
N GLN B 79 -26.90 9.53 -17.41
CA GLN B 79 -26.36 10.06 -16.17
C GLN B 79 -27.29 9.82 -14.99
N THR B 80 -28.60 9.98 -15.21
CA THR B 80 -29.55 9.77 -14.11
C THR B 80 -29.57 8.31 -13.67
N PHE B 81 -29.45 7.39 -14.63
CA PHE B 81 -29.29 5.98 -14.26
C PHE B 81 -27.95 5.75 -13.56
N ARG B 82 -26.92 6.48 -13.99
CA ARG B 82 -25.58 6.34 -13.42
C ARG B 82 -25.56 6.74 -11.95
N GLN B 83 -26.27 7.81 -11.61
CA GLN B 83 -26.20 8.39 -10.27
C GLN B 83 -27.42 8.04 -9.43
N ASP B 84 -28.61 8.44 -9.90
CA ASP B 84 -29.80 8.35 -9.06
C ASP B 84 -30.28 6.91 -8.91
N LEU B 85 -30.40 6.19 -10.02
CA LEU B 85 -31.01 4.87 -9.96
C LEU B 85 -30.10 3.85 -9.32
N LEU B 86 -28.81 3.83 -9.69
CA LEU B 86 -27.89 2.86 -9.15
C LEU B 86 -27.58 3.12 -7.67
N ASN B 87 -27.87 4.32 -7.17
CA ASN B 87 -27.66 4.65 -5.78
C ASN B 87 -28.96 4.71 -4.97
N ASN B 88 -30.08 4.31 -5.57
CA ASN B 88 -31.36 4.47 -4.89
C ASN B 88 -31.39 3.66 -3.59
N THR B 89 -31.81 4.30 -2.51
CA THR B 89 -31.74 3.66 -1.19
C THR B 89 -32.77 2.54 -1.04
N LEU B 90 -33.96 2.72 -1.60
CA LEU B 90 -34.99 1.69 -1.46
C LEU B 90 -34.59 0.42 -2.19
N ILE B 91 -34.01 0.55 -3.38
CA ILE B 91 -33.59 -0.62 -4.15
C ILE B 91 -32.52 -1.38 -3.39
N HIS B 92 -31.59 -0.67 -2.75
CA HIS B 92 -30.51 -1.34 -2.06
C HIS B 92 -30.98 -1.96 -0.76
N LYS B 93 -31.89 -1.29 -0.04
CA LYS B 93 -32.50 -1.89 1.15
C LYS B 93 -33.23 -3.17 0.79
N VAL B 94 -34.02 -3.13 -0.30
CA VAL B 94 -34.75 -4.32 -0.73
C VAL B 94 -33.78 -5.41 -1.17
N CYS B 95 -32.64 -5.03 -1.75
CA CYS B 95 -31.64 -6.04 -2.16
C CYS B 95 -31.05 -6.74 -0.94
N GLU B 96 -30.59 -5.98 0.05
CA GLU B 96 -30.01 -6.61 1.24
C GLU B 96 -31.04 -7.43 1.99
N GLY B 97 -32.31 -7.02 1.97
CA GLY B 97 -33.33 -7.81 2.61
C GLY B 97 -33.71 -9.06 1.83
N PHE B 98 -33.62 -9.00 0.50
CA PHE B 98 -34.02 -10.11 -0.34
C PHE B 98 -32.96 -11.22 -0.35
N TYR B 99 -31.68 -10.85 -0.44
CA TYR B 99 -30.66 -11.88 -0.41
C TYR B 99 -30.35 -12.29 1.02
N GLY B 100 -30.42 -11.35 1.95
CA GLY B 100 -30.36 -11.63 3.36
C GLY B 100 -28.97 -11.93 3.90
N PRO B 101 -28.94 -12.61 5.04
CA PRO B 101 -27.65 -12.77 5.76
C PRO B 101 -26.59 -13.57 5.00
N THR B 102 -26.92 -14.78 4.56
CA THR B 102 -25.88 -15.69 4.06
C THR B 102 -25.24 -15.18 2.78
N VAL B 103 -25.96 -14.37 1.99
CA VAL B 103 -25.41 -13.91 0.72
C VAL B 103 -24.45 -12.75 0.95
N GLY B 104 -24.97 -11.63 1.46
CA GLY B 104 -24.10 -10.51 1.76
C GLY B 104 -23.99 -9.46 0.68
N ASP B 105 -23.49 -9.82 -0.49
CA ASP B 105 -23.23 -8.85 -1.55
C ASP B 105 -23.95 -9.23 -2.83
N TYR B 106 -24.18 -8.22 -3.68
CA TYR B 106 -24.94 -8.37 -4.91
C TYR B 106 -24.44 -7.35 -5.93
N TRP B 107 -24.83 -7.56 -7.19
CA TRP B 107 -24.52 -6.63 -8.27
C TRP B 107 -25.59 -6.73 -9.34
N MET B 108 -25.59 -5.75 -10.25
CA MET B 108 -26.60 -5.71 -11.30
C MET B 108 -26.20 -6.59 -12.47
N SER B 109 -27.11 -7.45 -12.89
CA SER B 109 -26.88 -8.30 -14.05
C SER B 109 -27.36 -7.64 -15.34
N HIS B 110 -28.47 -6.91 -15.29
CA HIS B 110 -29.07 -6.39 -16.51
C HIS B 110 -29.77 -5.06 -16.24
N GLY B 111 -29.42 -4.04 -17.01
CA GLY B 111 -30.17 -2.80 -16.94
C GLY B 111 -30.73 -2.47 -18.31
N GLY B 112 -32.04 -2.52 -18.46
CA GLY B 112 -32.60 -2.36 -19.78
C GLY B 112 -33.87 -1.55 -19.91
N VAL B 113 -33.96 -0.79 -20.99
CA VAL B 113 -35.19 -0.11 -21.38
C VAL B 113 -35.92 -1.00 -22.37
N LEU B 114 -37.21 -1.19 -22.12
CA LEU B 114 -38.07 -2.06 -22.91
C LEU B 114 -39.23 -1.22 -23.45
N GLU B 115 -39.53 -1.42 -24.72
CA GLU B 115 -40.56 -0.68 -25.44
C GLU B 115 -41.46 -1.65 -26.16
N ARG B 116 -42.74 -1.59 -25.85
CA ARG B 116 -43.74 -2.38 -26.54
C ARG B 116 -44.79 -1.42 -27.07
N GLY B 117 -44.77 -1.23 -28.38
CA GLY B 117 -45.60 -0.25 -29.03
C GLY B 117 -46.91 -0.81 -29.53
N PRO B 118 -47.56 -0.05 -30.40
CA PRO B 118 -48.87 -0.49 -30.91
C PRO B 118 -48.81 -1.84 -31.61
N GLY B 119 -49.84 -2.64 -31.38
CA GLY B 119 -49.96 -3.91 -32.06
C GLY B 119 -49.05 -5.01 -31.56
N THR B 120 -48.44 -4.85 -30.39
CA THR B 120 -47.47 -5.83 -29.92
C THR B 120 -48.18 -7.13 -29.53
N PRO B 121 -47.75 -8.27 -30.07
CA PRO B 121 -48.35 -9.55 -29.66
C PRO B 121 -48.07 -9.87 -28.20
N ILE B 122 -49.04 -10.55 -27.59
CA ILE B 122 -48.98 -10.89 -26.17
C ILE B 122 -47.92 -11.95 -25.91
N GLN B 123 -47.20 -11.81 -24.79
CA GLN B 123 -46.12 -12.72 -24.41
C GLN B 123 -46.65 -13.98 -23.73
N SER B 124 -45.89 -15.05 -23.84
CA SER B 124 -46.16 -16.28 -23.09
C SER B 124 -45.74 -16.13 -21.63
N LEU B 125 -46.46 -16.83 -20.75
CA LEU B 125 -46.08 -16.87 -19.35
C LEU B 125 -44.71 -17.54 -19.21
N HIS B 126 -43.88 -17.00 -18.32
CA HIS B 126 -42.50 -17.48 -18.20
C HIS B 126 -41.92 -17.04 -16.87
N ARG B 127 -40.81 -17.68 -16.49
CA ARG B 127 -39.98 -17.28 -15.37
C ARG B 127 -38.58 -16.96 -15.89
N ASP B 128 -38.02 -15.83 -15.47
CA ASP B 128 -36.72 -15.42 -16.00
C ASP B 128 -35.62 -16.40 -15.59
N GLU B 129 -35.72 -16.95 -14.38
CA GLU B 129 -34.66 -17.85 -13.90
C GLU B 129 -34.64 -19.16 -14.64
N ALA B 130 -35.45 -19.27 -15.70
CA ALA B 130 -35.34 -20.40 -16.60
C ALA B 130 -34.03 -20.39 -17.36
N VAL B 131 -33.30 -19.28 -17.37
CA VAL B 131 -32.00 -19.29 -18.07
C VAL B 131 -30.96 -20.03 -17.23
N PHE B 132 -31.34 -20.47 -16.02
CA PHE B 132 -30.44 -21.15 -15.09
C PHE B 132 -31.06 -22.51 -14.78
N PRO B 133 -30.89 -23.49 -15.68
CA PRO B 133 -31.57 -24.78 -15.47
C PRO B 133 -31.22 -25.45 -14.15
N ALA B 134 -29.97 -25.30 -13.68
CA ALA B 134 -29.57 -25.94 -12.44
C ALA B 134 -30.31 -25.36 -11.23
N ILE B 135 -30.61 -24.06 -11.26
CA ILE B 135 -31.40 -23.44 -10.20
C ILE B 135 -32.89 -23.61 -10.46
N HIS B 136 -33.29 -23.52 -11.73
CA HIS B 136 -34.70 -23.63 -12.07
C HIS B 136 -35.26 -25.01 -11.75
N SER B 137 -34.42 -26.04 -11.75
CA SER B 137 -34.89 -27.38 -11.44
C SER B 137 -35.26 -27.54 -9.96
N LEU B 138 -34.84 -26.63 -9.10
CA LEU B 138 -35.19 -26.67 -7.68
C LEU B 138 -36.58 -26.11 -7.39
N SER B 139 -37.24 -25.49 -8.36
CA SER B 139 -38.60 -24.93 -8.22
C SER B 139 -38.60 -23.96 -7.05
N GLY B 140 -39.59 -24.00 -6.14
CA GLY B 140 -39.70 -23.00 -5.10
C GLY B 140 -38.70 -23.17 -3.97
N SER B 141 -38.03 -24.31 -3.90
CA SER B 141 -37.00 -24.52 -2.89
C SER B 141 -35.65 -23.91 -3.28
N GLY B 142 -35.53 -23.35 -4.48
CA GLY B 142 -34.27 -22.79 -4.91
C GLY B 142 -33.90 -21.52 -4.19
N PRO B 143 -32.61 -21.20 -4.21
CA PRO B 143 -32.11 -19.98 -3.53
C PRO B 143 -32.56 -18.74 -4.28
N PRO B 144 -32.62 -17.58 -3.62
CA PRO B 144 -32.90 -16.34 -4.34
C PRO B 144 -31.78 -16.01 -5.32
N VAL B 145 -32.15 -15.71 -6.57
CA VAL B 145 -31.13 -15.34 -7.55
C VAL B 145 -31.44 -13.99 -8.21
N MET B 146 -32.50 -13.91 -9.00
CA MET B 146 -32.81 -12.69 -9.74
C MET B 146 -33.78 -11.82 -8.97
N LEU B 147 -33.44 -10.55 -8.81
CA LEU B 147 -34.35 -9.56 -8.24
C LEU B 147 -34.59 -8.49 -9.30
N HIS B 148 -35.84 -8.26 -9.67
CA HIS B 148 -36.16 -7.42 -10.82
C HIS B 148 -36.94 -6.21 -10.38
N PHE B 149 -36.39 -5.02 -10.63
CA PHE B 149 -37.05 -3.75 -10.37
C PHE B 149 -37.51 -3.18 -11.70
N PHE B 150 -38.82 -3.16 -11.93
CA PHE B 150 -39.42 -2.73 -13.19
C PHE B 150 -40.07 -1.37 -12.96
N ILE B 151 -39.41 -0.31 -13.40
CA ILE B 151 -39.89 1.05 -13.25
C ILE B 151 -40.68 1.46 -14.49
N ALA B 152 -41.79 2.16 -14.27
CA ALA B 152 -42.67 2.59 -15.36
C ALA B 152 -42.22 3.97 -15.84
N LEU B 153 -41.61 4.01 -17.02
CA LEU B 153 -41.33 5.28 -17.66
C LEU B 153 -42.53 5.83 -18.43
N SER B 154 -43.59 5.03 -18.52
CA SER B 154 -44.88 5.45 -19.06
C SER B 154 -45.96 4.68 -18.30
N ASP B 155 -47.20 5.12 -18.47
CA ASP B 155 -48.31 4.50 -17.76
C ASP B 155 -48.46 3.04 -18.18
N PHE B 156 -48.78 2.19 -17.20
CA PHE B 156 -49.05 0.77 -17.41
C PHE B 156 -50.56 0.55 -17.32
N THR B 157 -51.21 0.49 -18.48
CA THR B 157 -52.65 0.34 -18.58
C THR B 157 -53.02 -1.05 -19.08
N ALA B 158 -54.28 -1.43 -18.88
CA ALA B 158 -54.74 -2.71 -19.39
C ALA B 158 -54.71 -2.75 -20.91
N GLU B 159 -54.96 -1.61 -21.56
CA GLU B 159 -55.09 -1.58 -23.01
C GLU B 159 -53.73 -1.51 -23.70
N ASN B 160 -52.78 -0.78 -23.14
CA ASN B 160 -51.49 -0.87 -23.79
C ASN B 160 -50.78 -2.16 -23.42
N GLY B 161 -51.36 -2.96 -22.53
CA GLY B 161 -50.85 -4.30 -22.24
C GLY B 161 -49.88 -4.41 -21.09
N ALA B 162 -50.22 -3.82 -19.93
CA ALA B 162 -49.32 -3.85 -18.78
C ALA B 162 -49.00 -5.28 -18.33
N THR B 163 -47.80 -5.46 -17.80
CA THR B 163 -47.32 -6.79 -17.46
C THR B 163 -48.25 -7.44 -16.43
N GLN B 164 -48.52 -8.72 -16.63
CA GLN B 164 -49.35 -9.53 -15.74
C GLN B 164 -48.46 -10.49 -14.96
N PHE B 165 -48.90 -10.81 -13.75
CA PHE B 165 -48.13 -11.62 -12.81
C PHE B 165 -49.03 -12.66 -12.16
N ILE B 166 -48.42 -13.75 -11.70
CA ILE B 166 -49.16 -14.74 -10.91
C ILE B 166 -48.57 -14.76 -9.51
N PRO B 167 -49.22 -14.13 -8.53
CA PRO B 167 -48.67 -14.11 -7.17
C PRO B 167 -48.60 -15.50 -6.57
N GLY B 168 -47.54 -15.75 -5.81
CA GLY B 168 -47.34 -17.01 -5.15
C GLY B 168 -46.73 -18.09 -6.02
N SER B 169 -46.49 -17.81 -7.30
CA SER B 169 -45.94 -18.79 -8.22
C SER B 169 -44.45 -19.01 -8.01
N HIS B 170 -43.79 -18.15 -7.23
CA HIS B 170 -42.39 -18.36 -6.91
C HIS B 170 -42.19 -19.53 -5.94
N LYS B 171 -43.25 -19.96 -5.27
CA LYS B 171 -43.19 -21.05 -4.30
C LYS B 171 -43.70 -22.38 -4.85
N TRP B 172 -44.13 -22.42 -6.10
CA TRP B 172 -44.72 -23.63 -6.66
C TRP B 172 -43.69 -24.78 -6.69
N ALA B 173 -44.18 -26.00 -6.47
CA ALA B 173 -43.30 -27.16 -6.37
C ALA B 173 -42.76 -27.65 -7.71
N ASP B 174 -43.37 -27.26 -8.83
CA ASP B 174 -42.92 -27.67 -10.16
C ASP B 174 -42.89 -26.43 -11.05
N PHE B 175 -41.68 -26.03 -11.45
CA PHE B 175 -41.54 -24.84 -12.28
C PHE B 175 -41.74 -25.12 -13.77
N ASN B 176 -41.96 -26.37 -14.17
CA ASN B 176 -42.42 -26.62 -15.53
C ASN B 176 -43.86 -26.18 -15.72
N ASP B 177 -44.62 -26.00 -14.65
CA ASP B 177 -45.99 -25.50 -14.73
C ASP B 177 -45.95 -23.99 -14.62
N ASN B 178 -46.24 -23.31 -15.72
CA ASN B 178 -46.26 -21.86 -15.77
C ASN B 178 -47.65 -21.29 -15.55
N GLY B 179 -48.62 -22.12 -15.16
CA GLY B 179 -49.94 -21.61 -14.88
C GLY B 179 -50.72 -21.26 -16.14
N THR B 180 -51.79 -20.50 -15.93
CA THR B 180 -52.64 -20.05 -17.02
C THR B 180 -52.94 -18.58 -16.83
N ARG B 181 -53.36 -17.94 -17.91
CA ARG B 181 -53.50 -16.49 -17.94
C ARG B 181 -54.61 -15.97 -17.04
N ASP B 182 -55.60 -16.81 -16.70
CA ASP B 182 -56.66 -16.33 -15.81
C ASP B 182 -56.22 -16.24 -14.36
N GLN B 183 -55.09 -16.82 -14.00
CA GLN B 183 -54.54 -16.63 -12.66
C GLN B 183 -53.65 -15.40 -12.58
N ALA B 184 -53.40 -14.73 -13.71
CA ALA B 184 -52.50 -13.59 -13.75
C ALA B 184 -53.27 -12.33 -13.42
N VAL B 185 -52.64 -11.47 -12.62
CA VAL B 185 -53.21 -10.17 -12.27
C VAL B 185 -52.40 -9.10 -13.00
N THR B 186 -53.10 -8.17 -13.64
CA THR B 186 -52.41 -7.09 -14.32
C THR B 186 -51.81 -6.14 -13.30
N ALA B 187 -50.64 -5.61 -13.61
CA ALA B 187 -49.99 -4.62 -12.77
C ALA B 187 -50.26 -3.27 -13.39
N ILE B 188 -51.27 -2.58 -12.88
CA ILE B 188 -51.62 -1.25 -13.37
C ILE B 188 -50.74 -0.26 -12.63
N LEU B 189 -49.94 0.48 -13.38
CA LEU B 189 -48.96 1.37 -12.80
C LEU B 189 -49.02 2.74 -13.47
N LYS B 190 -48.67 3.76 -12.70
CA LYS B 190 -48.48 5.11 -13.21
C LYS B 190 -46.99 5.36 -13.43
N ALA B 191 -46.68 6.43 -14.16
CA ALA B 191 -45.29 6.74 -14.44
C ALA B 191 -44.54 7.03 -13.15
N GLY B 192 -43.36 6.45 -13.01
CA GLY B 192 -42.56 6.54 -11.82
C GLY B 192 -42.88 5.49 -10.77
N GLU B 193 -44.02 4.82 -10.89
CA GLU B 193 -44.33 3.70 -10.01
C GLU B 193 -43.49 2.50 -10.41
N MET B 194 -43.15 1.69 -9.42
CA MET B 194 -42.29 0.53 -9.64
C MET B 194 -43.03 -0.76 -9.28
N VAL B 195 -42.67 -1.84 -9.96
CA VAL B 195 -43.07 -3.18 -9.55
C VAL B 195 -41.82 -4.00 -9.36
N ILE B 196 -41.69 -4.64 -8.20
CA ILE B 196 -40.56 -5.49 -7.87
C ILE B 196 -41.05 -6.93 -7.94
N PHE B 197 -40.24 -7.81 -8.53
CA PHE B 197 -40.61 -9.21 -8.58
C PHE B 197 -39.35 -10.08 -8.65
N THR B 198 -39.54 -11.34 -8.34
CA THR B 198 -38.47 -12.32 -8.33
C THR B 198 -38.36 -12.99 -9.70
N GLY B 199 -37.21 -13.60 -9.96
CA GLY B 199 -37.04 -14.40 -11.18
C GLY B 199 -37.77 -15.74 -11.14
N LYS B 200 -38.37 -16.10 -10.00
CA LYS B 200 -39.16 -17.32 -9.89
C LYS B 200 -40.66 -17.09 -10.06
N THR B 201 -41.12 -15.85 -10.19
CA THR B 201 -42.54 -15.56 -10.30
C THR B 201 -42.98 -15.52 -11.75
N VAL B 202 -44.09 -16.20 -12.05
CA VAL B 202 -44.62 -16.21 -13.41
C VAL B 202 -45.14 -14.83 -13.79
N HIS B 203 -44.84 -14.42 -15.03
CA HIS B 203 -45.26 -13.13 -15.53
C HIS B 203 -45.32 -13.22 -17.05
N CYS B 204 -45.95 -12.22 -17.65
CA CYS B 204 -45.98 -12.10 -19.11
C CYS B 204 -46.38 -10.68 -19.49
N GLY B 205 -45.83 -10.20 -20.60
CA GLY B 205 -46.27 -8.94 -21.14
C GLY B 205 -47.63 -9.07 -21.83
N GLY B 206 -48.37 -7.97 -21.86
CA GLY B 206 -49.68 -7.98 -22.45
C GLY B 206 -49.67 -7.60 -23.93
N ALA B 207 -50.83 -7.76 -24.55
CA ALA B 207 -51.06 -7.27 -25.89
C ALA B 207 -51.44 -5.80 -25.84
N ASN B 208 -50.94 -5.05 -26.81
CA ASN B 208 -51.18 -3.60 -26.93
C ASN B 208 -52.30 -3.31 -27.93
N SER B 209 -53.54 -3.18 -27.41
CA SER B 209 -54.68 -2.76 -28.24
C SER B 209 -54.40 -1.40 -28.80
N THR B 210 -53.86 -0.57 -27.92
CA THR B 210 -53.61 0.80 -28.22
C THR B 210 -52.65 0.81 -29.37
N LYS B 211 -53.13 1.33 -30.46
CA LYS B 211 -52.30 1.42 -31.63
C LYS B 211 -51.87 2.86 -31.87
N ASP B 212 -51.90 3.68 -30.81
CA ASP B 212 -51.30 5.01 -30.81
C ASP B 212 -50.27 5.24 -29.70
N SER B 213 -50.19 4.38 -28.69
CA SER B 213 -49.39 4.65 -27.49
C SER B 213 -48.39 3.53 -27.24
N VAL B 214 -47.17 3.93 -26.87
CA VAL B 214 -46.06 3.04 -26.57
C VAL B 214 -45.91 2.93 -25.07
N ARG B 215 -45.73 1.67 -24.66
CA ARG B 215 -45.50 1.34 -23.23
C ARG B 215 -44.00 1.24 -23.07
N ARG B 216 -43.48 1.62 -21.93
CA ARG B 216 -42.04 1.76 -21.76
C ARG B 216 -41.65 1.45 -20.32
N ALA B 217 -40.58 0.68 -20.14
CA ALA B 217 -40.18 0.31 -18.80
C ALA B 217 -38.67 0.30 -18.72
N LEU B 218 -38.17 0.47 -17.49
CA LEU B 218 -36.76 0.35 -17.18
C LEU B 218 -36.62 -0.76 -16.15
N GLY B 219 -36.01 -1.86 -16.55
CA GLY B 219 -35.78 -2.98 -15.66
C GLY B 219 -34.36 -3.00 -15.16
N MET B 220 -34.21 -3.25 -13.87
CA MET B 220 -32.92 -3.44 -13.22
C MET B 220 -32.95 -4.83 -12.58
N ASN B 221 -32.23 -5.77 -13.19
CA ASN B 221 -32.20 -7.15 -12.75
C ASN B 221 -30.88 -7.41 -12.03
N PHE B 222 -30.98 -7.73 -10.74
CA PHE B 222 -29.86 -7.98 -9.85
C PHE B 222 -29.65 -9.48 -9.62
N HIS B 223 -28.41 -9.82 -9.33
CA HIS B 223 -27.87 -11.13 -9.05
C HIS B 223 -27.18 -11.12 -7.69
N PRO B 224 -27.11 -12.27 -7.02
CA PRO B 224 -26.15 -12.42 -5.93
C PRO B 224 -24.75 -12.44 -6.50
N TRP B 225 -23.77 -12.22 -5.62
CA TRP B 225 -22.39 -12.06 -6.05
C TRP B 225 -21.90 -13.26 -6.86
N TYR B 226 -22.42 -14.45 -6.60
CA TYR B 226 -21.87 -15.65 -7.23
C TYR B 226 -22.49 -15.99 -8.58
N VAL B 227 -23.46 -15.22 -9.07
CA VAL B 227 -24.10 -15.49 -10.36
C VAL B 227 -23.63 -14.46 -11.38
N THR B 228 -23.19 -14.95 -12.55
CA THR B 228 -22.57 -14.10 -13.57
C THR B 228 -23.57 -13.11 -14.13
N PRO B 229 -23.25 -11.80 -14.14
CA PRO B 229 -24.14 -10.83 -14.78
C PRO B 229 -24.25 -11.06 -16.28
N TYR B 230 -25.44 -10.79 -16.83
CA TYR B 230 -25.65 -10.85 -18.27
C TYR B 230 -24.88 -9.74 -18.97
N GLU B 231 -24.85 -8.55 -18.37
CA GLU B 231 -24.20 -7.41 -19.00
C GLU B 231 -22.75 -7.33 -18.55
N ASN B 232 -21.88 -7.09 -19.51
CA ASN B 232 -20.46 -6.86 -19.28
C ASN B 232 -20.21 -5.37 -19.49
N PHE B 233 -19.55 -4.74 -18.52
CA PHE B 233 -19.34 -3.30 -18.55
C PHE B 233 -17.86 -2.89 -18.67
N TYR B 234 -16.97 -3.72 -19.22
CA TYR B 234 -15.59 -3.22 -19.30
C TYR B 234 -15.44 -2.09 -20.30
N ASN B 235 -16.35 -1.97 -21.27
CA ASN B 235 -16.21 -0.93 -22.29
C ASN B 235 -16.76 0.42 -21.86
N THR B 236 -17.29 0.54 -20.65
CA THR B 236 -17.73 1.84 -20.18
C THR B 236 -16.54 2.79 -20.10
N PRO B 237 -16.66 4.02 -20.64
CA PRO B 237 -15.52 4.93 -20.64
C PRO B 237 -15.06 5.24 -19.23
N ARG B 238 -13.74 5.43 -19.08
CA ARG B 238 -13.20 5.57 -17.73
C ARG B 238 -13.75 6.79 -17.02
N GLU B 239 -13.98 7.88 -17.75
CA GLU B 239 -14.38 9.12 -17.07
C GLU B 239 -15.75 8.96 -16.39
N VAL B 240 -16.68 8.26 -17.04
CA VAL B 240 -17.97 8.05 -16.39
C VAL B 240 -17.84 7.10 -15.21
N VAL B 241 -16.95 6.11 -15.31
CA VAL B 241 -16.76 5.20 -14.19
C VAL B 241 -16.18 5.93 -12.98
N GLU B 242 -15.22 6.82 -13.21
CA GLU B 242 -14.66 7.59 -12.10
C GLU B 242 -15.66 8.60 -11.57
N SER B 243 -16.67 8.97 -12.36
CA SER B 243 -17.70 9.86 -11.83
C SER B 243 -18.70 9.13 -10.94
N MET B 244 -18.73 7.80 -10.95
CA MET B 244 -19.71 7.06 -10.17
C MET B 244 -19.22 6.78 -8.77
N THR B 245 -20.16 6.62 -7.85
CA THR B 245 -19.84 6.25 -6.47
C THR B 245 -19.36 4.81 -6.42
N PRO B 246 -18.57 4.46 -5.40
CA PRO B 246 -18.08 3.07 -5.29
C PRO B 246 -19.19 2.03 -5.23
N LEU B 247 -20.33 2.35 -4.61
CA LEU B 247 -21.46 1.42 -4.63
C LEU B 247 -21.95 1.20 -6.06
N ALA B 248 -22.14 2.29 -6.81
CA ALA B 248 -22.62 2.16 -8.18
C ALA B 248 -21.61 1.44 -9.06
N GLN B 249 -20.31 1.64 -8.81
CA GLN B 249 -19.30 0.89 -9.55
C GLN B 249 -19.31 -0.59 -9.18
N ARG B 250 -19.55 -0.92 -7.90
CA ARG B 250 -19.68 -2.32 -7.55
C ARG B 250 -20.89 -2.95 -8.24
N MET B 251 -21.95 -2.15 -8.44
CA MET B 251 -23.14 -2.70 -9.11
C MET B 251 -22.84 -3.09 -10.55
N ILE B 252 -21.90 -2.41 -11.20
CA ILE B 252 -21.59 -2.67 -12.61
C ILE B 252 -20.26 -3.43 -12.77
N GLY B 253 -19.79 -4.09 -11.71
CA GLY B 253 -18.68 -5.01 -11.82
C GLY B 253 -17.29 -4.41 -11.78
N TRP B 254 -17.16 -3.15 -11.41
CA TRP B 254 -15.85 -2.51 -11.34
C TRP B 254 -15.22 -2.55 -9.95
N ARG B 255 -15.90 -3.12 -8.96
CA ARG B 255 -15.34 -3.29 -7.62
C ARG B 255 -15.46 -4.75 -7.18
N THR B 256 -14.60 -5.15 -6.25
CA THR B 256 -14.67 -6.50 -5.74
C THR B 256 -15.88 -6.68 -4.82
N LEU B 257 -16.44 -7.88 -4.82
CA LEU B 257 -17.57 -8.24 -3.97
C LEU B 257 -17.10 -8.80 -2.62
N HIS B 258 -17.96 -8.67 -1.62
CA HIS B 258 -17.67 -9.11 -0.25
C HIS B 258 -18.79 -10.00 0.27
N PRO B 259 -18.82 -11.25 -0.17
CA PRO B 259 -19.80 -12.21 0.34
C PRO B 259 -19.62 -12.49 1.82
N HIS B 260 -20.72 -12.77 2.50
CA HIS B 260 -20.62 -13.23 3.88
C HIS B 260 -19.91 -14.58 3.96
N SER B 261 -20.04 -15.39 2.91
CA SER B 261 -19.36 -16.67 2.86
C SER B 261 -17.84 -16.48 2.87
N HIS B 262 -17.30 -15.86 1.82
CA HIS B 262 -15.89 -15.51 1.73
C HIS B 262 -15.75 -13.99 1.94
N SER B 263 -15.73 -13.58 3.21
CA SER B 263 -15.75 -12.15 3.53
C SER B 263 -14.52 -11.42 3.03
N PHE B 264 -13.39 -12.12 2.88
CA PHE B 264 -12.16 -11.47 2.47
C PHE B 264 -12.30 -10.84 1.09
N GLY B 265 -13.09 -11.44 0.22
CA GLY B 265 -13.38 -10.84 -1.06
C GLY B 265 -13.56 -11.88 -2.14
N TRP B 266 -14.19 -11.46 -3.22
CA TRP B 266 -14.39 -12.25 -4.42
C TRP B 266 -14.32 -11.28 -5.60
N TRP B 267 -13.94 -11.78 -6.78
CA TRP B 267 -13.75 -10.94 -7.96
C TRP B 267 -12.59 -9.97 -7.73
N LEU B 268 -11.45 -10.55 -7.34
CA LEU B 268 -10.25 -9.81 -6.98
C LEU B 268 -9.22 -9.84 -8.11
N ILE B 269 -8.25 -8.95 -8.01
CA ILE B 269 -7.08 -8.95 -8.89
C ILE B 269 -5.84 -9.10 -8.00
N ARG B 270 -5.17 -10.24 -8.12
CA ARG B 270 -4.00 -10.56 -7.29
C ARG B 270 -4.31 -10.42 -5.80
N ASN B 271 -5.47 -10.95 -5.40
CA ASN B 271 -5.93 -10.93 -4.00
C ASN B 271 -6.01 -9.52 -3.44
N ALA B 272 -6.32 -8.56 -4.30
CA ALA B 272 -6.47 -7.16 -3.91
C ALA B 272 -7.75 -6.63 -4.53
N GLU B 273 -8.21 -5.49 -3.99
CA GLU B 273 -9.44 -4.90 -4.48
C GLU B 273 -9.32 -4.59 -5.97
N ALA B 274 -10.35 -4.96 -6.72
CA ALA B 274 -10.24 -4.94 -8.18
C ALA B 274 -10.20 -3.51 -8.71
N GLY B 275 -11.08 -2.65 -8.20
CA GLY B 275 -11.14 -1.28 -8.71
C GLY B 275 -9.88 -0.49 -8.43
N GLN B 276 -9.27 -0.69 -7.26
CA GLN B 276 -7.98 -0.08 -7.00
C GLN B 276 -6.93 -0.60 -7.97
N ALA B 277 -7.01 -1.88 -8.34
CA ALA B 277 -5.98 -2.43 -9.21
C ALA B 277 -6.00 -1.83 -10.60
N LEU B 278 -7.14 -1.32 -11.08
CA LEU B 278 -7.11 -0.68 -12.37
C LEU B 278 -7.57 0.77 -12.33
N GLY B 279 -7.06 1.51 -11.35
CA GLY B 279 -6.97 2.95 -11.40
C GLY B 279 -8.03 3.76 -10.70
N LEU B 280 -9.06 3.11 -10.17
CA LEU B 280 -10.07 3.81 -9.42
C LEU B 280 -9.54 4.18 -8.04
N LYS B 281 -10.25 5.11 -7.39
CA LYS B 281 -9.88 5.55 -6.07
C LYS B 281 -10.01 4.41 -5.06
N PRO B 282 -9.14 4.39 -4.04
CA PRO B 282 -9.33 3.45 -2.94
C PRO B 282 -10.66 3.63 -2.21
N THR C 3 31.48 6.01 -48.53
CA THR C 3 31.35 6.55 -47.19
C THR C 3 32.16 5.70 -46.19
N SER C 4 32.12 6.06 -44.91
CA SER C 4 33.05 5.51 -43.93
C SER C 4 32.86 4.01 -43.75
N ALA C 5 31.61 3.57 -43.54
CA ALA C 5 31.29 2.19 -43.17
C ALA C 5 31.94 1.76 -41.85
N ILE C 6 31.53 0.62 -41.31
CA ILE C 6 31.88 0.25 -39.94
C ILE C 6 33.15 -0.60 -39.82
N ARG C 7 33.62 -1.21 -40.91
CA ARG C 7 34.77 -2.12 -40.89
C ARG C 7 34.53 -3.40 -40.09
N HIS C 8 33.67 -4.28 -40.62
CA HIS C 8 33.42 -5.62 -40.10
C HIS C 8 34.71 -6.42 -39.89
N ALA C 9 34.66 -7.47 -39.08
CA ALA C 9 35.85 -8.24 -38.76
C ALA C 9 35.47 -9.69 -38.47
N ASN C 10 36.41 -10.43 -37.85
CA ASN C 10 36.27 -11.79 -37.33
C ASN C 10 36.22 -12.88 -38.39
N LYS C 11 36.29 -14.12 -37.91
CA LYS C 11 36.41 -15.38 -38.63
C LYS C 11 37.80 -15.57 -39.21
N ALA C 12 38.61 -14.51 -39.29
CA ALA C 12 40.04 -14.68 -39.48
C ALA C 12 40.89 -13.57 -38.88
N THR C 13 40.29 -12.52 -38.30
CA THR C 13 41.07 -11.42 -37.72
C THR C 13 41.56 -11.76 -36.32
N SER C 14 42.81 -11.37 -36.04
CA SER C 14 43.38 -11.50 -34.71
C SER C 14 42.82 -10.45 -33.76
N SER C 15 42.93 -10.72 -32.47
CA SER C 15 42.45 -9.77 -31.47
C SER C 15 43.22 -8.45 -31.53
N ASP C 16 44.50 -8.49 -31.92
CA ASP C 16 45.24 -7.25 -32.10
C ASP C 16 44.63 -6.40 -33.20
N GLU C 17 44.12 -7.04 -34.25
CA GLU C 17 43.46 -6.30 -35.31
C GLU C 17 42.19 -5.63 -34.81
N ILE C 18 41.44 -6.31 -33.94
CA ILE C 18 40.23 -5.70 -33.40
C ILE C 18 40.57 -4.50 -32.52
N VAL C 19 41.65 -4.62 -31.73
CA VAL C 19 42.07 -3.47 -30.92
C VAL C 19 42.49 -2.30 -31.80
N GLN C 20 43.15 -2.60 -32.93
CA GLN C 20 43.60 -1.53 -33.81
C GLN C 20 42.42 -0.84 -34.50
N ILE C 21 41.46 -1.63 -34.98
CA ILE C 21 40.26 -1.04 -35.59
C ILE C 21 39.54 -0.20 -34.55
N LEU C 22 39.55 -0.64 -33.30
CA LEU C 22 38.94 0.16 -32.25
C LEU C 22 39.70 1.45 -32.01
N GLU C 23 41.01 1.42 -32.24
CA GLU C 23 41.77 2.62 -31.98
C GLU C 23 41.45 3.66 -33.06
N GLU C 24 41.37 3.21 -34.30
CA GLU C 24 41.21 4.10 -35.45
C GLU C 24 39.77 4.59 -35.64
N ASP C 25 38.77 3.72 -35.47
CA ASP C 25 37.41 4.10 -35.79
C ASP C 25 36.51 4.30 -34.58
N GLY C 26 36.85 3.69 -33.44
CA GLY C 26 36.02 3.78 -32.27
C GLY C 26 34.87 2.79 -32.24
N VAL C 27 34.74 1.96 -33.26
CA VAL C 27 33.66 0.99 -33.34
C VAL C 27 34.07 -0.09 -34.33
N VAL C 28 33.68 -1.33 -34.04
CA VAL C 28 34.02 -2.44 -34.91
C VAL C 28 32.94 -3.51 -34.76
N ILE C 29 32.75 -4.30 -35.81
CA ILE C 29 31.76 -5.38 -35.82
C ILE C 29 32.51 -6.69 -35.90
N VAL C 30 32.31 -7.55 -34.91
CA VAL C 30 32.86 -8.90 -34.85
C VAL C 30 31.77 -9.85 -35.33
N GLU C 31 32.02 -10.48 -36.48
CA GLU C 31 31.08 -11.44 -37.05
C GLU C 31 31.12 -12.77 -36.30
N SER C 32 29.97 -13.44 -36.26
CA SER C 32 29.86 -14.80 -35.73
C SER C 32 30.52 -14.95 -34.36
N PHE C 33 30.30 -13.95 -33.50
CA PHE C 33 30.93 -13.96 -32.18
C PHE C 33 30.35 -15.06 -31.29
N LEU C 34 29.04 -15.26 -31.34
CA LEU C 34 28.37 -16.33 -30.58
C LEU C 34 27.77 -17.36 -31.53
N SER C 35 27.91 -18.63 -31.16
CA SER C 35 27.26 -19.71 -31.88
C SER C 35 25.75 -19.61 -31.73
N SER C 36 25.02 -20.15 -32.69
CA SER C 36 23.56 -20.13 -32.61
C SER C 36 23.06 -20.86 -31.38
N ASP C 37 23.77 -21.91 -30.93
CA ASP C 37 23.39 -22.60 -29.70
C ASP C 37 23.55 -21.70 -28.48
N LEU C 38 24.63 -20.93 -28.43
CA LEU C 38 24.82 -20.02 -27.30
C LEU C 38 23.75 -18.95 -27.29
N VAL C 39 23.36 -18.46 -28.47
CA VAL C 39 22.29 -17.46 -28.53
C VAL C 39 20.99 -18.06 -28.05
N GLN C 40 20.76 -19.33 -28.37
CA GLN C 40 19.52 -19.93 -27.87
C GLN C 40 19.56 -20.19 -26.36
N LYS C 41 20.72 -20.57 -25.79
CA LYS C 41 20.74 -20.66 -24.33
C LYS C 41 20.42 -19.30 -23.71
N LEU C 42 21.08 -18.25 -24.24
CA LEU C 42 20.97 -16.95 -23.63
C LEU C 42 19.53 -16.49 -23.66
N ASN C 43 18.85 -16.63 -24.82
CA ASN C 43 17.46 -16.23 -24.89
C ASN C 43 16.58 -17.07 -23.97
N ASP C 44 16.87 -18.38 -23.85
CA ASP C 44 16.04 -19.22 -22.99
C ASP C 44 16.20 -18.85 -21.52
N GLU C 45 17.44 -18.64 -21.07
CA GLU C 45 17.67 -18.23 -19.69
C GLU C 45 17.12 -16.85 -19.40
N LEU C 46 17.13 -15.96 -20.39
CA LEU C 46 16.73 -14.58 -20.12
C LEU C 46 15.23 -14.37 -20.21
N ASP C 47 14.51 -15.18 -20.99
CA ASP C 47 13.09 -14.92 -21.20
C ASP C 47 12.26 -14.89 -19.92
N PRO C 48 12.32 -15.88 -19.01
CA PRO C 48 11.47 -15.78 -17.81
C PRO C 48 11.76 -14.56 -16.95
N HIS C 49 13.03 -14.16 -16.84
CA HIS C 49 13.37 -12.97 -16.06
C HIS C 49 12.85 -11.71 -16.74
N LEU C 50 12.88 -11.67 -18.08
CA LEU C 50 12.32 -10.52 -18.78
C LEU C 50 10.80 -10.46 -18.59
N ALA C 51 10.13 -11.61 -18.58
CA ALA C 51 8.68 -11.59 -18.43
C ALA C 51 8.24 -11.15 -17.04
N ALA C 52 9.05 -11.39 -16.00
CA ALA C 52 8.69 -11.03 -14.63
C ALA C 52 9.14 -9.65 -14.21
N LEU C 53 9.71 -8.85 -15.12
CA LEU C 53 10.39 -7.63 -14.70
C LEU C 53 9.44 -6.58 -14.11
N TYR C 54 8.16 -6.60 -14.52
CA TYR C 54 7.18 -5.54 -14.24
C TYR C 54 7.49 -4.61 -13.06
N VAL C 66 4.13 0.10 -24.02
CA VAL C 66 5.54 -0.06 -23.70
C VAL C 66 6.05 -1.44 -24.07
N THR C 67 6.87 -1.51 -25.12
CA THR C 67 7.61 -2.74 -25.40
C THR C 67 9.07 -2.66 -24.97
N THR C 68 9.58 -1.47 -24.65
CA THR C 68 10.98 -1.34 -24.24
C THR C 68 11.22 -1.94 -22.86
N LYS C 69 12.34 -2.63 -22.73
CA LYS C 69 12.72 -3.35 -21.52
C LYS C 69 14.20 -3.21 -21.21
N GLN C 70 14.50 -3.19 -19.92
CA GLN C 70 15.89 -3.20 -19.49
C GLN C 70 16.08 -4.12 -18.29
N MET C 71 17.22 -4.80 -18.25
CA MET C 71 17.44 -5.74 -17.16
C MET C 71 18.94 -5.90 -16.94
N ASN C 72 19.34 -5.99 -15.68
CA ASN C 72 20.74 -6.20 -15.33
C ASN C 72 20.78 -7.22 -14.20
N ASP C 73 21.91 -7.28 -13.48
CA ASP C 73 22.20 -8.34 -12.51
C ASP C 73 22.17 -9.71 -13.19
N LEU C 74 22.81 -9.76 -14.37
CA LEU C 74 22.86 -11.00 -15.14
C LEU C 74 23.50 -12.19 -14.42
N PRO C 75 24.62 -12.05 -13.69
CA PRO C 75 25.25 -13.26 -13.12
C PRO C 75 24.33 -14.07 -12.24
N ALA C 76 23.45 -13.44 -11.46
CA ALA C 76 22.48 -14.21 -10.69
C ALA C 76 21.44 -14.87 -11.58
N ARG C 77 21.16 -14.28 -12.74
CA ARG C 77 20.02 -14.65 -13.58
C ARG C 77 20.37 -15.60 -14.71
N SER C 78 21.59 -15.58 -15.23
CA SER C 78 21.94 -16.37 -16.40
C SER C 78 23.22 -17.16 -16.14
N GLN C 79 23.15 -18.47 -16.34
CA GLN C 79 24.35 -19.29 -16.22
C GLN C 79 25.31 -19.05 -17.38
N THR C 80 24.77 -18.87 -18.59
CA THR C 80 25.62 -18.65 -19.75
C THR C 80 26.38 -17.34 -19.64
N PHE C 81 25.74 -16.31 -19.08
CA PHE C 81 26.48 -15.07 -18.81
C PHE C 81 27.51 -15.28 -17.72
N ARG C 82 27.17 -16.08 -16.71
CA ARG C 82 28.07 -16.31 -15.59
C ARG C 82 29.34 -17.02 -16.04
N GLN C 83 29.22 -17.96 -16.98
CA GLN C 83 30.32 -18.82 -17.37
C GLN C 83 30.88 -18.44 -18.74
N ASP C 84 30.06 -18.45 -19.78
CA ASP C 84 30.57 -18.29 -21.13
C ASP C 84 31.01 -16.87 -21.40
N LEU C 85 30.14 -15.89 -21.11
CA LEU C 85 30.42 -14.52 -21.52
C LEU C 85 31.50 -13.86 -20.67
N LEU C 86 31.43 -14.01 -19.35
CA LEU C 86 32.41 -13.36 -18.50
C LEU C 86 33.80 -13.96 -18.65
N ASN C 87 33.91 -15.17 -19.20
CA ASN C 87 35.19 -15.81 -19.43
C ASN C 87 35.61 -15.80 -20.89
N ASN C 88 34.87 -15.08 -21.75
CA ASN C 88 35.16 -15.12 -23.17
C ASN C 88 36.55 -14.57 -23.44
N THR C 89 37.35 -15.31 -24.23
CA THR C 89 38.75 -14.94 -24.41
C THR C 89 38.89 -13.72 -25.31
N LEU C 90 38.03 -13.59 -26.32
CA LEU C 90 38.13 -12.44 -27.22
C LEU C 90 37.81 -11.15 -26.47
N ILE C 91 36.83 -11.19 -25.58
CA ILE C 91 36.46 -9.99 -24.82
C ILE C 91 37.64 -9.55 -23.95
N HIS C 92 38.34 -10.52 -23.35
CA HIS C 92 39.44 -10.16 -22.47
C HIS C 92 40.69 -9.75 -23.23
N LYS C 93 40.94 -10.35 -24.40
CA LYS C 93 42.06 -9.88 -25.22
C LYS C 93 41.81 -8.46 -25.69
N VAL C 94 40.59 -8.15 -26.12
CA VAL C 94 40.29 -6.78 -26.52
C VAL C 94 40.33 -5.84 -25.32
N CYS C 95 39.95 -6.31 -24.13
CA CYS C 95 40.01 -5.46 -22.95
C CYS C 95 41.46 -5.10 -22.58
N GLU C 96 42.33 -6.10 -22.55
CA GLU C 96 43.73 -5.82 -22.23
C GLU C 96 44.37 -4.96 -23.32
N GLY C 97 43.95 -5.12 -24.57
CA GLY C 97 44.47 -4.25 -25.62
C GLY C 97 43.93 -2.84 -25.56
N PHE C 98 42.70 -2.69 -25.08
CA PHE C 98 42.07 -1.36 -25.02
C PHE C 98 42.60 -0.54 -23.87
N TYR C 99 42.77 -1.14 -22.69
CA TYR C 99 43.27 -0.36 -21.57
C TYR C 99 44.79 -0.23 -21.61
N GLY C 100 45.48 -1.28 -22.06
CA GLY C 100 46.89 -1.19 -22.35
C GLY C 100 47.80 -1.18 -21.14
N PRO C 101 49.00 -0.65 -21.32
CA PRO C 101 50.06 -0.82 -20.30
C PRO C 101 49.78 -0.18 -18.95
N THR C 102 49.49 1.13 -18.95
CA THR C 102 49.43 1.89 -17.71
C THR C 102 48.27 1.46 -16.82
N VAL C 103 47.21 0.89 -17.39
CA VAL C 103 46.04 0.56 -16.59
C VAL C 103 46.25 -0.75 -15.83
N GLY C 104 46.44 -1.84 -16.56
CA GLY C 104 46.70 -3.13 -15.93
C GLY C 104 45.48 -4.01 -15.70
N ASP C 105 44.54 -3.57 -14.89
CA ASP C 105 43.38 -4.36 -14.51
C ASP C 105 42.09 -3.61 -14.83
N TYR C 106 41.01 -4.38 -14.99
CA TYR C 106 39.73 -3.84 -15.38
C TYR C 106 38.63 -4.71 -14.78
N TRP C 107 37.40 -4.19 -14.79
CA TRP C 107 36.25 -4.97 -14.34
C TRP C 107 34.99 -4.43 -15.03
N MET C 108 33.93 -5.22 -14.93
CA MET C 108 32.67 -4.88 -15.59
C MET C 108 31.85 -3.91 -14.75
N SER C 109 31.39 -2.83 -15.38
CA SER C 109 30.53 -1.89 -14.69
C SER C 109 29.06 -2.22 -14.86
N HIS C 110 28.65 -2.67 -16.04
CA HIS C 110 27.23 -2.90 -16.25
C HIS C 110 27.00 -4.01 -17.28
N GLY C 111 26.21 -5.00 -16.90
CA GLY C 111 25.79 -6.01 -17.85
C GLY C 111 24.29 -6.01 -17.96
N GLY C 112 23.77 -5.64 -19.13
CA GLY C 112 22.35 -5.48 -19.26
C GLY C 112 21.78 -6.01 -20.56
N VAL C 113 20.59 -6.56 -20.48
CA VAL C 113 19.80 -6.91 -21.65
C VAL C 113 18.87 -5.75 -21.96
N LEU C 114 18.82 -5.38 -23.24
CA LEU C 114 18.04 -4.27 -23.74
C LEU C 114 17.04 -4.82 -24.75
N GLU C 115 15.80 -4.39 -24.63
CA GLU C 115 14.72 -4.85 -25.50
C GLU C 115 14.00 -3.61 -26.02
N ARG C 116 13.82 -3.54 -27.34
CA ARG C 116 13.17 -2.39 -27.96
C ARG C 116 12.24 -2.94 -29.02
N GLY C 117 10.94 -2.86 -28.76
CA GLY C 117 9.95 -3.44 -29.63
C GLY C 117 9.30 -2.44 -30.57
N PRO C 118 8.10 -2.76 -31.05
CA PRO C 118 7.43 -1.89 -32.02
C PRO C 118 7.15 -0.51 -31.44
N GLY C 119 7.27 0.51 -32.30
CA GLY C 119 6.99 1.88 -31.91
C GLY C 119 8.11 2.61 -31.22
N THR C 120 9.30 2.03 -31.13
CA THR C 120 10.38 2.63 -30.36
C THR C 120 10.91 3.88 -31.04
N PRO C 121 10.90 5.04 -30.38
CA PRO C 121 11.42 6.26 -31.00
C PRO C 121 12.92 6.20 -31.23
N ILE C 122 13.37 6.90 -32.28
CA ILE C 122 14.79 7.06 -32.54
C ILE C 122 15.45 7.83 -31.40
N GLN C 123 16.65 7.43 -31.04
CA GLN C 123 17.40 8.04 -29.94
C GLN C 123 18.19 9.25 -30.42
N SER C 124 18.45 10.17 -29.50
CA SER C 124 19.33 11.30 -29.77
C SER C 124 20.78 10.86 -29.85
N LEU C 125 21.55 11.50 -30.73
CA LEU C 125 22.98 11.20 -30.80
C LEU C 125 23.67 11.61 -29.50
N HIS C 126 24.57 10.75 -29.01
CA HIS C 126 25.10 10.92 -27.67
C HIS C 126 26.39 10.13 -27.50
N ARG C 127 27.03 10.31 -26.33
CA ARG C 127 28.20 9.56 -25.91
C ARG C 127 27.98 9.12 -24.47
N ASP C 128 28.07 7.81 -24.20
CA ASP C 128 27.74 7.31 -22.87
C ASP C 128 28.67 7.89 -21.80
N GLU C 129 29.92 8.16 -22.17
CA GLU C 129 30.89 8.66 -21.19
C GLU C 129 30.54 10.04 -20.70
N ALA C 130 29.51 10.67 -21.25
CA ALA C 130 29.02 11.93 -20.73
C ALA C 130 28.47 11.79 -19.31
N VAL C 131 28.29 10.57 -18.80
CA VAL C 131 27.86 10.44 -17.41
C VAL C 131 29.02 10.73 -16.46
N PHE C 132 30.20 11.02 -17.02
CA PHE C 132 31.42 11.32 -16.25
C PHE C 132 31.92 12.70 -16.70
N PRO C 133 31.37 13.78 -16.16
CA PRO C 133 31.70 15.10 -16.70
C PRO C 133 33.19 15.44 -16.66
N ALA C 134 33.91 15.00 -15.64
CA ALA C 134 35.33 15.29 -15.56
C ALA C 134 36.11 14.58 -16.66
N ILE C 135 35.67 13.38 -17.05
CA ILE C 135 36.32 12.68 -18.16
C ILE C 135 35.81 13.22 -19.49
N HIS C 136 34.50 13.44 -19.58
CA HIS C 136 33.90 13.87 -20.84
C HIS C 136 34.42 15.24 -21.28
N SER C 137 34.80 16.11 -20.33
CA SER C 137 35.30 17.43 -20.69
C SER C 137 36.69 17.38 -21.29
N LEU C 138 37.40 16.26 -21.18
CA LEU C 138 38.68 16.09 -21.85
C LEU C 138 38.55 15.77 -23.33
N SER C 139 37.34 15.51 -23.82
CA SER C 139 37.08 15.17 -25.21
C SER C 139 37.97 14.02 -25.69
N GLY C 140 38.52 14.13 -26.91
CA GLY C 140 39.20 13.01 -27.51
C GLY C 140 40.52 12.65 -26.85
N SER C 141 41.12 13.56 -26.10
CA SER C 141 42.38 13.32 -25.41
C SER C 141 42.21 12.68 -24.03
N GLY C 142 40.98 12.34 -23.64
CA GLY C 142 40.75 11.70 -22.37
C GLY C 142 41.21 10.24 -22.36
N PRO C 143 41.41 9.70 -21.16
CA PRO C 143 41.86 8.30 -21.03
C PRO C 143 40.78 7.33 -21.46
N PRO C 144 41.14 6.12 -21.84
CA PRO C 144 40.12 5.09 -22.09
C PRO C 144 39.39 4.76 -20.79
N VAL C 145 38.05 4.83 -20.83
CA VAL C 145 37.26 4.50 -19.65
C VAL C 145 36.23 3.42 -19.95
N MET C 146 35.22 3.75 -20.75
CA MET C 146 34.14 2.81 -21.04
C MET C 146 34.49 2.00 -22.27
N LEU C 147 34.30 0.68 -22.19
CA LEU C 147 34.38 -0.18 -23.36
C LEU C 147 33.13 -1.04 -23.42
N HIS C 148 32.36 -0.90 -24.50
CA HIS C 148 31.03 -1.47 -24.60
C HIS C 148 31.03 -2.59 -25.62
N PHE C 149 30.61 -3.79 -25.19
CA PHE C 149 30.37 -4.91 -26.07
C PHE C 149 28.87 -5.08 -26.23
N PHE C 150 28.38 -5.05 -27.45
CA PHE C 150 26.96 -5.01 -27.76
C PHE C 150 26.65 -6.25 -28.59
N ILE C 151 26.14 -7.30 -27.95
CA ILE C 151 25.89 -8.58 -28.58
C ILE C 151 24.46 -8.62 -29.10
N ALA C 152 24.29 -9.19 -30.30
CA ALA C 152 22.99 -9.29 -30.95
C ALA C 152 22.33 -10.61 -30.57
N LEU C 153 21.38 -10.56 -29.64
CA LEU C 153 20.55 -11.72 -29.34
C LEU C 153 19.42 -11.88 -30.34
N SER C 154 19.25 -10.91 -31.24
CA SER C 154 18.30 -10.98 -32.33
C SER C 154 18.92 -10.24 -33.51
N ASP C 155 18.26 -10.32 -34.66
CA ASP C 155 18.75 -9.60 -35.82
C ASP C 155 18.66 -8.10 -35.60
N PHE C 156 19.70 -7.39 -36.04
CA PHE C 156 19.80 -5.93 -35.94
C PHE C 156 19.62 -5.36 -37.34
N THR C 157 18.43 -4.83 -37.61
CA THR C 157 18.09 -4.26 -38.91
C THR C 157 17.80 -2.78 -38.76
N ALA C 158 18.08 -2.01 -39.82
CA ALA C 158 17.70 -0.60 -39.80
C ALA C 158 16.19 -0.43 -39.65
N GLU C 159 15.44 -1.43 -40.13
CA GLU C 159 13.99 -1.43 -39.98
C GLU C 159 13.55 -1.64 -38.54
N ASN C 160 14.32 -2.36 -37.73
CA ASN C 160 13.97 -2.55 -36.32
C ASN C 160 14.81 -1.68 -35.38
N GLY C 161 15.61 -0.78 -35.93
CA GLY C 161 16.31 0.20 -35.14
C GLY C 161 17.73 -0.17 -34.74
N ALA C 162 18.51 -0.69 -35.67
CA ALA C 162 19.90 -1.01 -35.39
C ALA C 162 20.68 0.26 -35.05
N THR C 163 21.62 0.13 -34.11
CA THR C 163 22.35 1.29 -33.63
C THR C 163 23.20 1.91 -34.75
N GLN C 164 23.23 3.23 -34.79
CA GLN C 164 24.03 3.98 -35.74
C GLN C 164 25.23 4.59 -35.02
N PHE C 165 26.34 4.74 -35.76
CA PHE C 165 27.58 5.21 -35.18
C PHE C 165 28.22 6.24 -36.11
N ILE C 166 29.07 7.08 -35.54
CA ILE C 166 29.91 7.99 -36.30
C ILE C 166 31.36 7.58 -36.05
N PRO C 167 31.97 6.86 -36.99
CA PRO C 167 33.36 6.44 -36.79
C PRO C 167 34.29 7.64 -36.70
N GLY C 168 35.29 7.51 -35.82
CA GLY C 168 36.26 8.56 -35.62
C GLY C 168 35.84 9.68 -34.70
N SER C 169 34.62 9.65 -34.17
CA SER C 169 34.11 10.71 -33.29
C SER C 169 34.67 10.66 -31.87
N HIS C 170 35.30 9.56 -31.47
CA HIS C 170 35.97 9.46 -30.18
C HIS C 170 37.24 10.28 -30.16
N LYS C 171 37.69 10.70 -31.35
CA LYS C 171 38.93 11.41 -31.64
C LYS C 171 38.77 12.92 -31.57
N TRP C 172 37.53 13.40 -31.56
CA TRP C 172 37.22 14.81 -31.75
C TRP C 172 37.70 15.68 -30.59
N ALA C 173 38.13 16.89 -30.92
CA ALA C 173 38.68 17.81 -29.93
C ALA C 173 37.61 18.43 -29.03
N ASP C 174 36.34 18.41 -29.42
CA ASP C 174 35.27 19.00 -28.64
C ASP C 174 34.10 18.02 -28.57
N PHE C 175 33.82 17.50 -27.36
CA PHE C 175 32.73 16.56 -27.16
C PHE C 175 31.39 17.24 -26.99
N ASN C 176 31.35 18.58 -26.97
CA ASN C 176 30.09 19.29 -27.08
C ASN C 176 29.47 19.12 -28.46
N ASP C 177 30.26 18.70 -29.44
CA ASP C 177 29.78 18.42 -30.78
C ASP C 177 29.41 16.94 -30.85
N ASN C 178 28.12 16.66 -30.99
CA ASN C 178 27.66 15.30 -31.16
C ASN C 178 27.54 14.91 -32.62
N GLY C 179 28.04 15.77 -33.48
CA GLY C 179 28.02 15.45 -34.87
C GLY C 179 26.61 15.57 -35.46
N THR C 180 26.42 15.04 -36.67
CA THR C 180 25.09 15.14 -37.32
C THR C 180 24.60 13.78 -37.75
N ARG C 181 23.29 13.62 -37.91
CA ARG C 181 22.70 12.28 -38.20
C ARG C 181 23.10 11.76 -39.57
N ASP C 182 23.78 12.56 -40.37
CA ASP C 182 24.12 12.14 -41.75
C ASP C 182 25.55 11.61 -41.78
N GLN C 183 26.27 11.76 -40.67
CA GLN C 183 27.62 11.17 -40.61
C GLN C 183 27.49 9.78 -40.00
N ALA C 184 26.26 9.39 -39.66
CA ALA C 184 26.06 8.11 -38.96
C ALA C 184 26.02 6.91 -39.90
N VAL C 185 26.65 5.81 -39.46
CA VAL C 185 26.62 4.53 -40.16
C VAL C 185 25.79 3.54 -39.34
N THR C 186 24.87 2.84 -39.98
CA THR C 186 24.10 1.80 -39.31
C THR C 186 24.95 0.56 -39.11
N ALA C 187 24.75 -0.12 -37.98
CA ALA C 187 25.44 -1.37 -37.67
C ALA C 187 24.45 -2.53 -37.85
N ILE C 188 24.55 -3.23 -38.98
CA ILE C 188 23.70 -4.39 -39.25
C ILE C 188 24.37 -5.63 -38.67
N LEU C 189 23.66 -6.32 -37.78
CA LEU C 189 24.18 -7.53 -37.13
C LEU C 189 23.13 -8.63 -37.22
N LYS C 190 23.58 -9.87 -37.43
CA LYS C 190 22.64 -10.99 -37.62
C LYS C 190 22.18 -11.60 -36.30
N ALA C 191 23.06 -12.35 -35.63
CA ALA C 191 22.70 -12.97 -34.35
C ALA C 191 23.94 -13.61 -33.75
N GLY C 192 24.26 -13.26 -32.51
CA GLY C 192 25.54 -13.66 -32.01
C GLY C 192 26.68 -12.85 -32.56
N GLU C 193 26.40 -11.94 -33.50
CA GLU C 193 27.36 -10.95 -33.92
C GLU C 193 27.44 -9.84 -32.88
N MET C 194 28.60 -9.21 -32.79
CA MET C 194 28.84 -8.22 -31.75
C MET C 194 29.33 -6.93 -32.38
N VAL C 195 29.05 -5.82 -31.73
CA VAL C 195 29.67 -4.55 -32.07
C VAL C 195 30.34 -4.00 -30.82
N ILE C 196 31.62 -3.66 -30.95
CA ILE C 196 32.39 -3.11 -29.85
C ILE C 196 32.56 -1.63 -30.11
N PHE C 197 32.42 -0.82 -29.06
CA PHE C 197 32.63 0.61 -29.22
C PHE C 197 33.09 1.22 -27.90
N THR C 198 33.63 2.42 -28.02
CA THR C 198 34.16 3.19 -26.91
C THR C 198 33.05 4.04 -26.30
N GLY C 199 33.25 4.46 -25.06
CA GLY C 199 32.30 5.40 -24.48
C GLY C 199 32.41 6.80 -25.03
N LYS C 200 33.44 7.07 -25.83
CA LYS C 200 33.64 8.37 -26.45
C LYS C 200 33.12 8.46 -27.88
N THR C 201 32.61 7.38 -28.46
CA THR C 201 32.13 7.39 -29.84
C THR C 201 30.66 7.76 -29.89
N VAL C 202 30.30 8.69 -30.78
CA VAL C 202 28.91 9.09 -30.91
C VAL C 202 28.09 7.94 -31.51
N HIS C 203 26.91 7.72 -30.95
CA HIS C 203 26.03 6.64 -31.37
C HIS C 203 24.60 6.97 -30.97
N CYS C 204 23.67 6.20 -31.51
CA CYS C 204 22.28 6.31 -31.12
C CYS C 204 21.55 5.03 -31.53
N GLY C 205 20.59 4.62 -30.71
CA GLY C 205 19.71 3.53 -31.12
C GLY C 205 18.72 3.99 -32.17
N GLY C 206 18.28 3.05 -33.01
CA GLY C 206 17.39 3.40 -34.08
C GLY C 206 15.92 3.30 -33.69
N ALA C 207 15.06 3.79 -34.59
CA ALA C 207 13.63 3.63 -34.44
C ALA C 207 13.20 2.27 -35.01
N ASN C 208 12.33 1.58 -34.26
CA ASN C 208 11.78 0.29 -34.66
C ASN C 208 10.39 0.48 -35.25
N SER C 209 10.32 0.66 -36.58
CA SER C 209 9.03 0.80 -37.24
C SER C 209 8.26 -0.51 -37.26
N THR C 210 8.96 -1.66 -37.20
CA THR C 210 8.31 -2.95 -37.37
C THR C 210 7.19 -3.14 -36.35
N LYS C 211 6.00 -3.46 -36.84
CA LYS C 211 4.80 -3.64 -36.02
C LYS C 211 4.82 -4.96 -35.28
N ASP C 212 5.85 -5.78 -35.50
CA ASP C 212 5.81 -7.21 -35.17
C ASP C 212 7.04 -7.69 -34.38
N SER C 213 8.19 -7.05 -34.59
CA SER C 213 9.46 -7.61 -34.15
C SER C 213 10.07 -6.81 -33.00
N VAL C 214 10.71 -7.51 -32.07
CA VAL C 214 11.38 -6.84 -30.92
C VAL C 214 12.89 -7.06 -31.02
N ARG C 215 13.68 -6.01 -30.84
CA ARG C 215 15.16 -6.09 -30.92
C ARG C 215 15.75 -6.43 -29.55
N ARG C 216 16.61 -7.44 -29.47
CA ARG C 216 17.22 -7.84 -28.17
C ARG C 216 18.74 -7.73 -28.25
N ALA C 217 19.32 -7.04 -27.28
CA ALA C 217 20.77 -6.92 -27.24
C ALA C 217 21.27 -7.18 -25.82
N LEU C 218 22.53 -7.60 -25.72
CA LEU C 218 23.21 -7.77 -24.45
C LEU C 218 24.44 -6.87 -24.42
N GLY C 219 24.43 -5.87 -23.55
CA GLY C 219 25.54 -4.95 -23.41
C GLY C 219 26.39 -5.32 -22.21
N MET C 220 27.71 -5.31 -22.42
CA MET C 220 28.71 -5.53 -21.38
C MET C 220 29.60 -4.29 -21.39
N ASN C 221 29.45 -3.44 -20.39
CA ASN C 221 30.17 -2.18 -20.28
C ASN C 221 31.25 -2.36 -19.21
N PHE C 222 32.50 -2.29 -19.65
CA PHE C 222 33.69 -2.43 -18.81
C PHE C 222 34.31 -1.06 -18.51
N HIS C 223 34.98 -1.00 -17.37
CA HIS C 223 35.67 0.13 -16.76
C HIS C 223 37.13 -0.25 -16.48
N PRO C 224 38.03 0.73 -16.46
CA PRO C 224 39.33 0.50 -15.83
C PRO C 224 39.16 0.36 -14.33
N TRP C 225 40.20 -0.19 -13.69
CA TRP C 225 40.09 -0.56 -12.29
C TRP C 225 39.68 0.61 -11.39
N TYR C 226 40.06 1.82 -11.74
CA TYR C 226 39.90 2.95 -10.83
C TYR C 226 38.56 3.66 -10.94
N VAL C 227 37.66 3.23 -11.81
CA VAL C 227 36.36 3.87 -11.99
C VAL C 227 35.27 2.99 -11.39
N THR C 228 34.39 3.59 -10.61
CA THR C 228 33.38 2.84 -9.87
C THR C 228 32.41 2.16 -10.81
N PRO C 229 32.19 0.85 -10.67
CA PRO C 229 31.17 0.18 -11.49
C PRO C 229 29.77 0.70 -11.18
N TYR C 230 28.93 0.73 -12.22
CA TYR C 230 27.54 1.12 -12.00
C TYR C 230 26.79 0.08 -11.17
N GLU C 231 27.08 -1.20 -11.40
CA GLU C 231 26.38 -2.27 -10.71
C GLU C 231 27.15 -2.73 -9.49
N ASN C 232 26.41 -2.98 -8.41
CA ASN C 232 26.91 -3.61 -7.21
C ASN C 232 26.40 -5.06 -7.21
N PHE C 233 27.32 -6.02 -7.07
CA PHE C 233 26.98 -7.43 -7.16
C PHE C 233 27.12 -8.16 -5.82
N TYR C 234 27.10 -7.44 -4.70
CA TYR C 234 27.29 -8.11 -3.42
C TYR C 234 26.04 -8.86 -2.94
N ASN C 235 24.87 -8.57 -3.49
CA ASN C 235 23.70 -9.39 -3.18
C ASN C 235 23.60 -10.63 -4.05
N THR C 236 24.58 -10.84 -4.92
CA THR C 236 24.64 -12.06 -5.71
C THR C 236 24.75 -13.26 -4.78
N PRO C 237 23.99 -14.33 -5.01
CA PRO C 237 24.01 -15.46 -4.08
C PRO C 237 25.40 -16.08 -3.99
N ARG C 238 25.75 -16.50 -2.77
CA ARG C 238 27.13 -16.88 -2.50
C ARG C 238 27.55 -18.12 -3.28
N GLU C 239 26.64 -19.05 -3.52
CA GLU C 239 27.02 -20.26 -4.25
C GLU C 239 27.06 -20.06 -5.76
N VAL C 240 26.44 -19.01 -6.30
CA VAL C 240 26.68 -18.72 -7.71
C VAL C 240 28.01 -18.00 -7.87
N VAL C 241 28.38 -17.14 -6.91
CA VAL C 241 29.70 -16.51 -6.97
C VAL C 241 30.79 -17.56 -6.79
N GLU C 242 30.55 -18.55 -5.92
CA GLU C 242 31.54 -19.59 -5.70
C GLU C 242 31.66 -20.53 -6.89
N SER C 243 30.65 -20.58 -7.75
CA SER C 243 30.69 -21.36 -8.98
C SER C 243 31.47 -20.69 -10.10
N MET C 244 31.80 -19.41 -9.96
CA MET C 244 32.43 -18.66 -11.03
C MET C 244 33.94 -18.81 -10.99
N THR C 245 34.57 -18.63 -12.15
CA THR C 245 36.02 -18.63 -12.22
C THR C 245 36.53 -17.36 -11.52
N PRO C 246 37.76 -17.41 -10.97
CA PRO C 246 38.30 -16.20 -10.31
C PRO C 246 38.37 -15.00 -11.23
N LEU C 247 38.61 -15.19 -12.53
CA LEU C 247 38.56 -14.06 -13.46
C LEU C 247 37.15 -13.47 -13.51
N ALA C 248 36.13 -14.32 -13.67
CA ALA C 248 34.76 -13.84 -13.69
C ALA C 248 34.36 -13.24 -12.34
N GLN C 249 34.92 -13.78 -11.25
CA GLN C 249 34.65 -13.18 -9.94
C GLN C 249 35.26 -11.80 -9.82
N ARG C 250 36.45 -11.61 -10.38
CA ARG C 250 37.05 -10.27 -10.38
C ARG C 250 36.23 -9.31 -11.24
N MET C 251 35.61 -9.82 -12.32
CA MET C 251 34.82 -8.94 -13.18
C MET C 251 33.63 -8.35 -12.46
N ILE C 252 33.09 -9.06 -11.47
CA ILE C 252 31.91 -8.60 -10.75
C ILE C 252 32.25 -8.06 -9.36
N GLY C 253 33.52 -7.74 -9.13
CA GLY C 253 33.91 -7.03 -7.93
C GLY C 253 34.15 -7.86 -6.69
N TRP C 254 34.24 -9.18 -6.81
CA TRP C 254 34.51 -10.06 -5.67
C TRP C 254 35.99 -10.38 -5.47
N ARG C 255 36.88 -9.91 -6.33
CA ARG C 255 38.32 -10.08 -6.13
C ARG C 255 39.03 -8.75 -6.25
N THR C 256 40.22 -8.66 -5.65
CA THR C 256 40.99 -7.43 -5.72
C THR C 256 41.60 -7.24 -7.12
N LEU C 257 41.73 -5.98 -7.52
CA LEU C 257 42.37 -5.59 -8.76
C LEU C 257 43.87 -5.38 -8.54
N HIS C 258 44.62 -5.54 -9.63
CA HIS C 258 46.08 -5.40 -9.59
C HIS C 258 46.52 -4.44 -10.69
N PRO C 259 46.30 -3.14 -10.49
CA PRO C 259 46.76 -2.16 -11.47
C PRO C 259 48.28 -2.15 -11.59
N HIS C 260 48.76 -1.86 -12.80
CA HIS C 260 50.20 -1.66 -12.98
C HIS C 260 50.66 -0.46 -12.17
N SER C 261 49.79 0.53 -11.96
CA SER C 261 50.12 1.70 -11.16
C SER C 261 50.43 1.31 -9.72
N HIS C 262 49.42 0.77 -9.01
CA HIS C 262 49.59 0.27 -7.65
C HIS C 262 49.62 -1.26 -7.71
N SER C 263 50.81 -1.80 -8.02
CA SER C 263 50.93 -3.22 -8.30
C SER C 263 50.58 -4.09 -7.10
N PHE C 264 50.75 -3.57 -5.88
CA PHE C 264 50.47 -4.37 -4.69
C PHE C 264 49.00 -4.78 -4.61
N GLY C 265 48.12 -3.98 -5.19
CA GLY C 265 46.71 -4.31 -5.24
C GLY C 265 45.82 -3.12 -4.92
N TRP C 266 44.56 -3.25 -5.30
CA TRP C 266 43.53 -2.25 -5.03
C TRP C 266 42.24 -3.00 -4.77
N TRP C 267 41.33 -2.34 -4.02
CA TRP C 267 40.05 -2.96 -3.64
C TRP C 267 40.29 -4.15 -2.69
N LEU C 268 41.06 -3.89 -1.63
CA LEU C 268 41.49 -4.92 -0.69
C LEU C 268 40.64 -4.89 0.57
N ILE C 269 40.75 -5.97 1.34
CA ILE C 269 40.17 -6.06 2.67
C ILE C 269 41.33 -6.28 3.63
N ARG C 270 41.58 -5.29 4.49
CA ARG C 270 42.68 -5.33 5.47
C ARG C 270 44.02 -5.60 4.79
N ASN C 271 44.22 -4.95 3.64
CA ASN C 271 45.44 -5.09 2.83
C ASN C 271 45.69 -6.53 2.43
N ALA C 272 44.62 -7.30 2.25
CA ALA C 272 44.69 -8.69 1.83
C ALA C 272 43.68 -8.91 0.72
N GLU C 273 43.84 -10.00 -0.02
CA GLU C 273 42.94 -10.26 -1.13
C GLU C 273 41.51 -10.37 -0.63
N ALA C 274 40.59 -9.68 -1.32
CA ALA C 274 39.25 -9.48 -0.79
C ALA C 274 38.44 -10.76 -0.85
N GLY C 275 38.49 -11.48 -1.97
CA GLY C 275 37.69 -12.68 -2.11
C GLY C 275 38.09 -13.76 -1.12
N GLN C 276 39.40 -13.90 -0.88
CA GLN C 276 39.85 -14.81 0.17
C GLN C 276 39.38 -14.32 1.54
N ALA C 277 39.32 -13.01 1.74
CA ALA C 277 38.95 -12.44 3.03
C ALA C 277 37.50 -12.70 3.39
N LEU C 278 36.63 -12.90 2.40
CA LEU C 278 35.22 -13.15 2.66
C LEU C 278 34.79 -14.56 2.28
N GLY C 279 35.73 -15.53 2.31
CA GLY C 279 35.39 -16.94 2.27
C GLY C 279 35.56 -17.64 0.94
N LEU C 280 35.94 -16.94 -0.12
CA LEU C 280 36.15 -17.62 -1.39
C LEU C 280 37.47 -18.38 -1.40
N LYS C 281 37.65 -19.20 -2.43
CA LYS C 281 38.88 -19.96 -2.61
C LYS C 281 40.05 -19.03 -2.89
N PRO C 282 41.27 -19.43 -2.51
CA PRO C 282 42.51 -18.72 -2.84
C PRO C 282 42.64 -18.43 -4.34
N ALA D 5 9.22 30.64 -3.73
CA ALA D 5 10.57 30.98 -3.26
C ALA D 5 10.89 30.33 -1.91
N ILE D 6 10.03 29.43 -1.46
CA ILE D 6 10.36 28.54 -0.35
C ILE D 6 10.95 27.27 -0.95
N ARG D 7 12.15 26.91 -0.52
CA ARG D 7 12.81 25.72 -1.05
C ARG D 7 12.20 24.49 -0.38
N HIS D 8 11.71 23.54 -1.19
CA HIS D 8 11.29 22.27 -0.60
C HIS D 8 12.49 21.36 -0.41
N ALA D 9 13.01 20.79 -1.50
CA ALA D 9 14.25 20.03 -1.56
C ALA D 9 14.57 19.25 -0.28
N ASN D 10 13.60 18.50 0.27
CA ASN D 10 13.72 17.93 1.60
C ASN D 10 13.35 16.45 1.64
N LYS D 11 13.98 15.64 0.79
CA LYS D 11 13.83 14.18 0.86
C LYS D 11 15.13 13.51 1.27
N ALA D 12 16.20 13.70 0.50
CA ALA D 12 17.54 13.26 0.87
C ALA D 12 18.27 14.28 1.72
N THR D 13 17.64 15.42 2.02
CA THR D 13 18.26 16.47 2.81
C THR D 13 18.39 16.08 4.27
N SER D 14 19.54 16.41 4.86
CA SER D 14 19.75 16.21 6.29
C SER D 14 19.01 17.28 7.08
N SER D 15 18.71 16.96 8.33
CA SER D 15 18.04 17.93 9.19
C SER D 15 18.91 19.13 9.54
N ASP D 16 20.24 18.97 9.57
CA ASP D 16 21.08 20.12 9.86
C ASP D 16 20.90 21.20 8.79
N GLU D 17 20.72 20.78 7.53
CA GLU D 17 20.38 21.75 6.50
C GLU D 17 18.94 22.23 6.63
N ILE D 18 18.04 21.42 7.21
CA ILE D 18 16.69 21.92 7.47
C ILE D 18 16.73 23.05 8.50
N VAL D 19 17.54 22.87 9.53
CA VAL D 19 17.73 23.92 10.53
C VAL D 19 18.38 25.14 9.90
N GLN D 20 19.29 24.91 8.95
CA GLN D 20 19.94 26.04 8.28
C GLN D 20 18.95 26.84 7.44
N ILE D 21 18.08 26.15 6.68
CA ILE D 21 17.06 26.86 5.92
C ILE D 21 16.11 27.59 6.85
N LEU D 22 15.80 26.98 8.01
CA LEU D 22 14.93 27.65 8.97
C LEU D 22 15.57 28.91 9.52
N GLU D 23 16.89 28.88 9.71
CA GLU D 23 17.59 30.06 10.22
C GLU D 23 17.69 31.15 9.17
N GLU D 24 17.86 30.78 7.90
CA GLU D 24 18.01 31.81 6.87
C GLU D 24 16.68 32.37 6.40
N ASP D 25 15.67 31.52 6.21
CA ASP D 25 14.42 31.96 5.58
C ASP D 25 13.23 32.01 6.53
N GLY D 26 13.27 31.30 7.65
CA GLY D 26 12.16 31.29 8.58
C GLY D 26 11.05 30.33 8.25
N VAL D 27 11.18 29.57 7.16
CA VAL D 27 10.17 28.61 6.74
C VAL D 27 10.84 27.61 5.81
N VAL D 28 10.37 26.36 5.87
CA VAL D 28 10.93 25.30 5.04
C VAL D 28 9.83 24.30 4.76
N ILE D 29 9.91 23.64 3.60
CA ILE D 29 8.92 22.66 3.20
C ILE D 29 9.58 21.28 3.13
N VAL D 30 9.08 20.36 3.95
CA VAL D 30 9.54 18.98 4.00
C VAL D 30 8.61 18.13 3.14
N GLU D 31 9.11 17.66 2.01
CA GLU D 31 8.40 16.73 1.15
C GLU D 31 8.42 15.33 1.76
N SER D 32 7.37 14.56 1.45
CA SER D 32 7.30 13.13 1.80
C SER D 32 7.49 12.90 3.28
N PHE D 33 6.97 13.81 4.11
CA PHE D 33 7.19 13.72 5.55
C PHE D 33 6.41 12.55 6.15
N LEU D 34 5.12 12.46 5.86
CA LEU D 34 4.27 11.39 6.36
C LEU D 34 3.95 10.45 5.21
N SER D 35 3.99 9.15 5.47
CA SER D 35 3.55 8.19 4.49
C SER D 35 2.07 8.38 4.22
N SER D 36 1.65 8.07 2.99
CA SER D 36 0.24 8.23 2.66
C SER D 36 -0.64 7.33 3.54
N ASP D 37 -0.12 6.17 3.95
CA ASP D 37 -0.84 5.34 4.90
C ASP D 37 -0.94 6.03 6.25
N LEU D 38 0.11 6.75 6.66
CA LEU D 38 0.03 7.49 7.92
C LEU D 38 -1.02 8.59 7.84
N VAL D 39 -1.12 9.27 6.69
CA VAL D 39 -2.14 10.31 6.54
C VAL D 39 -3.53 9.68 6.56
N GLN D 40 -3.68 8.50 5.96
CA GLN D 40 -5.00 7.87 5.97
C GLN D 40 -5.37 7.41 7.37
N LYS D 41 -4.40 6.89 8.12
CA LYS D 41 -4.65 6.49 9.49
C LYS D 41 -4.99 7.69 10.36
N LEU D 42 -4.27 8.79 10.18
CA LEU D 42 -4.54 9.99 10.96
C LEU D 42 -5.93 10.54 10.67
N ASN D 43 -6.29 10.62 9.39
CA ASN D 43 -7.60 11.14 9.04
C ASN D 43 -8.70 10.23 9.58
N ASP D 44 -8.46 8.91 9.58
CA ASP D 44 -9.49 8.00 10.10
C ASP D 44 -9.67 8.16 11.60
N GLU D 45 -8.58 8.27 12.36
CA GLU D 45 -8.72 8.49 13.80
C GLU D 45 -9.30 9.86 14.11
N LEU D 46 -9.05 10.85 13.25
CA LEU D 46 -9.45 12.21 13.55
C LEU D 46 -10.90 12.50 13.18
N ASP D 47 -11.42 11.81 12.17
CA ASP D 47 -12.77 12.11 11.68
C ASP D 47 -13.86 11.95 12.74
N PRO D 48 -13.96 10.83 13.51
CA PRO D 48 -15.05 10.70 14.46
C PRO D 48 -15.04 11.80 15.50
N HIS D 49 -13.84 12.15 15.97
CA HIS D 49 -13.75 13.15 17.07
C HIS D 49 -14.25 14.49 16.53
N LEU D 50 -13.96 14.78 15.26
CA LEU D 50 -14.36 16.09 14.69
C LEU D 50 -15.86 16.07 14.45
N ALA D 51 -16.37 14.97 13.90
CA ALA D 51 -17.80 14.82 13.64
C ALA D 51 -18.62 14.92 14.91
N ALA D 52 -18.04 14.50 16.05
CA ALA D 52 -18.78 14.54 17.29
C ALA D 52 -18.72 15.89 17.98
N LEU D 53 -17.82 16.79 17.56
CA LEU D 53 -17.92 18.15 18.10
C LEU D 53 -18.91 19.02 17.33
N TYR D 54 -19.14 18.76 16.05
CA TYR D 54 -19.88 19.67 15.18
C TYR D 54 -21.09 18.95 14.60
N ASP D 55 -22.24 19.13 15.25
CA ASP D 55 -23.49 18.56 14.74
C ASP D 55 -24.03 19.47 13.64
N PRO D 56 -24.19 18.98 12.41
CA PRO D 56 -24.74 19.83 11.35
C PRO D 56 -26.13 20.39 11.66
N VAL D 57 -26.95 19.62 12.37
CA VAL D 57 -28.27 20.10 12.78
C VAL D 57 -28.10 20.89 14.06
N SER D 58 -28.56 22.13 14.06
CA SER D 58 -28.44 22.99 15.23
C SER D 58 -29.66 23.90 15.28
N GLY D 59 -30.30 23.96 16.44
CA GLY D 59 -31.38 24.90 16.64
C GLY D 59 -30.82 26.25 16.96
N GLU D 60 -30.20 26.88 15.96
CA GLU D 60 -29.43 28.11 16.12
C GLU D 60 -28.27 27.88 17.08
N SER D 61 -28.57 27.58 18.35
CA SER D 61 -27.58 27.30 19.38
C SER D 61 -26.49 28.36 19.40
N ALA D 62 -25.28 27.99 18.98
CA ALA D 62 -24.22 28.99 18.77
C ALA D 62 -24.38 29.65 17.40
N TYR D 63 -24.12 28.89 16.33
CA TYR D 63 -24.31 29.42 14.97
C TYR D 63 -24.14 28.40 13.84
N HIS D 64 -24.86 28.66 12.73
CA HIS D 64 -24.90 27.72 11.61
C HIS D 64 -23.79 27.80 10.57
N PRO D 65 -23.34 28.99 10.09
CA PRO D 65 -22.33 28.96 9.01
C PRO D 65 -20.99 28.48 9.51
N VAL D 66 -20.67 27.22 9.26
CA VAL D 66 -19.48 26.58 9.81
C VAL D 66 -18.46 26.50 8.69
N THR D 67 -17.67 27.57 8.57
CA THR D 67 -16.54 27.58 7.64
C THR D 67 -15.26 27.08 8.29
N THR D 68 -15.28 26.80 9.59
CA THR D 68 -14.04 26.54 10.33
C THR D 68 -14.31 25.62 11.51
N LYS D 69 -13.41 24.64 11.70
CA LYS D 69 -13.43 23.71 12.81
C LYS D 69 -11.99 23.62 13.24
N GLN D 70 -11.69 23.54 14.54
CA GLN D 70 -10.39 22.91 14.74
C GLN D 70 -10.48 22.28 16.12
N MET D 71 -9.50 21.43 16.43
CA MET D 71 -9.56 20.56 17.60
C MET D 71 -8.18 20.36 18.18
N ASN D 72 -8.10 20.28 19.50
CA ASN D 72 -6.83 20.07 20.18
C ASN D 72 -7.05 18.97 21.23
N ASP D 73 -6.11 18.86 22.17
CA ASP D 73 -6.05 17.70 23.08
C ASP D 73 -5.91 16.41 22.28
N LEU D 74 -5.03 16.47 21.28
CA LEU D 74 -4.81 15.32 20.40
C LEU D 74 -4.34 14.04 21.11
N PRO D 75 -3.41 14.07 22.08
CA PRO D 75 -2.96 12.78 22.66
C PRO D 75 -4.07 11.94 23.25
N ALA D 76 -5.09 12.55 23.85
CA ALA D 76 -6.23 11.76 24.34
C ALA D 76 -7.04 11.18 23.19
N ARG D 77 -7.03 11.82 22.02
CA ARG D 77 -7.94 11.50 20.93
C ARG D 77 -7.34 10.60 19.86
N SER D 78 -6.02 10.64 19.64
CA SER D 78 -5.41 9.94 18.52
C SER D 78 -4.19 9.15 18.99
N GLN D 79 -4.19 7.84 18.69
CA GLN D 79 -3.04 7.01 19.01
C GLN D 79 -1.86 7.31 18.09
N THR D 80 -2.14 7.53 16.80
CA THR D 80 -1.05 7.80 15.86
C THR D 80 -0.34 9.11 16.20
N PHE D 81 -1.09 10.13 16.66
CA PHE D 81 -0.45 11.33 17.18
C PHE D 81 0.28 11.03 18.47
N ARG D 82 -0.27 10.14 19.29
CA ARG D 82 0.32 9.81 20.58
C ARG D 82 1.69 9.18 20.43
N GLN D 83 1.87 8.34 19.42
CA GLN D 83 3.08 7.56 19.25
C GLN D 83 3.94 8.07 18.10
N ASP D 84 3.39 8.12 16.88
CA ASP D 84 4.22 8.35 15.70
C ASP D 84 4.71 9.79 15.63
N LEU D 85 3.80 10.76 15.80
CA LEU D 85 4.19 12.15 15.60
C LEU D 85 5.04 12.68 16.75
N LEU D 86 4.65 12.37 18.00
CA LEU D 86 5.36 12.87 19.15
C LEU D 86 6.75 12.26 19.31
N ASN D 87 7.01 11.13 18.66
CA ASN D 87 8.31 10.48 18.67
C ASN D 87 9.04 10.61 17.34
N ASN D 88 8.50 11.40 16.40
CA ASN D 88 9.10 11.49 15.08
C ASN D 88 10.52 12.02 15.16
N THR D 89 11.44 11.33 14.49
CA THR D 89 12.84 11.68 14.64
C THR D 89 13.17 13.03 14.00
N LEU D 90 12.52 13.35 12.88
CA LEU D 90 12.79 14.63 12.22
C LEU D 90 12.30 15.81 13.05
N ILE D 91 11.12 15.71 13.69
CA ILE D 91 10.64 16.83 14.51
C ILE D 91 11.63 17.11 15.62
N HIS D 92 12.14 16.05 16.25
CA HIS D 92 13.01 16.22 17.41
C HIS D 92 14.41 16.66 17.00
N LYS D 93 14.93 16.19 15.87
CA LYS D 93 16.23 16.65 15.42
C LYS D 93 16.16 18.13 15.07
N VAL D 94 15.10 18.55 14.38
CA VAL D 94 14.94 19.98 14.08
C VAL D 94 14.70 20.79 15.35
N CYS D 95 14.02 20.22 16.35
CA CYS D 95 13.80 20.94 17.60
C CYS D 95 15.11 21.18 18.32
N GLU D 96 15.94 20.13 18.43
CA GLU D 96 17.22 20.28 19.10
C GLU D 96 18.10 21.28 18.35
N GLY D 97 18.09 21.24 17.01
CA GLY D 97 18.91 22.17 16.26
C GLY D 97 18.43 23.60 16.32
N PHE D 98 17.11 23.80 16.43
CA PHE D 98 16.53 25.13 16.47
C PHE D 98 16.73 25.78 17.83
N TYR D 99 16.58 25.02 18.91
CA TYR D 99 16.77 25.62 20.22
C TYR D 99 18.25 25.73 20.57
N GLY D 100 19.08 24.78 20.16
CA GLY D 100 20.51 24.94 20.22
C GLY D 100 21.09 24.84 21.62
N PRO D 101 22.25 25.47 21.82
CA PRO D 101 22.99 25.31 23.07
C PRO D 101 22.24 25.87 24.28
N THR D 102 21.87 27.15 24.21
CA THR D 102 21.39 27.85 25.40
C THR D 102 20.04 27.35 25.91
N VAL D 103 19.21 26.72 25.06
CA VAL D 103 17.91 26.27 25.53
C VAL D 103 18.01 24.90 26.18
N GLY D 104 18.39 23.88 25.41
CA GLY D 104 18.55 22.54 25.95
C GLY D 104 17.34 21.63 25.83
N ASP D 105 16.22 21.99 26.49
CA ASP D 105 15.04 21.15 26.51
C ASP D 105 13.83 21.93 26.03
N TYR D 106 12.82 21.19 25.57
CA TYR D 106 11.63 21.78 24.97
C TYR D 106 10.44 20.87 25.23
N TRP D 107 9.25 21.40 25.01
CA TRP D 107 8.02 20.63 25.10
C TRP D 107 6.96 21.24 24.18
N MET D 108 5.90 20.49 23.97
CA MET D 108 4.86 20.91 23.04
C MET D 108 3.88 21.87 23.71
N SER D 109 3.63 22.99 23.05
CA SER D 109 2.66 23.95 23.56
C SER D 109 1.26 23.69 23.03
N HIS D 110 1.13 23.30 21.76
CA HIS D 110 -0.21 23.17 21.18
C HIS D 110 -0.21 22.14 20.06
N GLY D 111 -1.11 21.18 20.16
CA GLY D 111 -1.31 20.25 19.06
C GLY D 111 -2.74 20.26 18.55
N GLY D 112 -2.94 20.73 17.32
CA GLY D 112 -4.29 20.89 16.83
C GLY D 112 -4.54 20.55 15.37
N VAL D 113 -5.71 19.98 15.08
CA VAL D 113 -6.18 19.75 13.71
C VAL D 113 -7.10 20.91 13.32
N LEU D 114 -6.78 21.56 12.20
CA LEU D 114 -7.46 22.77 11.72
C LEU D 114 -8.10 22.49 10.37
N GLU D 115 -9.36 22.89 10.24
CA GLU D 115 -10.15 22.70 9.04
C GLU D 115 -10.81 24.02 8.67
N ARG D 116 -10.67 24.40 7.41
CA ARG D 116 -11.40 25.54 6.88
C ARG D 116 -11.90 25.15 5.49
N GLY D 117 -13.22 25.16 5.35
CA GLY D 117 -13.88 24.75 4.13
C GLY D 117 -14.27 25.95 3.29
N PRO D 118 -15.17 25.73 2.34
CA PRO D 118 -15.46 26.78 1.35
C PRO D 118 -15.97 28.06 2.00
N GLY D 119 -15.55 29.18 1.44
CA GLY D 119 -15.95 30.48 1.95
C GLY D 119 -15.13 31.01 3.11
N THR D 120 -13.96 30.45 3.37
CA THR D 120 -13.14 30.93 4.48
C THR D 120 -12.44 32.22 4.10
N PRO D 121 -12.63 33.31 4.84
CA PRO D 121 -11.94 34.56 4.52
C PRO D 121 -10.44 34.48 4.74
N ILE D 122 -9.73 35.31 3.98
CA ILE D 122 -8.28 35.34 4.06
C ILE D 122 -7.82 35.95 5.37
N GLN D 123 -6.72 35.44 5.90
CA GLN D 123 -6.16 35.90 7.17
C GLN D 123 -5.27 37.13 6.98
N SER D 124 -5.18 37.92 8.04
CA SER D 124 -4.20 39.00 8.07
C SER D 124 -2.79 38.46 8.24
N LEU D 125 -1.82 39.12 7.59
CA LEU D 125 -0.41 38.80 7.83
C LEU D 125 -0.06 39.09 9.28
N HIS D 126 0.64 38.16 9.92
CA HIS D 126 0.83 38.22 11.36
C HIS D 126 2.01 37.34 11.77
N ARG D 127 2.30 37.36 13.07
CA ARG D 127 3.33 36.52 13.66
C ARG D 127 2.73 35.92 14.93
N ASP D 128 2.78 34.59 15.07
CA ASP D 128 2.14 33.96 16.22
C ASP D 128 2.75 34.43 17.54
N GLU D 129 4.05 34.73 17.54
CA GLU D 129 4.72 35.14 18.76
C GLU D 129 4.25 36.50 19.25
N ALA D 130 3.31 37.13 18.54
CA ALA D 130 2.66 38.34 19.05
C ALA D 130 1.89 38.06 20.34
N VAL D 131 1.57 36.80 20.62
CA VAL D 131 0.87 36.47 21.86
C VAL D 131 1.76 36.67 23.10
N PHE D 132 3.06 36.90 22.91
CA PHE D 132 4.01 37.14 24.00
C PHE D 132 4.67 38.50 23.77
N PRO D 133 4.01 39.59 24.19
CA PRO D 133 4.53 40.93 23.86
C PRO D 133 5.95 41.20 24.35
N ALA D 134 6.36 40.65 25.48
CA ALA D 134 7.71 40.89 25.98
C ALA D 134 8.77 40.26 25.07
N ILE D 135 8.44 39.13 24.42
CA ILE D 135 9.34 38.54 23.45
C ILE D 135 9.20 39.24 22.10
N HIS D 136 7.96 39.55 21.71
CA HIS D 136 7.69 40.14 20.41
C HIS D 136 8.35 41.51 20.27
N SER D 137 8.50 42.23 21.39
CA SER D 137 9.04 43.58 21.34
C SER D 137 10.55 43.60 21.04
N LEU D 138 11.23 42.46 21.19
CA LEU D 138 12.62 42.37 20.77
C LEU D 138 12.78 42.14 19.27
N SER D 139 11.68 41.89 18.55
CA SER D 139 11.70 41.67 17.11
C SER D 139 12.74 40.62 16.72
N GLY D 140 13.48 40.88 15.65
CA GLY D 140 14.33 39.84 15.07
C GLY D 140 15.54 39.50 15.91
N SER D 141 15.85 40.28 16.94
CA SER D 141 16.93 39.94 17.84
C SER D 141 16.49 39.01 18.97
N GLY D 142 15.22 38.64 19.04
CA GLY D 142 14.71 37.82 20.11
C GLY D 142 15.13 36.37 20.06
N PRO D 143 15.10 35.70 21.20
CA PRO D 143 15.47 34.28 21.28
C PRO D 143 14.45 33.39 20.61
N PRO D 144 14.85 32.17 20.18
CA PRO D 144 13.86 31.24 19.60
C PRO D 144 12.83 30.81 20.63
N VAL D 145 11.55 30.91 20.26
CA VAL D 145 10.48 30.50 21.18
C VAL D 145 9.55 29.47 20.54
N MET D 146 8.80 29.88 19.51
CA MET D 146 7.80 29.02 18.91
C MET D 146 8.39 28.32 17.69
N LEU D 147 8.18 27.00 17.60
CA LEU D 147 8.52 26.26 16.39
C LEU D 147 7.28 25.51 15.94
N HIS D 148 6.86 25.74 14.70
CA HIS D 148 5.56 25.29 14.20
C HIS D 148 5.75 24.28 13.09
N PHE D 149 5.27 23.06 13.31
CA PHE D 149 5.26 22.00 12.31
C PHE D 149 3.83 21.87 11.79
N PHE D 150 3.63 22.16 10.51
CA PHE D 150 2.31 22.20 9.89
C PHE D 150 2.23 21.04 8.90
N ILE D 151 1.54 19.98 9.29
CA ILE D 151 1.40 18.80 8.45
C ILE D 151 0.14 18.95 7.61
N ALA D 152 0.27 18.66 6.32
CA ALA D 152 -0.89 18.70 5.42
C ALA D 152 -1.64 17.38 5.53
N LEU D 153 -2.87 17.43 6.04
CA LEU D 153 -3.75 16.27 6.01
C LEU D 153 -4.58 16.19 4.73
N SER D 154 -4.51 17.23 3.90
CA SER D 154 -5.16 17.24 2.60
C SER D 154 -4.26 18.00 1.63
N ASP D 155 -4.69 18.10 0.39
CA ASP D 155 -3.96 18.91 -0.58
C ASP D 155 -4.02 20.38 -0.16
N PHE D 156 -2.95 21.11 -0.40
CA PHE D 156 -2.74 22.47 0.08
C PHE D 156 -2.50 23.25 -1.21
N THR D 157 -3.58 23.79 -1.76
CA THR D 157 -3.56 24.52 -3.02
C THR D 157 -3.75 26.02 -2.80
N ALA D 158 -3.30 26.81 -3.78
CA ALA D 158 -3.61 28.24 -3.75
C ALA D 158 -5.11 28.48 -3.85
N GLU D 159 -5.83 27.53 -4.42
CA GLU D 159 -7.25 27.68 -4.70
C GLU D 159 -8.14 27.38 -3.49
N ASN D 160 -7.68 26.52 -2.57
CA ASN D 160 -8.36 26.33 -1.30
C ASN D 160 -7.71 27.10 -0.16
N GLY D 161 -6.75 27.98 -0.49
CA GLY D 161 -6.11 28.88 0.46
C GLY D 161 -4.79 28.44 1.02
N ALA D 162 -3.82 28.09 0.18
CA ALA D 162 -2.54 27.65 0.74
C ALA D 162 -1.88 28.75 1.56
N THR D 163 -1.27 28.35 2.69
CA THR D 163 -0.72 29.30 3.63
C THR D 163 0.41 30.06 2.97
N GLN D 164 0.45 31.36 3.20
CA GLN D 164 1.46 32.21 2.60
C GLN D 164 2.47 32.64 3.65
N PHE D 165 3.71 32.83 3.21
CA PHE D 165 4.82 33.17 4.08
C PHE D 165 5.65 34.25 3.42
N ILE D 166 6.35 35.01 4.25
CA ILE D 166 7.32 36.00 3.81
C ILE D 166 8.70 35.55 4.30
N PRO D 167 9.52 34.97 3.43
CA PRO D 167 10.83 34.50 3.87
C PRO D 167 11.70 35.65 4.37
N GLY D 168 12.46 35.38 5.42
CA GLY D 168 13.35 36.35 6.00
C GLY D 168 12.69 37.33 6.95
N SER D 169 11.37 37.26 7.12
CA SER D 169 10.68 38.21 7.97
C SER D 169 10.93 37.96 9.45
N HIS D 170 11.52 36.81 9.80
CA HIS D 170 11.91 36.55 11.18
C HIS D 170 13.13 37.35 11.61
N LYS D 171 13.88 37.93 10.67
CA LYS D 171 15.08 38.68 11.01
C LYS D 171 14.86 40.19 11.05
N TRP D 172 13.64 40.66 10.76
CA TRP D 172 13.40 42.09 10.69
C TRP D 172 13.58 42.76 12.05
N ALA D 173 14.09 44.00 12.03
CA ALA D 173 14.38 44.74 13.25
C ALA D 173 13.14 45.29 13.93
N ASP D 174 12.01 45.40 13.24
CA ASP D 174 10.78 45.94 13.81
C ASP D 174 9.61 45.03 13.45
N PHE D 175 9.05 44.37 14.47
CA PHE D 175 7.95 43.43 14.26
C PHE D 175 6.60 44.11 14.18
N ASN D 176 6.52 45.43 14.36
CA ASN D 176 5.28 46.13 14.03
C ASN D 176 5.03 46.15 12.53
N ASP D 177 6.06 45.91 11.73
CA ASP D 177 5.91 45.80 10.29
C ASP D 177 5.71 44.32 9.97
N ASN D 178 4.48 43.96 9.57
CA ASN D 178 4.15 42.60 9.17
C ASN D 178 4.30 42.42 7.68
N GLY D 179 4.90 43.40 7.04
CA GLY D 179 5.17 43.34 5.63
C GLY D 179 3.91 43.56 4.83
N THR D 180 4.03 43.26 3.55
CA THR D 180 2.88 43.39 2.70
C THR D 180 2.76 42.11 1.89
N ARG D 181 1.59 42.00 1.39
CA ARG D 181 0.98 40.92 0.67
C ARG D 181 1.66 40.57 -0.67
N ASP D 182 2.34 41.52 -1.31
CA ASP D 182 3.10 41.21 -2.51
C ASP D 182 4.42 40.54 -2.16
N GLN D 183 4.81 40.54 -0.88
CA GLN D 183 5.98 39.84 -0.40
C GLN D 183 5.70 38.39 0.01
N ALA D 184 4.45 37.96 0.02
CA ALA D 184 4.10 36.64 0.52
C ALA D 184 4.19 35.58 -0.57
N VAL D 185 4.75 34.41 -0.23
CA VAL D 185 4.83 33.26 -1.12
C VAL D 185 3.90 32.17 -0.58
N THR D 186 3.08 31.62 -1.47
CA THR D 186 2.20 30.52 -1.11
C THR D 186 2.99 29.21 -0.98
N ALA D 187 2.60 28.38 -0.01
CA ALA D 187 3.20 27.07 0.22
C ALA D 187 2.25 25.98 -0.28
N ILE D 188 2.56 25.39 -1.44
CA ILE D 188 1.76 24.32 -2.01
C ILE D 188 2.23 23.00 -1.41
N LEU D 189 1.31 22.26 -0.78
CA LEU D 189 1.64 21.00 -0.15
C LEU D 189 0.67 19.92 -0.57
N LYS D 190 1.17 18.70 -0.80
CA LYS D 190 0.29 17.71 -1.39
C LYS D 190 -0.21 16.65 -0.40
N ALA D 191 0.66 15.75 0.05
CA ALA D 191 0.20 14.60 0.82
C ALA D 191 0.52 14.70 2.30
N GLY D 192 1.78 14.51 2.69
CA GLY D 192 2.17 14.74 4.07
C GLY D 192 2.83 16.09 4.19
N GLU D 193 3.92 16.23 3.43
CA GLU D 193 4.44 17.51 2.96
C GLU D 193 4.31 18.61 4.01
N MET D 194 5.01 18.41 5.12
CA MET D 194 4.99 19.37 6.21
C MET D 194 5.63 20.69 5.79
N VAL D 195 5.21 21.77 6.42
CA VAL D 195 5.92 23.05 6.36
C VAL D 195 6.24 23.48 7.78
N ILE D 196 7.51 23.82 8.01
CA ILE D 196 8.00 24.25 9.31
C ILE D 196 8.21 25.75 9.26
N PHE D 197 7.84 26.45 10.33
CA PHE D 197 8.09 27.89 10.41
C PHE D 197 8.23 28.33 11.86
N THR D 198 8.80 29.52 12.01
CA THR D 198 9.07 30.12 13.31
C THR D 198 7.88 30.97 13.76
N GLY D 199 7.84 31.26 15.06
CA GLY D 199 6.85 32.19 15.56
C GLY D 199 7.13 33.63 15.22
N LYS D 200 8.31 33.91 14.65
CA LYS D 200 8.68 35.23 14.19
C LYS D 200 8.46 35.44 12.70
N THR D 201 8.00 34.41 11.98
CA THR D 201 7.84 34.51 10.53
C THR D 201 6.46 35.06 10.20
N VAL D 202 6.41 36.08 9.34
CA VAL D 202 5.14 36.61 8.90
C VAL D 202 4.44 35.57 8.04
N HIS D 203 3.15 35.38 8.27
CA HIS D 203 2.39 34.40 7.51
C HIS D 203 0.92 34.75 7.61
N CYS D 204 0.13 34.08 6.77
CA CYS D 204 -1.33 34.16 6.85
C CYS D 204 -1.91 32.97 6.11
N GLY D 205 -3.03 32.46 6.61
CA GLY D 205 -3.77 31.45 5.88
C GLY D 205 -4.50 32.06 4.71
N GLY D 206 -4.77 31.23 3.70
CA GLY D 206 -5.43 31.72 2.51
C GLY D 206 -6.95 31.63 2.59
N ALA D 207 -7.59 32.25 1.61
CA ALA D 207 -9.04 32.14 1.46
C ALA D 207 -9.40 30.87 0.69
N ASN D 208 -10.49 30.22 1.10
CA ASN D 208 -10.96 29.03 0.40
C ASN D 208 -11.98 29.49 -0.61
N SER D 209 -11.49 29.81 -1.82
CA SER D 209 -12.34 30.26 -2.90
C SER D 209 -13.23 29.13 -3.42
N THR D 210 -12.78 27.89 -3.30
CA THR D 210 -13.53 26.76 -3.84
C THR D 210 -14.90 26.66 -3.20
N LYS D 211 -15.86 26.16 -3.97
CA LYS D 211 -17.18 25.83 -3.43
C LYS D 211 -17.22 24.46 -2.78
N ASP D 212 -16.14 23.67 -2.88
CA ASP D 212 -16.21 22.23 -2.65
C ASP D 212 -15.10 21.66 -1.79
N SER D 213 -13.97 22.33 -1.63
CA SER D 213 -12.77 21.73 -1.05
C SER D 213 -12.52 22.24 0.36
N VAL D 214 -12.17 21.32 1.26
CA VAL D 214 -11.82 21.69 2.63
C VAL D 214 -10.32 21.47 2.84
N ARG D 215 -9.62 22.58 3.23
CA ARG D 215 -8.25 22.53 3.79
C ARG D 215 -8.17 22.05 5.22
N ARG D 216 -7.30 21.05 5.45
CA ARG D 216 -7.09 20.40 6.74
C ARG D 216 -5.59 20.30 7.03
N ALA D 217 -5.22 20.61 8.27
CA ALA D 217 -3.84 20.66 8.69
C ALA D 217 -3.71 20.17 10.11
N LEU D 218 -2.52 19.72 10.47
CA LEU D 218 -2.18 19.36 11.85
C LEU D 218 -1.01 20.22 12.27
N GLY D 219 -1.24 21.13 13.22
CA GLY D 219 -0.20 22.01 13.71
C GLY D 219 0.35 21.48 15.02
N MET D 220 1.68 21.47 15.10
CA MET D 220 2.42 21.08 16.29
C MET D 220 3.29 22.27 16.66
N ASN D 221 2.93 22.99 17.71
CA ASN D 221 3.62 24.20 18.14
C ASN D 221 4.42 23.89 19.41
N PHE D 222 5.74 23.96 19.30
CA PHE D 222 6.68 23.68 20.38
C PHE D 222 7.23 24.97 20.98
N HIS D 223 7.60 24.88 22.26
CA HIS D 223 8.12 25.91 23.14
C HIS D 223 9.47 25.47 23.72
N PRO D 224 10.34 26.42 24.08
CA PRO D 224 11.45 26.09 24.97
C PRO D 224 10.92 25.80 26.36
N TRP D 225 11.76 25.16 27.18
CA TRP D 225 11.30 24.64 28.46
C TRP D 225 10.68 25.72 29.34
N TYR D 226 11.15 26.96 29.23
CA TYR D 226 10.76 28.02 30.16
C TYR D 226 9.49 28.78 29.76
N VAL D 227 8.86 28.46 28.63
CA VAL D 227 7.65 29.15 28.19
C VAL D 227 6.45 28.24 28.41
N THR D 228 5.41 28.79 29.03
CA THR D 228 4.25 28.00 29.44
C THR D 228 3.52 27.43 28.23
N PRO D 229 3.27 26.13 28.18
CA PRO D 229 2.45 25.57 27.11
C PRO D 229 1.02 26.09 27.17
N TYR D 230 0.43 26.28 25.99
CA TYR D 230 -0.96 26.70 25.92
C TYR D 230 -1.90 25.60 26.44
N GLU D 231 -1.60 24.34 26.14
CA GLU D 231 -2.45 23.22 26.51
C GLU D 231 -2.00 22.58 27.82
N ASN D 232 -2.98 22.20 28.64
CA ASN D 232 -2.77 21.39 29.84
C ASN D 232 -3.21 19.97 29.52
N PHE D 233 -2.35 19.00 29.80
CA PHE D 233 -2.61 17.62 29.42
C PHE D 233 -2.86 16.71 30.62
N TYR D 234 -3.21 17.27 31.77
CA TYR D 234 -3.38 16.45 32.96
C TYR D 234 -4.72 15.73 33.04
N ASN D 235 -5.72 16.14 32.28
CA ASN D 235 -6.94 15.34 32.24
C ASN D 235 -6.82 14.16 31.29
N THR D 236 -5.66 14.00 30.67
CA THR D 236 -5.41 12.82 29.84
C THR D 236 -5.49 11.59 30.73
N PRO D 237 -6.22 10.55 30.34
CA PRO D 237 -6.34 9.38 31.22
C PRO D 237 -4.98 8.75 31.47
N ARG D 238 -4.80 8.25 32.69
CA ARG D 238 -3.49 7.76 33.10
C ARG D 238 -3.03 6.60 32.24
N GLU D 239 -3.97 5.76 31.76
CA GLU D 239 -3.57 4.66 30.90
C GLU D 239 -3.05 5.16 29.57
N VAL D 240 -3.54 6.32 29.10
CA VAL D 240 -3.05 6.86 27.84
C VAL D 240 -1.65 7.42 28.02
N VAL D 241 -1.38 8.07 29.14
CA VAL D 241 -0.04 8.59 29.42
C VAL D 241 0.94 7.44 29.62
N GLU D 242 0.52 6.38 30.30
CA GLU D 242 1.40 5.25 30.55
C GLU D 242 1.71 4.45 29.30
N SER D 243 0.89 4.56 28.25
CA SER D 243 1.19 3.92 26.98
C SER D 243 2.23 4.70 26.17
N MET D 244 2.53 5.94 26.54
CA MET D 244 3.44 6.78 25.76
C MET D 244 4.88 6.60 26.24
N THR D 245 5.81 6.86 25.33
CA THR D 245 7.23 6.86 25.66
C THR D 245 7.56 8.06 26.54
N PRO D 246 8.61 7.97 27.37
CA PRO D 246 8.98 9.10 28.23
C PRO D 246 9.26 10.39 27.47
N LEU D 247 9.80 10.31 26.24
CA LEU D 247 9.98 11.52 25.44
C LEU D 247 8.65 12.19 25.16
N ALA D 248 7.66 11.41 24.69
CA ALA D 248 6.33 11.96 24.44
C ALA D 248 5.67 12.43 25.72
N GLN D 249 5.94 11.77 26.85
CA GLN D 249 5.39 12.25 28.11
C GLN D 249 6.00 13.60 28.49
N ARG D 250 7.30 13.79 28.23
CA ARG D 250 7.92 15.09 28.44
C ARG D 250 7.32 16.14 27.51
N MET D 251 6.94 15.73 26.30
CA MET D 251 6.36 16.68 25.35
C MET D 251 5.03 17.24 25.85
N ILE D 252 4.30 16.46 26.63
CA ILE D 252 2.98 16.86 27.11
C ILE D 252 3.00 17.26 28.58
N GLY D 253 4.19 17.50 29.13
CA GLY D 253 4.32 18.09 30.44
C GLY D 253 4.23 17.16 31.62
N TRP D 254 4.28 15.84 31.41
CA TRP D 254 4.22 14.90 32.52
C TRP D 254 5.59 14.52 33.06
N ARG D 255 6.67 15.01 32.46
CA ARG D 255 8.03 14.78 32.94
C ARG D 255 8.74 16.11 33.08
N THR D 256 9.76 16.14 33.94
CA THR D 256 10.52 17.37 34.14
C THR D 256 11.40 17.67 32.93
N LEU D 257 11.62 18.96 32.71
CA LEU D 257 12.52 19.44 31.68
C LEU D 257 13.93 19.51 32.26
N HIS D 258 14.92 19.46 31.38
CA HIS D 258 16.32 19.47 31.80
C HIS D 258 17.06 20.55 31.03
N PRO D 259 16.84 21.81 31.38
CA PRO D 259 17.68 22.86 30.79
C PRO D 259 19.11 22.66 31.25
N HIS D 260 20.04 22.88 30.33
CA HIS D 260 21.46 22.87 30.70
C HIS D 260 21.85 24.06 31.56
N SER D 261 21.14 25.18 31.44
CA SER D 261 21.43 26.34 32.27
C SER D 261 21.29 25.97 33.74
N HIS D 262 20.10 25.48 34.12
CA HIS D 262 19.84 24.94 35.45
C HIS D 262 19.88 23.42 35.30
N SER D 263 21.08 22.86 35.40
CA SER D 263 21.31 21.45 35.06
C SER D 263 20.50 20.49 35.92
N PHE D 264 20.14 20.90 37.14
CA PHE D 264 19.46 19.98 38.05
C PHE D 264 18.02 19.71 37.64
N GLY D 265 17.47 20.49 36.72
CA GLY D 265 16.11 20.24 36.27
C GLY D 265 15.16 21.39 36.48
N TRP D 266 14.02 21.32 35.81
CA TRP D 266 12.95 22.29 35.94
C TRP D 266 11.63 21.54 35.84
N TRP D 267 10.58 22.11 36.44
CA TRP D 267 9.26 21.47 36.47
C TRP D 267 9.32 20.18 37.29
N LEU D 268 9.85 20.29 38.50
CA LEU D 268 10.06 19.18 39.41
C LEU D 268 9.00 19.14 40.49
N ILE D 269 8.93 18.00 41.18
CA ILE D 269 8.10 17.83 42.38
C ILE D 269 9.02 17.48 43.53
N ARG D 270 9.13 18.38 44.51
CA ARG D 270 10.04 18.22 45.65
C ARG D 270 11.47 17.96 45.16
N ASN D 271 11.87 18.72 44.13
CA ASN D 271 13.19 18.60 43.49
C ASN D 271 13.44 17.19 42.97
N ALA D 272 12.38 16.49 42.58
CA ALA D 272 12.50 15.15 42.04
C ALA D 272 11.68 15.06 40.76
N GLU D 273 11.97 14.03 39.97
CA GLU D 273 11.30 13.87 38.68
C GLU D 273 9.79 13.74 38.89
N ALA D 274 9.03 14.46 38.07
CA ALA D 274 7.62 14.65 38.36
C ALA D 274 6.77 13.43 38.02
N GLY D 275 6.95 12.87 36.83
CA GLY D 275 6.08 11.78 36.42
C GLY D 275 6.24 10.58 37.33
N GLN D 276 7.46 10.36 37.80
CA GLN D 276 7.76 9.34 38.80
C GLN D 276 7.06 9.62 40.13
N ALA D 277 6.92 10.91 40.53
CA ALA D 277 6.19 11.30 41.75
C ALA D 277 4.68 11.06 41.64
N LEU D 278 4.12 11.06 40.44
CA LEU D 278 2.71 10.78 40.21
C LEU D 278 2.48 9.48 39.43
N GLY D 279 3.34 8.50 39.66
CA GLY D 279 3.04 7.13 39.33
C GLY D 279 3.62 6.59 38.03
N LEU D 280 4.25 7.42 37.22
CA LEU D 280 4.85 6.88 36.00
C LEU D 280 6.12 6.10 36.33
N LYS D 281 6.47 5.17 35.44
CA LYS D 281 7.68 4.42 35.64
C LYS D 281 8.89 5.36 35.60
N PRO D 282 9.94 5.06 36.37
CA PRO D 282 11.18 5.85 36.29
C PRO D 282 11.72 5.96 34.87
N ALA E 5 -29.79 -17.35 37.06
CA ALA E 5 -29.25 -16.01 36.88
C ALA E 5 -29.92 -15.29 35.72
N ILE E 6 -29.40 -14.12 35.35
CA ILE E 6 -29.83 -13.42 34.15
C ILE E 6 -29.27 -14.12 32.91
N ARG E 7 -30.03 -14.10 31.82
CA ARG E 7 -29.66 -14.81 30.60
C ARG E 7 -29.12 -13.84 29.55
N HIS E 8 -27.86 -14.01 29.18
CA HIS E 8 -27.32 -13.32 28.02
C HIS E 8 -27.92 -13.90 26.74
N ALA E 9 -28.19 -13.03 25.76
CA ALA E 9 -28.72 -13.51 24.48
C ALA E 9 -28.50 -12.43 23.43
N ASN E 10 -27.65 -12.71 22.45
CA ASN E 10 -27.53 -11.86 21.27
C ASN E 10 -26.97 -12.70 20.13
N LYS E 11 -26.49 -12.02 19.08
CA LYS E 11 -26.01 -12.63 17.84
C LYS E 11 -27.13 -13.38 17.15
N ALA E 12 -27.16 -14.70 17.29
CA ALA E 12 -28.14 -15.53 16.59
C ALA E 12 -29.49 -15.55 17.28
N THR E 13 -29.63 -14.92 18.46
CA THR E 13 -30.93 -14.87 19.10
C THR E 13 -31.77 -13.78 18.42
N SER E 14 -32.96 -14.16 17.96
CA SER E 14 -33.89 -13.19 17.40
C SER E 14 -34.64 -12.47 18.53
N SER E 15 -35.13 -11.26 18.21
CA SER E 15 -35.83 -10.44 19.19
C SER E 15 -37.09 -11.12 19.73
N ASP E 16 -37.68 -12.05 18.98
CA ASP E 16 -38.78 -12.81 19.53
C ASP E 16 -38.33 -13.58 20.78
N GLU E 17 -37.14 -14.18 20.72
CA GLU E 17 -36.62 -14.89 21.88
C GLU E 17 -36.24 -13.95 23.02
N ILE E 18 -35.72 -12.75 22.73
CA ILE E 18 -35.47 -11.81 23.82
C ILE E 18 -36.77 -11.39 24.49
N VAL E 19 -37.84 -11.19 23.70
CA VAL E 19 -39.13 -10.88 24.31
C VAL E 19 -39.61 -12.04 25.17
N GLN E 20 -39.35 -13.28 24.73
CA GLN E 20 -39.75 -14.42 25.55
C GLN E 20 -38.98 -14.45 26.86
N ILE E 21 -37.68 -14.15 26.82
CA ILE E 21 -36.89 -14.12 28.05
C ILE E 21 -37.40 -13.00 28.96
N LEU E 22 -37.81 -11.88 28.36
CA LEU E 22 -38.32 -10.77 29.15
C LEU E 22 -39.63 -11.13 29.83
N GLU E 23 -40.46 -11.93 29.16
CA GLU E 23 -41.71 -12.35 29.78
C GLU E 23 -41.45 -13.36 30.90
N GLU E 24 -40.47 -14.24 30.73
CA GLU E 24 -40.26 -15.28 31.75
C GLU E 24 -39.48 -14.76 32.95
N ASP E 25 -38.45 -13.94 32.73
CA ASP E 25 -37.55 -13.53 33.80
C ASP E 25 -37.73 -12.09 34.24
N GLY E 26 -38.27 -11.23 33.38
CA GLY E 26 -38.39 -9.83 33.70
C GLY E 26 -37.13 -9.04 33.45
N VAL E 27 -36.07 -9.70 32.99
CA VAL E 27 -34.79 -9.06 32.73
C VAL E 27 -34.01 -9.93 31.76
N VAL E 28 -33.26 -9.29 30.86
CA VAL E 28 -32.47 -10.00 29.86
C VAL E 28 -31.27 -9.14 29.48
N ILE E 29 -30.18 -9.80 29.06
CA ILE E 29 -28.96 -9.11 28.68
C ILE E 29 -28.70 -9.37 27.20
N VAL E 30 -28.63 -8.28 26.42
CA VAL E 30 -28.29 -8.33 25.01
C VAL E 30 -26.81 -7.98 24.88
N GLU E 31 -26.02 -8.96 24.47
CA GLU E 31 -24.56 -8.80 24.34
C GLU E 31 -24.19 -7.90 23.16
N SER E 32 -23.18 -7.07 23.37
CA SER E 32 -22.59 -6.17 22.36
C SER E 32 -23.64 -5.63 21.39
N PHE E 33 -24.72 -5.12 21.96
CA PHE E 33 -25.81 -4.59 21.17
C PHE E 33 -25.40 -3.32 20.43
N LEU E 34 -24.51 -2.52 21.01
CA LEU E 34 -23.94 -1.35 20.34
C LEU E 34 -22.48 -1.64 19.99
N SER E 35 -22.08 -1.22 18.80
CA SER E 35 -20.69 -1.31 18.39
C SER E 35 -19.84 -0.36 19.24
N SER E 36 -18.55 -0.70 19.38
CA SER E 36 -17.66 0.16 20.14
C SER E 36 -17.55 1.54 19.51
N ASP E 37 -17.71 1.62 18.18
CA ASP E 37 -17.74 2.93 17.52
C ASP E 37 -18.99 3.71 17.94
N LEU E 38 -20.13 3.03 18.08
CA LEU E 38 -21.34 3.71 18.53
C LEU E 38 -21.20 4.20 19.97
N VAL E 39 -20.57 3.40 20.83
CA VAL E 39 -20.32 3.82 22.20
C VAL E 39 -19.39 5.02 22.21
N GLN E 40 -18.43 5.04 21.30
CA GLN E 40 -17.48 6.15 21.24
C GLN E 40 -18.16 7.42 20.77
N LYS E 41 -19.08 7.29 19.80
CA LYS E 41 -19.85 8.45 19.36
C LYS E 41 -20.73 8.99 20.46
N LEU E 42 -21.36 8.08 21.22
CA LEU E 42 -22.23 8.51 22.32
C LEU E 42 -21.45 9.22 23.40
N ASN E 43 -20.32 8.64 23.83
CA ASN E 43 -19.54 9.27 24.89
C ASN E 43 -19.00 10.62 24.45
N ASP E 44 -18.59 10.73 23.17
CA ASP E 44 -18.06 12.00 22.70
C ASP E 44 -19.15 13.07 22.65
N GLU E 45 -20.34 12.72 22.14
CA GLU E 45 -21.41 13.70 22.10
C GLU E 45 -21.90 14.08 23.49
N LEU E 46 -21.84 13.16 24.46
CA LEU E 46 -22.40 13.43 25.77
C LEU E 46 -21.45 14.14 26.71
N ASP E 47 -20.13 13.97 26.53
CA ASP E 47 -19.16 14.53 27.47
C ASP E 47 -19.23 16.03 27.61
N PRO E 48 -19.27 16.83 26.54
CA PRO E 48 -19.39 18.27 26.76
C PRO E 48 -20.66 18.61 27.49
N HIS E 49 -21.80 17.92 27.28
CA HIS E 49 -22.90 18.51 28.02
C HIS E 49 -22.90 17.97 29.46
N LEU E 50 -22.25 16.83 29.72
CA LEU E 50 -22.10 16.38 31.12
C LEU E 50 -21.17 17.30 31.91
N ALA E 51 -20.14 17.83 31.25
CA ALA E 51 -19.22 18.72 31.93
C ALA E 51 -19.85 20.05 32.34
N ALA E 52 -20.85 20.52 31.57
CA ALA E 52 -21.51 21.80 31.80
C ALA E 52 -22.76 21.71 32.67
N LEU E 53 -22.91 20.66 33.48
CA LEU E 53 -24.23 20.34 34.05
C LEU E 53 -24.78 21.44 34.96
N TYR E 54 -23.92 22.25 35.57
CA TYR E 54 -24.41 23.39 36.34
C TYR E 54 -23.83 24.68 35.77
N HIS E 64 -18.70 20.65 48.76
CA HIS E 64 -19.09 19.24 48.76
C HIS E 64 -19.16 18.68 47.35
N PRO E 65 -18.26 17.76 47.01
CA PRO E 65 -18.35 17.10 45.70
C PRO E 65 -19.51 16.12 45.64
N VAL E 66 -20.20 16.10 44.51
CA VAL E 66 -21.31 15.18 44.29
C VAL E 66 -20.82 13.99 43.50
N THR E 67 -21.36 12.80 43.83
CA THR E 67 -21.01 11.59 43.12
C THR E 67 -22.05 11.16 42.11
N THR E 68 -23.27 11.68 42.19
CA THR E 68 -24.35 11.33 41.27
C THR E 68 -24.52 12.44 40.24
N LYS E 69 -24.67 12.03 38.99
CA LYS E 69 -24.64 12.98 37.89
C LYS E 69 -25.58 12.46 36.79
N GLN E 70 -26.28 13.36 36.11
CA GLN E 70 -27.31 13.02 35.10
C GLN E 70 -27.28 13.89 33.89
N MET E 71 -28.06 13.47 32.90
CA MET E 71 -28.49 14.32 31.82
C MET E 71 -29.72 13.73 31.13
N ASN E 72 -30.67 14.57 30.76
CA ASN E 72 -31.81 14.11 29.96
C ASN E 72 -32.08 15.18 28.91
N ASP E 73 -33.25 15.13 28.29
CA ASP E 73 -33.55 15.89 27.07
C ASP E 73 -32.50 15.56 26.01
N LEU E 74 -32.18 14.27 25.91
CA LEU E 74 -31.16 13.79 24.98
C LEU E 74 -31.43 14.16 23.52
N PRO E 75 -32.65 14.05 22.97
CA PRO E 75 -32.80 14.35 21.54
C PRO E 75 -32.33 15.75 21.17
N ALA E 76 -32.50 16.74 22.03
CA ALA E 76 -31.93 18.04 21.73
C ALA E 76 -30.40 18.01 21.76
N ARG E 77 -29.81 17.09 22.51
CA ARG E 77 -28.39 17.12 22.83
C ARG E 77 -27.52 16.19 21.97
N SER E 78 -28.03 15.07 21.48
CA SER E 78 -27.19 14.06 20.83
C SER E 78 -27.79 13.62 19.50
N GLN E 79 -26.97 13.63 18.45
CA GLN E 79 -27.41 13.14 17.15
C GLN E 79 -27.54 11.61 17.14
N THR E 80 -26.59 10.92 17.79
CA THR E 80 -26.61 9.46 17.78
C THR E 80 -27.84 8.91 18.50
N PHE E 81 -28.25 9.57 19.58
CA PHE E 81 -29.51 9.20 20.23
C PHE E 81 -30.70 9.55 19.33
N ARG E 82 -30.62 10.67 18.61
CA ARG E 82 -31.72 11.11 17.76
C ARG E 82 -32.00 10.13 16.64
N GLN E 83 -30.95 9.59 16.02
CA GLN E 83 -31.10 8.78 14.82
C GLN E 83 -30.87 7.30 15.12
N ASP E 84 -29.70 6.94 15.64
CA ASP E 84 -29.37 5.53 15.76
C ASP E 84 -30.15 4.86 16.89
N LEU E 85 -30.17 5.48 18.08
CA LEU E 85 -30.80 4.83 19.22
C LEU E 85 -32.32 4.88 19.13
N LEU E 86 -32.90 6.03 18.77
CA LEU E 86 -34.35 6.12 18.70
C LEU E 86 -34.93 5.31 17.54
N ASN E 87 -34.11 4.96 16.55
CA ASN E 87 -34.57 4.16 15.41
C ASN E 87 -34.06 2.72 15.45
N ASN E 88 -33.42 2.29 16.54
CA ASN E 88 -32.81 0.97 16.56
C ASN E 88 -33.87 -0.11 16.38
N THR E 89 -33.60 -1.06 15.48
CA THR E 89 -34.63 -2.02 15.13
C THR E 89 -34.89 -3.00 16.26
N LEU E 90 -33.85 -3.38 17.00
CA LEU E 90 -34.03 -4.35 18.07
C LEU E 90 -34.90 -3.79 19.19
N ILE E 91 -34.71 -2.52 19.54
CA ILE E 91 -35.52 -1.91 20.58
C ILE E 91 -36.99 -1.88 20.17
N HIS E 92 -37.25 -1.61 18.90
CA HIS E 92 -38.65 -1.50 18.45
C HIS E 92 -39.30 -2.87 18.33
N LYS E 93 -38.54 -3.89 17.91
CA LYS E 93 -39.08 -5.25 17.92
C LYS E 93 -39.42 -5.68 19.34
N VAL E 94 -38.51 -5.40 20.29
CA VAL E 94 -38.78 -5.75 21.68
C VAL E 94 -39.96 -4.97 22.22
N CYS E 95 -40.14 -3.72 21.80
CA CYS E 95 -41.29 -2.93 22.26
C CYS E 95 -42.60 -3.50 21.75
N GLU E 96 -42.65 -3.81 20.45
CA GLU E 96 -43.85 -4.40 19.87
C GLU E 96 -44.18 -5.72 20.55
N GLY E 97 -43.15 -6.52 20.87
CA GLY E 97 -43.41 -7.79 21.53
C GLY E 97 -43.81 -7.63 22.98
N PHE E 98 -43.30 -6.60 23.65
CA PHE E 98 -43.60 -6.42 25.06
C PHE E 98 -45.02 -5.92 25.27
N TYR E 99 -45.47 -4.95 24.47
CA TYR E 99 -46.84 -4.45 24.65
C TYR E 99 -47.87 -5.32 23.94
N GLY E 100 -47.53 -5.86 22.76
CA GLY E 100 -48.35 -6.83 22.09
C GLY E 100 -49.57 -6.27 21.38
N PRO E 101 -50.57 -7.13 21.17
CA PRO E 101 -51.70 -6.77 20.30
C PRO E 101 -52.55 -5.62 20.82
N THR E 102 -53.04 -5.70 22.06
CA THR E 102 -54.06 -4.77 22.54
C THR E 102 -53.54 -3.35 22.63
N VAL E 103 -52.24 -3.15 22.78
CA VAL E 103 -51.70 -1.81 22.94
C VAL E 103 -51.57 -1.12 21.58
N GLY E 104 -50.75 -1.67 20.69
CA GLY E 104 -50.62 -1.08 19.37
C GLY E 104 -49.48 -0.10 19.25
N ASP E 105 -49.53 0.98 20.03
CA ASP E 105 -48.55 2.05 19.93
C ASP E 105 -47.91 2.32 21.29
N TYR E 106 -46.72 2.92 21.25
CA TYR E 106 -45.92 3.20 22.42
C TYR E 106 -45.06 4.42 22.13
N TRP E 107 -44.49 4.99 23.19
CA TRP E 107 -43.55 6.09 23.04
C TRP E 107 -42.60 6.11 24.23
N MET E 108 -41.52 6.87 24.11
CA MET E 108 -40.50 6.92 25.15
C MET E 108 -40.90 7.92 26.23
N SER E 109 -40.83 7.49 27.49
CA SER E 109 -41.13 8.39 28.59
C SER E 109 -39.90 9.13 29.09
N HIS E 110 -38.74 8.48 29.11
CA HIS E 110 -37.57 9.15 29.69
C HIS E 110 -36.29 8.63 29.03
N GLY E 111 -35.46 9.56 28.56
CA GLY E 111 -34.13 9.20 28.07
C GLY E 111 -33.03 9.90 28.84
N GLY E 112 -32.21 9.16 29.57
CA GLY E 112 -31.25 9.77 30.45
C GLY E 112 -29.90 9.08 30.47
N VAL E 113 -28.86 9.88 30.64
CA VAL E 113 -27.50 9.43 30.96
C VAL E 113 -27.35 9.51 32.47
N LEU E 114 -26.80 8.44 33.05
CA LEU E 114 -26.60 8.30 34.49
C LEU E 114 -25.12 8.07 34.76
N GLU E 115 -24.56 8.82 35.72
CA GLU E 115 -23.15 8.75 36.06
C GLU E 115 -23.01 8.63 37.57
N ARG E 116 -22.37 7.56 38.02
CA ARG E 116 -22.15 7.32 39.44
C ARG E 116 -20.73 6.83 39.62
N GLY E 117 -19.91 7.60 40.34
CA GLY E 117 -18.54 7.23 40.55
C GLY E 117 -18.25 6.87 41.98
N PRO E 118 -17.01 7.14 42.42
CA PRO E 118 -16.62 6.78 43.78
C PRO E 118 -17.52 7.46 44.81
N GLY E 119 -17.84 6.73 45.86
CA GLY E 119 -18.72 7.21 46.91
C GLY E 119 -20.20 7.01 46.69
N THR E 120 -20.60 6.26 45.66
CA THR E 120 -22.03 6.08 45.41
C THR E 120 -22.61 5.06 46.39
N PRO E 121 -23.58 5.43 47.21
CA PRO E 121 -24.21 4.44 48.10
C PRO E 121 -25.01 3.39 47.34
N ILE E 122 -25.08 2.20 47.93
CA ILE E 122 -25.94 1.16 47.40
C ILE E 122 -27.40 1.58 47.52
N GLN E 123 -28.21 1.18 46.53
CA GLN E 123 -29.60 1.56 46.43
C GLN E 123 -30.51 0.48 47.00
N SER E 124 -31.68 0.89 47.49
CA SER E 124 -32.70 -0.05 47.93
C SER E 124 -33.37 -0.71 46.74
N LEU E 125 -33.77 -1.98 46.93
CA LEU E 125 -34.60 -2.66 45.95
C LEU E 125 -35.95 -1.95 45.84
N HIS E 126 -36.40 -1.63 44.61
CA HIS E 126 -37.53 -0.69 44.59
C HIS E 126 -38.65 -0.89 43.56
N ARG E 127 -38.46 -1.54 42.39
CA ARG E 127 -39.57 -1.61 41.43
C ARG E 127 -40.08 -0.27 40.90
N ASP E 128 -39.41 0.32 39.89
CA ASP E 128 -39.74 1.64 39.34
C ASP E 128 -41.22 1.97 39.12
N GLU E 129 -42.04 0.98 38.70
CA GLU E 129 -43.45 1.27 38.43
C GLU E 129 -44.18 1.66 39.72
N ALA E 130 -43.43 1.79 40.81
CA ALA E 130 -43.97 2.33 42.05
C ALA E 130 -44.44 3.76 41.90
N VAL E 131 -44.02 4.46 40.85
CA VAL E 131 -44.49 5.84 40.71
C VAL E 131 -45.95 5.88 40.25
N PHE E 132 -46.55 4.70 40.01
CA PHE E 132 -47.93 4.57 39.50
C PHE E 132 -48.72 3.70 40.46
N PRO E 133 -49.24 4.26 41.55
CA PRO E 133 -49.90 3.42 42.56
C PRO E 133 -51.05 2.58 42.01
N ALA E 134 -51.82 3.09 41.05
CA ALA E 134 -52.97 2.33 40.55
C ALA E 134 -52.53 1.06 39.82
N ILE E 135 -51.41 1.11 39.09
CA ILE E 135 -50.91 -0.07 38.41
C ILE E 135 -50.08 -0.92 39.37
N HIS E 136 -49.33 -0.27 40.26
CA HIS E 136 -48.46 -0.97 41.19
C HIS E 136 -49.26 -1.81 42.18
N SER E 137 -50.48 -1.38 42.53
CA SER E 137 -51.31 -2.14 43.45
C SER E 137 -51.79 -3.46 42.85
N LEU E 138 -51.74 -3.61 41.53
CA LEU E 138 -52.15 -4.85 40.88
C LEU E 138 -51.07 -5.92 40.90
N SER E 139 -49.86 -5.57 41.36
CA SER E 139 -48.73 -6.50 41.54
C SER E 139 -48.43 -7.19 40.21
N GLY E 140 -48.21 -8.51 40.18
CA GLY E 140 -47.78 -9.19 38.97
C GLY E 140 -48.87 -9.39 37.94
N SER E 141 -50.13 -9.16 38.31
CA SER E 141 -51.23 -9.22 37.36
C SER E 141 -51.40 -7.93 36.56
N GLY E 142 -50.60 -6.90 36.82
CA GLY E 142 -50.74 -5.63 36.15
C GLY E 142 -50.35 -5.67 34.67
N PRO E 143 -50.88 -4.72 33.91
CA PRO E 143 -50.55 -4.62 32.48
C PRO E 143 -49.09 -4.19 32.27
N PRO E 144 -48.49 -4.54 31.14
CA PRO E 144 -47.15 -3.99 30.84
C PRO E 144 -47.21 -2.46 30.75
N VAL E 145 -46.30 -1.80 31.44
CA VAL E 145 -46.25 -0.34 31.39
C VAL E 145 -44.85 0.15 31.03
N MET E 146 -43.88 -0.03 31.92
CA MET E 146 -42.55 0.50 31.70
C MET E 146 -41.65 -0.55 31.07
N LEU E 147 -40.94 -0.16 30.02
CA LEU E 147 -39.91 -1.00 29.44
C LEU E 147 -38.61 -0.22 29.46
N HIS E 148 -37.61 -0.73 30.18
CA HIS E 148 -36.36 -0.01 30.38
C HIS E 148 -35.26 -0.70 29.58
N PHE E 149 -34.66 0.05 28.65
CA PHE E 149 -33.47 -0.37 27.93
C PHE E 149 -32.27 0.36 28.55
N PHE E 150 -31.36 -0.41 29.15
CA PHE E 150 -30.27 0.12 29.96
C PHE E 150 -28.97 -0.23 29.24
N ILE E 151 -28.45 0.71 28.42
CA ILE E 151 -27.24 0.50 27.63
C ILE E 151 -26.03 0.92 28.44
N ALA E 152 -24.97 0.12 28.36
CA ALA E 152 -23.73 0.42 29.06
C ALA E 152 -22.84 1.27 28.16
N LEU E 153 -22.61 2.52 28.55
CA LEU E 153 -21.62 3.36 27.90
C LEU E 153 -20.23 3.19 28.51
N SER E 154 -20.14 2.45 29.61
CA SER E 154 -18.87 2.06 30.23
C SER E 154 -19.09 0.70 30.88
N ASP E 155 -18.01 0.09 31.33
CA ASP E 155 -18.11 -1.22 31.94
C ASP E 155 -18.96 -1.17 33.21
N PHE E 156 -19.78 -2.21 33.40
CA PHE E 156 -20.55 -2.41 34.62
C PHE E 156 -19.93 -3.58 35.37
N THR E 157 -19.25 -3.28 36.47
CA THR E 157 -18.66 -4.30 37.33
C THR E 157 -19.37 -4.32 38.67
N ALA E 158 -19.33 -5.47 39.34
CA ALA E 158 -19.71 -5.49 40.74
C ALA E 158 -18.79 -4.61 41.57
N GLU E 159 -17.58 -4.39 41.08
CA GLU E 159 -16.64 -3.49 41.73
C GLU E 159 -17.12 -2.04 41.71
N ASN E 160 -17.66 -1.58 40.57
CA ASN E 160 -18.09 -0.19 40.43
C ASN E 160 -19.58 -0.02 40.63
N GLY E 161 -20.29 -1.06 41.05
CA GLY E 161 -21.69 -0.94 41.43
C GLY E 161 -22.69 -1.29 40.34
N ALA E 162 -22.47 -2.41 39.66
CA ALA E 162 -23.42 -2.86 38.64
C ALA E 162 -24.78 -3.16 39.25
N THR E 163 -25.83 -2.84 38.49
CA THR E 163 -27.20 -2.98 39.00
C THR E 163 -27.53 -4.45 39.26
N GLN E 164 -28.27 -4.69 40.35
CA GLN E 164 -28.70 -6.03 40.73
C GLN E 164 -30.18 -6.20 40.43
N PHE E 165 -30.58 -7.45 40.13
CA PHE E 165 -31.94 -7.78 39.73
C PHE E 165 -32.36 -9.07 40.43
N ILE E 166 -33.66 -9.23 40.60
CA ILE E 166 -34.25 -10.46 41.10
C ILE E 166 -35.12 -11.06 40.00
N PRO E 167 -34.64 -12.09 39.30
CA PRO E 167 -35.44 -12.66 38.21
C PRO E 167 -36.76 -13.22 38.71
N GLY E 168 -37.81 -13.02 37.93
CA GLY E 168 -39.13 -13.48 38.27
C GLY E 168 -39.89 -12.61 39.25
N SER E 169 -39.28 -11.52 39.74
CA SER E 169 -39.96 -10.66 40.70
C SER E 169 -41.04 -9.83 40.04
N HIS E 170 -41.14 -9.91 38.72
CA HIS E 170 -42.16 -9.15 37.96
C HIS E 170 -43.54 -9.83 38.00
N LYS E 171 -43.59 -11.09 38.41
CA LYS E 171 -44.88 -11.82 38.37
C LYS E 171 -45.38 -12.15 39.79
N TRP E 172 -44.77 -11.54 40.80
CA TRP E 172 -45.16 -11.84 42.20
C TRP E 172 -46.54 -11.29 42.48
N ALA E 173 -47.29 -11.96 43.37
CA ALA E 173 -48.67 -11.58 43.65
C ALA E 173 -48.83 -10.37 44.57
N ASP E 174 -47.79 -10.01 45.33
CA ASP E 174 -47.85 -8.85 46.23
C ASP E 174 -46.59 -8.03 46.03
N PHE E 175 -46.73 -6.81 45.51
CA PHE E 175 -45.59 -5.95 45.25
C PHE E 175 -45.11 -5.18 46.47
N ASN E 176 -45.79 -5.34 47.63
CA ASN E 176 -45.23 -4.81 48.87
C ASN E 176 -43.98 -5.57 49.30
N ASP E 177 -43.76 -6.77 48.77
CA ASP E 177 -42.56 -7.55 49.03
C ASP E 177 -41.52 -7.21 47.98
N ASN E 178 -40.45 -6.54 48.40
CA ASN E 178 -39.36 -6.17 47.51
C ASN E 178 -38.20 -7.17 47.54
N GLY E 179 -38.39 -8.31 48.18
CA GLY E 179 -37.34 -9.30 48.24
C GLY E 179 -36.25 -8.89 49.23
N THR E 180 -35.14 -9.61 49.14
CA THR E 180 -34.00 -9.37 50.03
C THR E 180 -32.72 -9.45 49.20
N ARG E 181 -31.63 -8.96 49.80
CA ARG E 181 -30.41 -8.72 49.03
C ARG E 181 -29.79 -10.01 48.48
N ASP E 182 -30.02 -11.15 49.11
CA ASP E 182 -29.43 -12.39 48.61
C ASP E 182 -30.18 -12.99 47.42
N GLN E 183 -31.38 -12.50 47.09
CA GLN E 183 -32.08 -12.96 45.92
C GLN E 183 -31.67 -12.22 44.66
N ALA E 184 -30.82 -11.20 44.78
CA ALA E 184 -30.43 -10.36 43.66
C ALA E 184 -29.24 -10.94 42.92
N VAL E 185 -29.31 -10.88 41.59
CA VAL E 185 -28.21 -11.27 40.71
C VAL E 185 -27.65 -10.00 40.07
N THR E 186 -26.33 -9.86 40.11
CA THR E 186 -25.70 -8.70 39.50
C THR E 186 -25.73 -8.81 37.98
N ALA E 187 -25.89 -7.69 37.30
CA ALA E 187 -25.86 -7.63 35.84
C ALA E 187 -24.50 -7.07 35.43
N ILE E 188 -23.59 -7.96 35.04
CA ILE E 188 -22.26 -7.59 34.59
C ILE E 188 -22.33 -7.28 33.10
N LEU E 189 -21.93 -6.07 32.72
CA LEU E 189 -21.96 -5.63 31.33
C LEU E 189 -20.64 -4.98 30.94
N LYS E 190 -20.21 -5.27 29.71
CA LYS E 190 -19.18 -4.49 29.03
C LYS E 190 -19.81 -3.23 28.44
N ALA E 191 -18.95 -2.29 28.02
CA ALA E 191 -19.45 -1.12 27.32
C ALA E 191 -20.14 -1.55 26.03
N GLY E 192 -21.31 -0.96 25.77
CA GLY E 192 -22.11 -1.28 24.61
C GLY E 192 -23.10 -2.39 24.80
N GLU E 193 -22.97 -3.19 25.86
CA GLU E 193 -23.95 -4.20 26.17
C GLU E 193 -25.19 -3.56 26.77
N MET E 194 -26.34 -4.22 26.57
CA MET E 194 -27.59 -3.68 27.10
C MET E 194 -28.24 -4.69 28.04
N VAL E 195 -29.00 -4.18 29.00
CA VAL E 195 -29.89 -4.99 29.81
C VAL E 195 -31.29 -4.40 29.72
N ILE E 196 -32.27 -5.24 29.41
CA ILE E 196 -33.67 -4.84 29.32
C ILE E 196 -34.39 -5.36 30.55
N PHE E 197 -35.28 -4.54 31.11
CA PHE E 197 -36.07 -4.99 32.24
C PHE E 197 -37.40 -4.26 32.31
N THR E 198 -38.33 -4.86 33.04
CA THR E 198 -39.69 -4.39 33.21
C THR E 198 -39.77 -3.43 34.41
N GLY E 199 -40.81 -2.59 34.41
CA GLY E 199 -41.04 -1.73 35.56
C GLY E 199 -41.57 -2.46 36.77
N LYS E 200 -41.92 -3.73 36.62
CA LYS E 200 -42.36 -4.58 37.72
C LYS E 200 -41.23 -5.40 38.34
N THR E 201 -40.02 -5.30 37.80
CA THR E 201 -38.90 -6.10 38.28
C THR E 201 -38.17 -5.39 39.42
N VAL E 202 -37.92 -6.12 40.51
CA VAL E 202 -37.14 -5.57 41.61
C VAL E 202 -35.69 -5.42 41.17
N HIS E 203 -35.08 -4.29 41.53
CA HIS E 203 -33.69 -4.04 41.15
C HIS E 203 -33.11 -3.02 42.11
N CYS E 204 -31.79 -2.86 42.05
CA CYS E 204 -31.12 -1.82 42.82
C CYS E 204 -29.75 -1.56 42.23
N GLY E 205 -29.32 -0.30 42.25
CA GLY E 205 -27.97 0.04 41.87
C GLY E 205 -26.97 -0.32 42.96
N GLY E 206 -25.73 -0.58 42.54
CA GLY E 206 -24.70 -0.98 43.48
C GLY E 206 -23.94 0.21 44.04
N ALA E 207 -23.09 -0.08 45.02
CA ALA E 207 -22.16 0.90 45.55
C ALA E 207 -20.88 0.90 44.73
N ASN E 208 -20.38 2.10 44.42
CA ASN E 208 -19.11 2.25 43.71
C ASN E 208 -18.03 2.56 44.75
N SER E 209 -17.42 1.50 45.28
CA SER E 209 -16.33 1.67 46.24
C SER E 209 -15.05 2.20 45.58
N THR E 210 -14.86 1.92 44.30
CA THR E 210 -13.62 2.28 43.63
C THR E 210 -13.37 3.78 43.70
N LYS E 211 -12.12 4.16 43.97
CA LYS E 211 -11.78 5.55 44.18
C LYS E 211 -11.55 6.32 42.89
N ASP E 212 -11.57 5.67 41.73
CA ASP E 212 -11.13 6.30 40.50
C ASP E 212 -12.05 6.13 39.30
N SER E 213 -13.17 5.45 39.43
CA SER E 213 -13.91 5.04 38.24
C SER E 213 -15.37 5.45 38.32
N VAL E 214 -15.86 6.06 37.23
CA VAL E 214 -17.27 6.46 37.12
C VAL E 214 -17.99 5.50 36.19
N ARG E 215 -19.09 4.98 36.68
CA ARG E 215 -19.99 4.11 35.96
C ARG E 215 -21.03 4.96 35.21
N ARG E 216 -21.19 4.72 33.91
CA ARG E 216 -22.08 5.53 33.10
C ARG E 216 -23.01 4.65 32.28
N ALA E 217 -24.28 5.05 32.22
CA ALA E 217 -25.31 4.27 31.55
C ALA E 217 -26.27 5.19 30.79
N LEU E 218 -26.91 4.63 29.78
CA LEU E 218 -27.95 5.32 29.04
C LEU E 218 -29.24 4.52 29.16
N GLY E 219 -30.21 5.09 29.88
CA GLY E 219 -31.51 4.46 30.04
C GLY E 219 -32.55 5.09 29.13
N MET E 220 -33.33 4.23 28.48
CA MET E 220 -34.47 4.62 27.66
C MET E 220 -35.70 3.91 28.22
N ASN E 221 -36.58 4.68 28.85
CA ASN E 221 -37.77 4.17 29.51
C ASN E 221 -38.97 4.48 28.62
N PHE E 222 -39.60 3.41 28.13
CA PHE E 222 -40.75 3.47 27.25
C PHE E 222 -42.04 3.17 28.01
N HIS E 223 -43.14 3.74 27.51
CA HIS E 223 -44.51 3.67 28.00
C HIS E 223 -45.43 3.17 26.90
N PRO E 224 -46.55 2.53 27.26
CA PRO E 224 -47.63 2.35 26.29
C PRO E 224 -48.26 3.71 26.00
N TRP E 225 -49.00 3.76 24.90
CA TRP E 225 -49.50 5.05 24.41
C TRP E 225 -50.32 5.79 25.45
N TYR E 226 -51.00 5.06 26.35
CA TYR E 226 -51.96 5.70 27.25
C TYR E 226 -51.35 6.20 28.56
N VAL E 227 -50.05 6.03 28.78
CA VAL E 227 -49.41 6.51 30.00
C VAL E 227 -48.56 7.74 29.69
N THR E 228 -48.72 8.78 30.49
CA THR E 228 -48.09 10.08 30.24
C THR E 228 -46.56 9.97 30.33
N PRO E 229 -45.81 10.42 29.32
CA PRO E 229 -44.35 10.45 29.45
C PRO E 229 -43.89 11.42 30.52
N TYR E 230 -42.82 11.06 31.22
CA TYR E 230 -42.22 11.97 32.20
C TYR E 230 -41.60 13.18 31.52
N GLU E 231 -40.99 12.97 30.34
CA GLU E 231 -40.27 14.03 29.66
C GLU E 231 -41.17 14.76 28.69
N ASN E 232 -41.02 16.09 28.66
CA ASN E 232 -41.68 16.96 27.69
C ASN E 232 -40.62 17.38 26.68
N PHE E 233 -40.88 17.12 25.39
CA PHE E 233 -39.90 17.37 24.33
C PHE E 233 -40.32 18.48 23.40
N TYR E 234 -41.28 19.32 23.80
CA TYR E 234 -41.74 20.38 22.92
C TYR E 234 -40.80 21.58 22.90
N ASN E 235 -39.92 21.72 23.89
CA ASN E 235 -38.93 22.79 23.82
C ASN E 235 -37.73 22.42 22.96
N THR E 236 -37.73 21.21 22.41
CA THR E 236 -36.69 20.80 21.46
C THR E 236 -36.77 21.68 20.23
N PRO E 237 -35.65 22.21 19.74
CA PRO E 237 -35.70 23.10 18.57
C PRO E 237 -36.25 22.37 17.35
N ARG E 238 -37.01 23.10 16.54
CA ARG E 238 -37.71 22.44 15.43
C ARG E 238 -36.73 21.86 14.42
N GLU E 239 -35.53 22.44 14.29
CA GLU E 239 -34.59 21.96 13.30
C GLU E 239 -34.09 20.56 13.60
N VAL E 240 -33.89 20.24 14.88
CA VAL E 240 -33.50 18.87 15.23
C VAL E 240 -34.69 17.92 15.08
N VAL E 241 -35.90 18.38 15.43
CA VAL E 241 -37.08 17.53 15.27
C VAL E 241 -37.35 17.22 13.80
N GLU E 242 -37.15 18.19 12.92
CA GLU E 242 -37.35 17.98 11.49
C GLU E 242 -36.25 17.11 10.90
N SER E 243 -35.10 17.01 11.56
CA SER E 243 -34.04 16.11 11.13
C SER E 243 -34.31 14.66 11.50
N MET E 244 -35.28 14.40 12.36
CA MET E 244 -35.56 13.05 12.83
C MET E 244 -36.57 12.35 11.93
N THR E 245 -36.51 11.02 11.94
CA THR E 245 -37.47 10.19 11.24
C THR E 245 -38.85 10.27 11.90
N PRO E 246 -39.93 10.04 11.16
CA PRO E 246 -41.26 10.08 11.77
C PRO E 246 -41.43 9.12 12.95
N LEU E 247 -40.78 7.96 12.93
CA LEU E 247 -40.83 7.06 14.08
C LEU E 247 -40.22 7.71 15.31
N ALA E 248 -39.03 8.29 15.15
CA ALA E 248 -38.39 8.97 16.27
C ALA E 248 -39.19 10.17 16.73
N GLN E 249 -39.87 10.86 15.82
CA GLN E 249 -40.70 11.98 16.22
C GLN E 249 -41.89 11.50 17.06
N ARG E 250 -42.47 10.36 16.70
CA ARG E 250 -43.52 9.79 17.52
C ARG E 250 -42.98 9.36 18.88
N MET E 251 -41.73 8.92 18.92
CA MET E 251 -41.14 8.49 20.19
C MET E 251 -41.03 9.63 21.18
N ILE E 252 -40.90 10.87 20.70
CA ILE E 252 -40.75 12.03 21.57
C ILE E 252 -42.03 12.86 21.64
N GLY E 253 -43.16 12.30 21.20
CA GLY E 253 -44.44 12.94 21.40
C GLY E 253 -44.82 14.00 20.38
N TRP E 254 -44.10 14.09 19.26
CA TRP E 254 -44.44 15.06 18.22
C TRP E 254 -45.38 14.52 17.15
N ARG E 255 -45.76 13.25 17.22
CA ARG E 255 -46.74 12.67 16.32
C ARG E 255 -47.81 11.95 17.13
N THR E 256 -49.01 11.82 16.53
CA THR E 256 -50.08 11.12 17.23
C THR E 256 -49.86 9.61 17.24
N LEU E 257 -50.34 8.98 18.30
CA LEU E 257 -50.30 7.54 18.45
C LEU E 257 -51.52 6.90 17.80
N HIS E 258 -51.40 5.63 17.45
CA HIS E 258 -52.47 4.88 16.80
C HIS E 258 -52.69 3.59 17.58
N PRO E 259 -53.35 3.68 18.73
CA PRO E 259 -53.66 2.47 19.51
C PRO E 259 -54.61 1.54 18.78
N HIS E 260 -54.44 0.23 19.05
CA HIS E 260 -55.39 -0.74 18.53
C HIS E 260 -56.78 -0.54 19.12
N SER E 261 -56.85 -0.05 20.36
CA SER E 261 -58.13 0.18 21.02
C SER E 261 -58.94 1.24 20.29
N HIS E 262 -58.43 2.47 20.26
CA HIS E 262 -59.03 3.58 19.54
C HIS E 262 -58.23 3.83 18.26
N SER E 263 -58.53 3.03 17.23
CA SER E 263 -57.73 3.04 16.01
C SER E 263 -57.79 4.36 15.27
N PHE E 264 -58.78 5.21 15.54
CA PHE E 264 -58.83 6.52 14.89
C PHE E 264 -57.59 7.34 15.22
N GLY E 265 -56.99 7.12 16.39
CA GLY E 265 -55.85 7.89 16.82
C GLY E 265 -56.00 8.46 18.21
N TRP E 266 -54.87 8.87 18.80
CA TRP E 266 -54.84 9.50 20.13
C TRP E 266 -53.73 10.54 20.11
N TRP E 267 -53.87 11.56 20.96
CA TRP E 267 -52.92 12.68 21.04
C TRP E 267 -52.94 13.51 19.74
N LEU E 268 -54.14 13.94 19.35
CA LEU E 268 -54.39 14.66 18.10
C LEU E 268 -54.54 16.16 18.32
N ILE E 269 -54.47 16.90 17.22
CA ILE E 269 -54.79 18.33 17.20
C ILE E 269 -55.96 18.52 16.25
N ARG E 270 -57.12 18.91 16.79
CA ARG E 270 -58.34 19.07 16.01
C ARG E 270 -58.70 17.81 15.24
N ASN E 271 -58.57 16.67 15.91
CA ASN E 271 -58.86 15.35 15.34
C ASN E 271 -58.04 15.06 14.08
N ALA E 272 -56.84 15.63 14.03
CA ALA E 272 -55.92 15.42 12.91
C ALA E 272 -54.53 15.12 13.48
N GLU E 273 -53.67 14.58 12.62
CA GLU E 273 -52.33 14.23 13.04
C GLU E 273 -51.60 15.47 13.54
N ALA E 274 -50.95 15.34 14.70
CA ALA E 274 -50.46 16.49 15.43
C ALA E 274 -49.22 17.10 14.79
N GLY E 275 -48.26 16.27 14.38
CA GLY E 275 -47.04 16.80 13.82
C GLY E 275 -47.26 17.55 12.52
N GLN E 276 -48.16 17.06 11.68
CA GLN E 276 -48.55 17.82 10.51
C GLN E 276 -49.22 19.13 10.92
N ALA E 277 -49.97 19.09 12.01
CA ALA E 277 -50.71 20.25 12.51
C ALA E 277 -49.77 21.34 13.04
N LEU E 278 -48.54 20.98 13.42
CA LEU E 278 -47.60 21.95 13.98
C LEU E 278 -46.53 22.36 12.98
N GLY E 279 -46.72 22.08 11.69
CA GLY E 279 -45.79 22.51 10.68
C GLY E 279 -44.82 21.45 10.20
N LEU E 280 -44.85 20.24 10.77
CA LEU E 280 -43.99 19.17 10.29
C LEU E 280 -44.53 18.59 8.98
N LYS E 281 -43.64 17.93 8.24
CA LYS E 281 -44.03 17.25 7.02
C LYS E 281 -44.94 16.06 7.34
N PRO E 282 -45.84 15.70 6.42
CA PRO E 282 -46.68 14.50 6.58
C PRO E 282 -45.85 13.22 6.74
N ALA F 5 -17.60 -31.97 37.55
CA ALA F 5 -16.78 -32.71 38.50
C ALA F 5 -15.39 -32.07 38.66
N ILE F 6 -14.90 -31.38 37.63
CA ILE F 6 -13.76 -30.49 37.85
C ILE F 6 -14.19 -29.34 38.74
N ARG F 7 -13.32 -28.94 39.65
CA ARG F 7 -13.66 -27.87 40.58
C ARG F 7 -13.43 -26.54 39.88
N HIS F 8 -14.52 -25.92 39.41
CA HIS F 8 -14.48 -24.54 38.96
C HIS F 8 -14.47 -23.65 40.20
N ALA F 9 -13.57 -23.91 41.14
CA ALA F 9 -13.79 -23.50 42.53
C ALA F 9 -12.59 -22.75 43.08
N ASN F 10 -12.18 -21.68 42.39
CA ASN F 10 -11.12 -20.80 42.88
C ASN F 10 -11.54 -19.33 42.76
N LYS F 11 -12.73 -19.03 43.28
CA LYS F 11 -13.14 -17.64 43.45
C LYS F 11 -12.24 -16.92 44.45
N ALA F 12 -12.02 -17.53 45.61
CA ALA F 12 -11.34 -16.86 46.71
C ALA F 12 -10.23 -17.70 47.35
N THR F 13 -10.00 -18.91 46.86
CA THR F 13 -8.95 -19.75 47.39
C THR F 13 -7.57 -19.26 46.96
N SER F 14 -6.62 -19.33 47.89
CA SER F 14 -5.23 -18.98 47.68
C SER F 14 -4.50 -20.08 46.90
N SER F 15 -3.27 -19.79 46.50
CA SER F 15 -2.49 -20.71 45.67
C SER F 15 -2.22 -22.05 46.35
N ASP F 16 -2.10 -22.09 47.68
CA ASP F 16 -1.90 -23.38 48.34
C ASP F 16 -3.09 -24.31 48.14
N GLU F 17 -4.30 -23.79 48.27
CA GLU F 17 -5.44 -24.64 47.96
C GLU F 17 -5.42 -25.05 46.49
N ILE F 18 -4.96 -24.17 45.60
CA ILE F 18 -4.90 -24.53 44.19
C ILE F 18 -3.96 -25.71 43.98
N VAL F 19 -2.80 -25.70 44.65
CA VAL F 19 -1.89 -26.84 44.58
C VAL F 19 -2.56 -28.09 45.15
N GLN F 20 -3.42 -27.91 46.15
CA GLN F 20 -4.08 -29.08 46.73
C GLN F 20 -5.12 -29.69 45.79
N ILE F 21 -5.99 -28.87 45.18
CA ILE F 21 -6.90 -29.44 44.17
C ILE F 21 -6.10 -29.99 43.01
N LEU F 22 -5.00 -29.32 42.66
CA LEU F 22 -4.24 -29.76 41.50
C LEU F 22 -3.64 -31.12 41.71
N GLU F 23 -3.18 -31.44 42.91
CA GLU F 23 -2.81 -32.83 43.00
C GLU F 23 -4.01 -33.72 43.08
N GLU F 24 -4.95 -33.43 43.99
CA GLU F 24 -6.03 -34.38 44.26
C GLU F 24 -6.73 -34.81 42.98
N ASP F 25 -6.98 -33.88 42.06
CA ASP F 25 -7.76 -34.14 40.87
C ASP F 25 -6.93 -34.12 39.60
N GLY F 26 -5.77 -33.48 39.62
CA GLY F 26 -4.95 -33.37 38.44
C GLY F 26 -5.34 -32.24 37.52
N VAL F 27 -6.38 -31.48 37.88
CA VAL F 27 -6.87 -30.39 37.05
C VAL F 27 -7.68 -29.47 37.95
N VAL F 28 -7.62 -28.17 37.66
CA VAL F 28 -8.37 -27.18 38.43
C VAL F 28 -8.71 -26.01 37.51
N ILE F 29 -9.82 -25.34 37.80
CA ILE F 29 -10.30 -24.21 37.01
C ILE F 29 -10.23 -22.96 37.89
N VAL F 30 -9.42 -21.99 37.49
CA VAL F 30 -9.25 -20.74 38.22
C VAL F 30 -10.13 -19.66 37.57
N GLU F 31 -11.08 -19.15 38.34
CA GLU F 31 -11.97 -18.11 37.85
C GLU F 31 -11.30 -16.74 37.87
N SER F 32 -11.70 -15.89 36.92
CA SER F 32 -11.30 -14.48 36.87
C SER F 32 -9.79 -14.32 36.99
N PHE F 33 -9.04 -15.16 36.27
CA PHE F 33 -7.58 -15.12 36.34
C PHE F 33 -7.04 -13.85 35.70
N LEU F 34 -7.49 -13.52 34.49
CA LEU F 34 -7.07 -12.31 33.80
C LEU F 34 -8.21 -11.31 33.74
N SER F 35 -7.89 -10.05 33.96
CA SER F 35 -8.87 -8.98 33.80
C SER F 35 -9.26 -8.85 32.34
N SER F 36 -10.48 -8.37 32.11
CA SER F 36 -10.95 -8.20 30.74
C SER F 36 -10.05 -7.27 29.94
N ASP F 37 -9.41 -6.31 30.61
CA ASP F 37 -8.49 -5.45 29.90
C ASP F 37 -7.28 -6.24 29.39
N LEU F 38 -6.69 -7.10 30.22
CA LEU F 38 -5.55 -7.88 29.77
C LEU F 38 -5.92 -8.85 28.66
N VAL F 39 -7.11 -9.44 28.72
CA VAL F 39 -7.54 -10.34 27.64
C VAL F 39 -7.68 -9.58 26.33
N GLN F 40 -8.21 -8.35 26.40
CA GLN F 40 -8.34 -7.56 25.17
C GLN F 40 -6.98 -7.14 24.62
N LYS F 41 -6.07 -6.83 25.52
CA LYS F 41 -4.71 -6.41 25.15
C LYS F 41 -3.94 -7.55 24.51
N LEU F 42 -4.13 -8.76 25.04
CA LEU F 42 -3.53 -9.95 24.47
C LEU F 42 -4.10 -10.27 23.10
N ASN F 43 -5.43 -10.25 22.96
CA ASN F 43 -6.02 -10.57 21.67
C ASN F 43 -5.63 -9.55 20.60
N ASP F 44 -5.53 -8.26 20.99
CA ASP F 44 -5.13 -7.23 20.03
C ASP F 44 -3.68 -7.41 19.59
N GLU F 45 -2.78 -7.71 20.55
CA GLU F 45 -1.38 -7.94 20.18
C GLU F 45 -1.21 -9.22 19.37
N LEU F 46 -2.04 -10.22 19.59
CA LEU F 46 -1.87 -11.52 18.94
C LEU F 46 -2.52 -11.57 17.56
N ASP F 47 -3.53 -10.75 17.31
CA ASP F 47 -4.23 -10.84 16.03
C ASP F 47 -3.31 -10.67 14.83
N PRO F 48 -2.45 -9.64 14.74
CA PRO F 48 -1.58 -9.53 13.56
C PRO F 48 -0.65 -10.73 13.37
N HIS F 49 -0.16 -11.32 14.45
CA HIS F 49 0.75 -12.46 14.30
C HIS F 49 0.02 -13.71 13.82
N LEU F 50 -1.19 -13.95 14.31
CA LEU F 50 -1.96 -15.08 13.81
C LEU F 50 -2.37 -14.84 12.37
N ALA F 51 -2.67 -13.59 12.01
CA ALA F 51 -3.09 -13.31 10.64
C ALA F 51 -1.96 -13.53 9.64
N ALA F 52 -0.71 -13.33 10.02
CA ALA F 52 0.44 -13.47 9.14
C ALA F 52 1.07 -14.86 9.16
N LEU F 53 0.37 -15.87 9.72
CA LEU F 53 1.05 -17.03 10.28
C LEU F 53 1.94 -17.82 9.32
N TYR F 54 1.35 -18.48 8.32
CA TYR F 54 2.18 -19.33 7.47
C TYR F 54 2.63 -18.64 6.19
N ASP F 55 1.81 -17.70 5.69
CA ASP F 55 2.11 -16.93 4.49
C ASP F 55 1.93 -15.47 4.86
N PRO F 56 2.97 -14.81 5.37
CA PRO F 56 2.85 -13.38 5.69
C PRO F 56 2.47 -12.52 4.50
N VAL F 57 2.87 -12.89 3.29
CA VAL F 57 2.64 -12.02 2.13
C VAL F 57 1.17 -12.02 1.73
N SER F 58 0.58 -13.19 1.55
CA SER F 58 -0.79 -13.30 1.07
C SER F 58 -1.75 -13.46 2.26
N GLY F 59 -3.04 -13.34 1.95
CA GLY F 59 -4.07 -13.49 2.97
C GLY F 59 -4.36 -14.91 3.35
N GLU F 60 -3.69 -15.86 2.69
CA GLU F 60 -3.76 -17.29 3.02
C GLU F 60 -5.19 -17.82 2.97
N SER F 61 -5.97 -17.36 1.98
CA SER F 61 -7.32 -17.90 1.83
C SER F 61 -7.49 -18.65 0.51
N ALA F 62 -7.45 -17.97 -0.63
CA ALA F 62 -7.84 -18.56 -1.91
C ALA F 62 -9.03 -19.52 -1.72
N TYR F 63 -10.09 -18.96 -1.12
CA TYR F 63 -11.29 -19.70 -0.68
C TYR F 63 -10.95 -20.95 0.13
N HIS F 64 -9.94 -20.85 0.99
CA HIS F 64 -9.56 -21.90 1.92
C HIS F 64 -9.34 -21.33 3.32
N PRO F 65 -10.41 -21.06 4.06
CA PRO F 65 -10.23 -20.56 5.43
C PRO F 65 -9.47 -21.58 6.30
N VAL F 66 -8.62 -21.06 7.18
CA VAL F 66 -7.77 -21.88 8.03
C VAL F 66 -8.47 -22.06 9.38
N THR F 67 -8.91 -23.28 9.66
CA THR F 67 -9.69 -23.54 10.87
C THR F 67 -8.81 -23.77 12.09
N THR F 68 -7.72 -24.53 11.93
CA THR F 68 -6.79 -24.78 13.03
C THR F 68 -5.55 -23.91 12.86
N LYS F 69 -5.12 -23.31 13.96
CA LYS F 69 -3.98 -22.42 13.97
C LYS F 69 -3.15 -22.66 15.21
N GLN F 70 -1.83 -22.50 15.09
CA GLN F 70 -0.94 -22.56 16.24
C GLN F 70 0.11 -21.49 16.11
N MET F 71 0.62 -21.03 17.25
CA MET F 71 1.61 -19.97 17.25
C MET F 71 2.40 -20.07 18.55
N ASN F 72 3.71 -19.91 18.45
CA ASN F 72 4.55 -19.93 19.65
C ASN F 72 5.60 -18.85 19.44
N ASP F 73 6.67 -18.92 20.24
CA ASP F 73 7.65 -17.84 20.34
C ASP F 73 6.96 -16.54 20.75
N LEU F 74 6.05 -16.67 21.71
CA LEU F 74 5.28 -15.53 22.21
C LEU F 74 6.14 -14.38 22.74
N PRO F 75 7.22 -14.61 23.51
CA PRO F 75 7.94 -13.45 24.08
C PRO F 75 8.44 -12.46 23.04
N ALA F 76 8.85 -12.92 21.86
CA ALA F 76 9.20 -11.97 20.81
C ALA F 76 7.97 -11.26 20.25
N ARG F 77 6.80 -11.88 20.33
CA ARG F 77 5.62 -11.42 19.59
C ARG F 77 4.67 -10.56 20.39
N SER F 78 4.56 -10.75 21.72
CA SER F 78 3.55 -10.06 22.51
C SER F 78 4.20 -9.45 23.74
N GLN F 79 4.00 -8.14 23.93
CA GLN F 79 4.55 -7.48 25.11
C GLN F 79 3.82 -7.88 26.39
N THR F 80 2.49 -7.98 26.34
CA THR F 80 1.75 -8.31 27.55
C THR F 80 2.06 -9.73 28.03
N PHE F 81 2.25 -10.67 27.09
CA PHE F 81 2.71 -12.00 27.49
C PHE F 81 4.13 -11.93 28.05
N ARG F 82 4.96 -11.06 27.46
CA ARG F 82 6.34 -10.92 27.88
C ARG F 82 6.45 -10.40 29.31
N GLN F 83 5.55 -9.50 29.69
CA GLN F 83 5.61 -8.82 30.98
C GLN F 83 4.55 -9.35 31.94
N ASP F 84 3.28 -9.29 31.55
CA ASP F 84 2.21 -9.60 32.49
C ASP F 84 2.14 -11.10 32.76
N LEU F 85 2.16 -11.91 31.71
CA LEU F 85 1.95 -13.35 31.89
C LEU F 85 3.18 -14.04 32.48
N LEU F 86 4.38 -13.72 31.97
CA LEU F 86 5.59 -14.39 32.44
C LEU F 86 5.97 -14.00 33.87
N ASN F 87 5.45 -12.89 34.38
CA ASN F 87 5.73 -12.45 35.74
C ASN F 87 4.55 -12.63 36.67
N ASN F 88 3.48 -13.30 36.23
CA ASN F 88 2.28 -13.41 37.04
C ASN F 88 2.57 -14.15 38.34
N THR F 89 2.12 -13.58 39.46
CA THR F 89 2.51 -14.12 40.76
C THR F 89 1.83 -15.45 41.07
N LEU F 90 0.55 -15.60 40.67
CA LEU F 90 -0.15 -16.85 40.96
C LEU F 90 0.47 -18.03 40.21
N ILE F 91 0.89 -17.81 38.96
CA ILE F 91 1.48 -18.89 38.20
C ILE F 91 2.76 -19.37 38.86
N HIS F 92 3.55 -18.43 39.39
CA HIS F 92 4.79 -18.83 40.04
C HIS F 92 4.55 -19.46 41.39
N LYS F 93 3.49 -19.06 42.09
CA LYS F 93 3.13 -19.74 43.33
C LYS F 93 2.72 -21.18 43.06
N VAL F 94 1.92 -21.41 42.01
CA VAL F 94 1.47 -22.76 41.70
C VAL F 94 2.64 -23.61 41.21
N CYS F 95 3.57 -23.02 40.47
CA CYS F 95 4.74 -23.78 40.04
C CYS F 95 5.60 -24.13 41.25
N GLU F 96 5.71 -23.21 42.20
CA GLU F 96 6.43 -23.47 43.44
C GLU F 96 5.85 -24.69 44.14
N GLY F 97 4.52 -24.71 44.32
CA GLY F 97 3.91 -25.79 45.06
C GLY F 97 3.92 -27.11 44.31
N PHE F 98 3.84 -27.06 42.98
CA PHE F 98 3.80 -28.29 42.21
C PHE F 98 5.18 -28.94 42.13
N TYR F 99 6.23 -28.15 41.93
CA TYR F 99 7.56 -28.76 41.84
C TYR F 99 8.12 -29.09 43.22
N GLY F 100 7.85 -28.27 44.24
CA GLY F 100 8.13 -28.67 45.59
C GLY F 100 9.61 -28.67 45.95
N PRO F 101 9.96 -29.46 46.94
CA PRO F 101 11.31 -29.41 47.49
C PRO F 101 12.41 -29.83 46.53
N THR F 102 12.27 -31.03 45.95
CA THR F 102 13.38 -31.65 45.24
C THR F 102 13.79 -30.92 43.97
N VAL F 103 12.84 -30.23 43.32
CA VAL F 103 13.16 -29.62 42.02
C VAL F 103 13.84 -28.28 42.21
N GLY F 104 13.15 -27.33 42.84
CA GLY F 104 13.73 -26.03 43.13
C GLY F 104 13.45 -24.98 42.07
N ASP F 105 13.93 -25.20 40.86
CA ASP F 105 13.80 -24.21 39.80
C ASP F 105 13.09 -24.84 38.59
N TYR F 106 12.50 -23.97 37.78
CA TYR F 106 11.71 -24.40 36.64
C TYR F 106 11.79 -23.33 35.57
N TRP F 107 11.37 -23.70 34.36
CA TRP F 107 11.31 -22.77 33.25
C TRP F 107 10.24 -23.22 32.28
N MET F 108 9.88 -22.34 31.35
CA MET F 108 8.80 -22.61 30.42
C MET F 108 9.33 -23.39 29.23
N SER F 109 8.64 -24.50 28.92
CA SER F 109 8.98 -25.29 27.74
C SER F 109 8.23 -24.82 26.51
N HIS F 110 6.97 -24.41 26.66
CA HIS F 110 6.17 -24.08 25.50
C HIS F 110 5.17 -23.00 25.85
N GLY F 111 5.18 -21.91 25.09
CA GLY F 111 4.15 -20.89 25.21
C GLY F 111 3.45 -20.77 23.87
N GLY F 112 2.19 -21.15 23.82
CA GLY F 112 1.51 -21.20 22.54
C GLY F 112 0.07 -20.72 22.52
N VAL F 113 -0.32 -20.09 21.43
CA VAL F 113 -1.70 -19.76 21.12
C VAL F 113 -2.24 -20.84 20.19
N LEU F 114 -3.41 -21.36 20.52
CA LEU F 114 -4.08 -22.43 19.79
C LEU F 114 -5.46 -21.96 19.36
N GLU F 115 -5.83 -22.22 18.12
CA GLU F 115 -7.13 -21.85 17.57
C GLU F 115 -7.76 -23.04 16.88
N ARG F 116 -8.98 -23.38 17.28
CA ARG F 116 -9.78 -24.38 16.59
C ARG F 116 -11.06 -23.70 16.13
N GLY F 117 -11.23 -23.57 14.83
CA GLY F 117 -12.38 -22.91 14.26
C GLY F 117 -13.53 -23.87 14.02
N PRO F 118 -14.54 -23.43 13.27
CA PRO F 118 -15.70 -24.29 13.00
C PRO F 118 -15.28 -25.55 12.25
N GLY F 119 -15.96 -26.66 12.56
CA GLY F 119 -15.69 -27.92 11.91
C GLY F 119 -14.46 -28.67 12.39
N THR F 120 -13.90 -28.28 13.52
CA THR F 120 -12.67 -28.93 13.98
C THR F 120 -12.97 -30.30 14.59
N PRO F 121 -12.31 -31.36 14.12
CA PRO F 121 -12.57 -32.70 14.67
C PRO F 121 -12.17 -32.84 16.14
N ILE F 122 -12.91 -33.72 16.82
CA ILE F 122 -12.66 -34.02 18.23
C ILE F 122 -11.31 -34.70 18.42
N GLN F 123 -10.61 -34.37 19.50
CA GLN F 123 -9.30 -34.92 19.82
C GLN F 123 -9.39 -36.27 20.50
N SER F 124 -8.34 -37.08 20.34
CA SER F 124 -8.19 -38.33 21.09
C SER F 124 -7.72 -38.08 22.52
N LEU F 125 -8.13 -38.96 23.43
CA LEU F 125 -7.67 -38.89 24.82
C LEU F 125 -6.18 -39.18 24.87
N HIS F 126 -5.46 -38.37 25.64
CA HIS F 126 -4.02 -38.49 25.65
C HIS F 126 -3.49 -37.86 26.93
N ARG F 127 -2.20 -38.11 27.18
CA ARG F 127 -1.43 -37.45 28.21
C ARG F 127 -0.23 -36.80 27.53
N ASP F 128 0.05 -35.54 27.88
CA ASP F 128 1.15 -34.85 27.21
C ASP F 128 2.50 -35.48 27.52
N GLU F 129 2.67 -36.02 28.73
CA GLU F 129 3.96 -36.59 29.07
C GLU F 129 4.24 -37.89 28.34
N ALA F 130 3.32 -38.32 27.47
CA ALA F 130 3.61 -39.42 26.55
C ALA F 130 4.73 -39.07 25.59
N VAL F 131 5.10 -37.79 25.47
CA VAL F 131 6.27 -37.45 24.65
C VAL F 131 7.59 -37.87 25.31
N PHE F 132 7.56 -38.32 26.57
CA PHE F 132 8.74 -38.75 27.31
C PHE F 132 8.52 -40.19 27.77
N PRO F 133 8.79 -41.17 26.90
CA PRO F 133 8.47 -42.57 27.28
C PRO F 133 9.18 -43.01 28.55
N ALA F 134 10.39 -42.54 28.80
CA ALA F 134 11.10 -42.92 30.02
C ALA F 134 10.40 -42.41 31.28
N ILE F 135 9.71 -41.27 31.20
CA ILE F 135 8.89 -40.79 32.30
C ILE F 135 7.48 -41.38 32.25
N HIS F 136 6.92 -41.47 31.04
CA HIS F 136 5.55 -41.96 30.89
C HIS F 136 5.41 -43.40 31.36
N SER F 137 6.49 -44.19 31.29
CA SER F 137 6.42 -45.58 31.70
C SER F 137 6.23 -45.75 33.21
N LEU F 138 6.55 -44.72 34.00
CA LEU F 138 6.39 -44.78 35.45
C LEU F 138 4.97 -44.52 35.90
N SER F 139 4.07 -44.13 35.00
CA SER F 139 2.66 -43.91 35.30
C SER F 139 2.46 -42.95 36.46
N GLY F 140 1.57 -43.31 37.40
CA GLY F 140 1.20 -42.38 38.44
C GLY F 140 2.27 -42.16 39.48
N SER F 141 3.24 -43.07 39.57
CA SER F 141 4.33 -42.93 40.52
C SER F 141 5.45 -42.04 39.99
N GLY F 142 5.36 -41.58 38.75
CA GLY F 142 6.41 -40.82 38.12
C GLY F 142 6.56 -39.42 38.68
N PRO F 143 7.73 -38.83 38.46
CA PRO F 143 8.00 -37.48 38.99
C PRO F 143 7.14 -36.46 38.35
N PRO F 144 6.83 -35.33 39.02
CA PRO F 144 6.21 -34.19 38.36
C PRO F 144 7.12 -33.65 37.25
N VAL F 145 6.55 -33.46 36.06
CA VAL F 145 7.33 -32.88 34.97
C VAL F 145 6.62 -31.68 34.35
N MET F 146 5.53 -31.93 33.63
CA MET F 146 4.85 -30.88 32.88
C MET F 146 3.76 -30.26 33.72
N LEU F 147 3.70 -28.93 33.71
CA LEU F 147 2.59 -28.22 34.35
C LEU F 147 2.05 -27.20 33.35
N HIS F 148 0.77 -27.33 33.00
CA HIS F 148 0.18 -26.62 31.89
C HIS F 148 -0.89 -25.66 32.40
N PHE F 149 -0.70 -24.36 32.12
CA PHE F 149 -1.68 -23.31 32.41
C PHE F 149 -2.36 -22.94 31.09
N PHE F 150 -3.64 -23.28 30.97
CA PHE F 150 -4.42 -23.08 29.75
C PHE F 150 -5.38 -21.92 29.98
N ILE F 151 -5.08 -20.76 29.38
CA ILE F 151 -5.90 -19.56 29.50
C ILE F 151 -6.85 -19.49 28.31
N ALA F 152 -8.12 -19.21 28.57
CA ALA F 152 -9.10 -19.09 27.50
C ALA F 152 -9.07 -17.67 26.95
N LEU F 153 -8.59 -17.50 25.72
CA LEU F 153 -8.68 -16.17 25.12
C LEU F 153 -10.04 -15.91 24.51
N SER F 154 -10.91 -16.91 24.49
CA SER F 154 -12.31 -16.79 24.11
C SER F 154 -13.11 -17.69 25.02
N ASP F 155 -14.43 -17.63 24.89
CA ASP F 155 -15.29 -18.48 25.72
C ASP F 155 -15.06 -19.95 25.39
N PHE F 156 -15.03 -20.77 26.44
CA PHE F 156 -14.90 -22.22 26.32
C PHE F 156 -16.29 -22.82 26.52
N THR F 157 -16.96 -23.15 25.42
CA THR F 157 -18.30 -23.71 25.44
C THR F 157 -18.26 -25.19 25.06
N ALA F 158 -19.32 -25.90 25.44
CA ALA F 158 -19.44 -27.29 25.02
C ALA F 158 -19.54 -27.42 23.51
N GLU F 159 -20.10 -26.40 22.85
CA GLU F 159 -20.35 -26.51 21.42
C GLU F 159 -19.13 -26.17 20.57
N ASN F 160 -18.27 -25.26 21.04
CA ASN F 160 -17.05 -24.95 20.31
C ASN F 160 -15.89 -25.88 20.66
N GLY F 161 -16.13 -26.86 21.52
CA GLY F 161 -15.14 -27.89 21.79
C GLY F 161 -14.23 -27.62 22.96
N ALA F 162 -14.79 -27.17 24.09
CA ALA F 162 -13.97 -26.92 25.26
C ALA F 162 -13.28 -28.19 25.73
N THR F 163 -12.05 -28.04 26.22
CA THR F 163 -11.24 -29.19 26.60
C THR F 163 -11.89 -29.98 27.72
N GLN F 164 -11.83 -31.31 27.60
CA GLN F 164 -12.37 -32.25 28.57
C GLN F 164 -11.23 -32.92 29.33
N PHE F 165 -11.50 -33.30 30.58
CA PHE F 165 -10.50 -33.87 31.47
C PHE F 165 -11.09 -35.06 32.22
N ILE F 166 -10.21 -35.95 32.67
CA ILE F 166 -10.56 -37.04 33.56
C ILE F 166 -9.86 -36.83 34.89
N PRO F 167 -10.55 -36.33 35.90
CA PRO F 167 -9.90 -36.09 37.20
C PRO F 167 -9.39 -37.39 37.82
N GLY F 168 -8.21 -37.29 38.45
CA GLY F 168 -7.59 -38.42 39.09
C GLY F 168 -6.82 -39.34 38.16
N SER F 169 -6.83 -39.08 36.86
CA SER F 169 -6.14 -39.95 35.92
C SER F 169 -4.63 -39.79 36.02
N HIS F 170 -4.16 -38.73 36.68
CA HIS F 170 -2.74 -38.54 36.92
C HIS F 170 -2.18 -39.53 37.94
N LYS F 171 -3.04 -40.20 38.70
CA LYS F 171 -2.62 -41.14 39.74
C LYS F 171 -2.71 -42.60 39.31
N TRP F 172 -3.16 -42.88 38.09
CA TRP F 172 -3.39 -44.26 37.67
C TRP F 172 -2.09 -45.05 37.61
N ALA F 173 -2.16 -46.33 37.96
CA ALA F 173 -1.00 -47.19 37.98
C ALA F 173 -0.54 -47.62 36.60
N ASP F 174 -1.39 -47.51 35.59
CA ASP F 174 -1.05 -47.92 34.22
C ASP F 174 -1.46 -46.79 33.28
N PHE F 175 -0.48 -46.12 32.68
CA PHE F 175 -0.76 -45.03 31.78
C PHE F 175 -1.04 -45.48 30.35
N ASN F 176 -0.98 -46.78 30.06
CA ASN F 176 -1.49 -47.29 28.80
C ASN F 176 -3.01 -47.17 28.71
N ASP F 177 -3.67 -47.02 29.86
CA ASP F 177 -5.12 -46.81 29.91
C ASP F 177 -5.37 -45.30 29.93
N ASN F 178 -5.92 -44.78 28.85
CA ASN F 178 -6.28 -43.38 28.76
C ASN F 178 -7.76 -43.11 29.08
N GLY F 179 -8.50 -44.08 29.62
CA GLY F 179 -9.91 -43.84 29.93
C GLY F 179 -10.79 -43.87 28.69
N THR F 180 -12.02 -43.36 28.82
CA THR F 180 -13.02 -43.31 27.75
C THR F 180 -13.71 -41.95 27.82
N ARG F 181 -14.39 -41.52 26.77
CA ARG F 181 -14.78 -40.11 26.88
C ARG F 181 -16.00 -39.97 27.83
N ASP F 182 -16.67 -41.09 28.19
CA ASP F 182 -17.75 -40.91 29.15
C ASP F 182 -17.19 -40.56 30.52
N GLN F 183 -15.89 -40.77 30.78
CA GLN F 183 -15.31 -40.36 32.05
C GLN F 183 -14.85 -38.90 32.05
N ALA F 184 -14.88 -38.24 30.90
CA ALA F 184 -14.41 -36.88 30.77
C ALA F 184 -15.54 -35.89 31.03
N VAL F 185 -15.23 -34.84 31.78
CA VAL F 185 -16.14 -33.72 32.00
C VAL F 185 -15.55 -32.49 31.31
N THR F 186 -16.40 -31.73 30.63
CA THR F 186 -15.96 -30.53 29.93
C THR F 186 -15.62 -29.41 30.90
N ALA F 187 -14.62 -28.60 30.52
CA ALA F 187 -14.19 -27.43 31.28
C ALA F 187 -14.75 -26.18 30.61
N ILE F 188 -15.85 -25.66 31.15
CA ILE F 188 -16.49 -24.46 30.64
C ILE F 188 -15.87 -23.23 31.31
N LEU F 189 -15.34 -22.30 30.51
CA LEU F 189 -14.69 -21.12 31.05
C LEU F 189 -15.19 -19.85 30.35
N LYS F 190 -15.06 -18.73 31.06
CA LYS F 190 -15.26 -17.40 30.52
C LYS F 190 -13.95 -16.90 29.92
N ALA F 191 -13.87 -15.60 29.62
CA ALA F 191 -12.67 -15.06 28.99
C ALA F 191 -11.47 -15.06 29.92
N GLY F 192 -11.63 -14.53 31.13
CA GLY F 192 -10.46 -14.39 31.96
C GLY F 192 -10.03 -15.62 32.71
N GLU F 193 -10.71 -16.74 32.48
CA GLU F 193 -10.57 -17.94 33.30
C GLU F 193 -9.47 -18.86 32.77
N MET F 194 -8.92 -19.66 33.69
CA MET F 194 -7.78 -20.54 33.41
C MET F 194 -8.09 -21.96 33.86
N VAL F 195 -7.48 -22.94 33.22
CA VAL F 195 -7.46 -24.31 33.72
C VAL F 195 -6.02 -24.78 33.83
N ILE F 196 -5.64 -25.30 34.99
CA ILE F 196 -4.31 -25.84 35.22
C ILE F 196 -4.40 -27.36 35.26
N PHE F 197 -3.43 -28.02 34.63
CA PHE F 197 -3.39 -29.49 34.66
C PHE F 197 -1.94 -29.96 34.51
N THR F 198 -1.72 -31.21 34.88
CA THR F 198 -0.42 -31.87 34.83
C THR F 198 -0.24 -32.57 33.48
N GLY F 199 1.01 -32.92 33.18
CA GLY F 199 1.24 -33.72 31.99
C GLY F 199 0.79 -35.16 32.11
N LYS F 200 0.37 -35.60 33.30
CA LYS F 200 -0.17 -36.93 33.52
C LYS F 200 -1.70 -36.99 33.51
N THR F 201 -2.38 -35.86 33.36
CA THR F 201 -3.83 -35.85 33.40
C THR F 201 -4.38 -36.08 31.99
N VAL F 202 -5.30 -37.03 31.86
CA VAL F 202 -5.92 -37.29 30.56
C VAL F 202 -6.80 -36.11 30.19
N HIS F 203 -6.72 -35.70 28.92
CA HIS F 203 -7.50 -34.59 28.42
C HIS F 203 -7.64 -34.74 26.91
N CYS F 204 -8.55 -33.96 26.35
CA CYS F 204 -8.72 -33.91 24.90
C CYS F 204 -9.46 -32.65 24.52
N GLY F 205 -9.12 -32.09 23.36
CA GLY F 205 -9.91 -31.01 22.81
C GLY F 205 -11.21 -31.51 22.24
N GLY F 206 -12.21 -30.63 22.23
CA GLY F 206 -13.53 -30.98 21.75
C GLY F 206 -13.72 -30.69 20.27
N ALA F 207 -14.87 -31.14 19.76
CA ALA F 207 -15.29 -30.79 18.41
C ALA F 207 -16.00 -29.44 18.44
N ASN F 208 -15.76 -28.64 17.40
CA ASN F 208 -16.38 -27.31 17.27
C ASN F 208 -17.64 -27.43 16.42
N SER F 209 -18.78 -27.63 17.09
CA SER F 209 -20.06 -27.74 16.40
C SER F 209 -20.49 -26.41 15.77
N THR F 210 -20.07 -25.28 16.35
CA THR F 210 -20.48 -23.97 15.84
C THR F 210 -20.01 -23.77 14.41
N LYS F 211 -20.83 -23.06 13.63
CA LYS F 211 -20.49 -22.78 12.24
C LYS F 211 -19.63 -21.54 12.05
N ASP F 212 -19.48 -20.68 13.07
CA ASP F 212 -18.66 -19.48 12.92
C ASP F 212 -17.67 -19.28 14.05
N SER F 213 -18.02 -19.72 15.27
CA SER F 213 -17.23 -19.40 16.45
C SER F 213 -15.85 -20.06 16.41
N VAL F 214 -14.83 -19.29 16.76
CA VAL F 214 -13.45 -19.77 16.82
C VAL F 214 -13.02 -19.84 18.28
N ARG F 215 -12.54 -21.02 18.70
CA ARG F 215 -12.04 -21.21 20.05
C ARG F 215 -10.53 -20.92 20.09
N ARG F 216 -10.11 -20.07 21.02
CA ARG F 216 -8.71 -19.65 21.12
C ARG F 216 -8.21 -19.76 22.56
N ALA F 217 -6.98 -20.25 22.71
CA ALA F 217 -6.40 -20.48 24.02
C ALA F 217 -4.91 -20.12 24.00
N LEU F 218 -4.39 -19.81 25.18
CA LEU F 218 -2.96 -19.59 25.40
C LEU F 218 -2.50 -20.60 26.44
N GLY F 219 -1.69 -21.56 26.02
CA GLY F 219 -1.13 -22.56 26.92
C GLY F 219 0.29 -22.19 27.28
N MET F 220 0.60 -22.34 28.56
CA MET F 220 1.95 -22.16 29.09
C MET F 220 2.34 -23.46 29.76
N ASN F 221 3.22 -24.22 29.12
CA ASN F 221 3.67 -25.51 29.59
C ASN F 221 5.06 -25.36 30.17
N PHE F 222 5.17 -25.59 31.48
CA PHE F 222 6.41 -25.51 32.23
C PHE F 222 6.99 -26.88 32.49
N HIS F 223 8.32 -26.91 32.65
CA HIS F 223 9.18 -28.05 32.85
C HIS F 223 9.99 -27.84 34.13
N PRO F 224 10.41 -28.92 34.79
CA PRO F 224 11.47 -28.80 35.78
C PRO F 224 12.80 -28.48 35.10
N TRP F 225 13.76 -28.02 35.89
CA TRP F 225 15.01 -27.51 35.34
C TRP F 225 15.73 -28.55 34.49
N TYR F 226 15.58 -29.83 34.82
CA TYR F 226 16.38 -30.87 34.19
C TYR F 226 15.79 -31.43 32.89
N VAL F 227 14.61 -30.95 32.47
CA VAL F 227 13.96 -31.41 31.25
C VAL F 227 14.05 -30.34 30.17
N THR F 228 14.43 -30.75 28.96
CA THR F 228 14.67 -29.83 27.86
C THR F 228 13.41 -29.10 27.42
N PRO F 229 13.40 -27.77 27.38
CA PRO F 229 12.23 -27.06 26.84
C PRO F 229 12.02 -27.36 25.36
N TYR F 230 10.74 -27.39 24.98
CA TYR F 230 10.39 -27.55 23.57
C TYR F 230 10.83 -26.35 22.73
N GLU F 231 10.71 -25.15 23.27
CA GLU F 231 11.02 -23.93 22.53
C GLU F 231 12.44 -23.45 22.81
N ASN F 232 13.11 -22.98 21.76
CA ASN F 232 14.40 -22.31 21.84
C ASN F 232 14.14 -20.81 21.63
N PHE F 233 14.61 -19.98 22.57
CA PHE F 233 14.32 -18.55 22.54
C PHE F 233 15.54 -17.69 22.27
N TYR F 234 16.59 -18.25 21.66
CA TYR F 234 17.78 -17.45 21.42
C TYR F 234 17.66 -16.50 20.24
N ASN F 235 16.68 -16.69 19.36
CA ASN F 235 16.45 -15.77 18.26
C ASN F 235 15.62 -14.56 18.68
N THR F 236 15.21 -14.47 19.93
CA THR F 236 14.55 -13.28 20.43
C THR F 236 15.50 -12.09 20.35
N PRO F 237 15.08 -10.95 19.81
CA PRO F 237 15.99 -9.80 19.73
C PRO F 237 16.42 -9.36 21.13
N ARG F 238 17.67 -8.94 21.25
CA ARG F 238 18.20 -8.65 22.58
C ARG F 238 17.52 -7.46 23.24
N GLU F 239 16.97 -6.52 22.45
CA GLU F 239 16.27 -5.41 23.06
C GLU F 239 15.08 -5.90 23.88
N VAL F 240 14.37 -6.90 23.35
CA VAL F 240 13.22 -7.46 24.05
C VAL F 240 13.67 -8.29 25.25
N VAL F 241 14.77 -9.03 25.12
CA VAL F 241 15.26 -9.82 26.24
C VAL F 241 15.71 -8.90 27.36
N GLU F 242 16.35 -7.78 27.02
CA GLU F 242 16.80 -6.81 28.00
C GLU F 242 15.64 -6.02 28.61
N SER F 243 14.50 -5.97 27.93
CA SER F 243 13.34 -5.31 28.54
C SER F 243 12.66 -6.18 29.59
N MET F 244 13.00 -7.46 29.67
CA MET F 244 12.34 -8.40 30.58
C MET F 244 12.99 -8.43 31.95
N THR F 245 12.18 -8.82 32.94
CA THR F 245 12.67 -9.06 34.28
C THR F 245 13.54 -10.33 34.31
N PRO F 246 14.47 -10.43 35.27
CA PRO F 246 15.30 -11.64 35.34
C PRO F 246 14.50 -12.92 35.50
N LEU F 247 13.37 -12.87 36.20
CA LEU F 247 12.50 -14.04 36.30
C LEU F 247 12.00 -14.48 34.93
N ALA F 248 11.47 -13.53 34.16
CA ALA F 248 10.96 -13.86 32.83
C ALA F 248 12.09 -14.31 31.89
N GLN F 249 13.29 -13.76 32.04
CA GLN F 249 14.41 -14.22 31.23
C GLN F 249 14.82 -15.64 31.59
N ARG F 250 14.79 -15.99 32.88
CA ARG F 250 15.07 -17.35 33.28
C ARG F 250 13.99 -18.31 32.76
N MET F 251 12.75 -17.83 32.67
CA MET F 251 11.69 -18.68 32.15
C MET F 251 11.91 -19.05 30.69
N ILE F 252 12.57 -18.19 29.92
CA ILE F 252 12.78 -18.45 28.50
C ILE F 252 14.23 -18.86 28.21
N GLY F 253 14.96 -19.27 29.25
CA GLY F 253 16.27 -19.88 29.05
C GLY F 253 17.45 -18.94 28.90
N TRP F 254 17.28 -17.64 29.19
CA TRP F 254 18.38 -16.69 29.10
C TRP F 254 19.14 -16.50 30.41
N ARG F 255 18.70 -17.15 31.50
CA ARG F 255 19.43 -17.13 32.76
C ARG F 255 19.59 -18.57 33.26
N THR F 256 20.62 -18.79 34.07
CA THR F 256 20.88 -20.11 34.62
C THR F 256 19.90 -20.46 35.74
N LEU F 257 19.63 -21.76 35.86
CA LEU F 257 18.75 -22.34 36.87
C LEU F 257 19.50 -22.64 38.17
N HIS F 258 18.72 -22.72 39.25
CA HIS F 258 19.24 -23.00 40.59
C HIS F 258 18.42 -24.16 41.13
N PRO F 259 18.71 -25.38 40.66
CA PRO F 259 18.04 -26.57 41.17
C PRO F 259 18.36 -26.77 42.64
N HIS F 260 17.42 -27.40 43.35
CA HIS F 260 17.71 -27.74 44.73
C HIS F 260 18.91 -28.67 44.81
N SER F 261 19.06 -29.58 43.84
CA SER F 261 20.13 -30.57 43.82
C SER F 261 21.56 -30.04 43.68
N HIS F 262 21.86 -29.44 42.53
CA HIS F 262 23.18 -28.85 42.28
C HIS F 262 23.02 -27.36 42.52
N SER F 263 23.17 -26.98 43.80
CA SER F 263 22.85 -25.62 44.23
C SER F 263 23.73 -24.60 43.53
N PHE F 264 24.95 -25.00 43.13
CA PHE F 264 25.85 -24.09 42.44
C PHE F 264 25.24 -23.59 41.14
N GLY F 265 24.35 -24.37 40.53
CA GLY F 265 23.72 -23.93 39.31
C GLY F 265 23.77 -24.92 38.17
N TRP F 266 22.93 -24.69 37.16
CA TRP F 266 22.86 -25.50 35.95
C TRP F 266 22.55 -24.56 34.79
N TRP F 267 22.95 -24.97 33.58
CA TRP F 267 22.80 -24.16 32.36
C TRP F 267 23.69 -22.91 32.42
N LEU F 268 24.98 -23.13 32.68
CA LEU F 268 25.96 -22.07 32.82
C LEU F 268 26.83 -21.96 31.57
N ILE F 269 27.56 -20.85 31.48
CA ILE F 269 28.57 -20.65 30.44
C ILE F 269 29.91 -20.49 31.17
N ARG F 270 30.81 -21.45 30.96
CA ARG F 270 32.11 -21.47 31.64
C ARG F 270 31.94 -21.41 33.16
N ASN F 271 30.98 -22.17 33.68
CA ASN F 271 30.69 -22.23 35.11
C ASN F 271 30.36 -20.85 35.70
N ALA F 272 29.76 -19.99 34.88
CA ALA F 272 29.36 -18.66 35.31
C ALA F 272 27.94 -18.40 34.84
N GLU F 273 27.30 -17.39 35.43
CA GLU F 273 25.92 -17.08 35.10
C GLU F 273 25.80 -16.77 33.61
N ALA F 274 24.81 -17.38 32.96
CA ALA F 274 24.76 -17.36 31.50
C ALA F 274 24.35 -15.99 30.97
N GLY F 275 23.30 -15.39 31.56
CA GLY F 275 22.81 -14.12 31.04
C GLY F 275 23.82 -13.00 31.19
N GLN F 276 24.53 -12.96 32.31
CA GLN F 276 25.63 -12.03 32.44
C GLN F 276 26.73 -12.35 31.44
N ALA F 277 26.95 -13.63 31.15
CA ALA F 277 28.00 -14.06 30.24
C ALA F 277 27.72 -13.65 28.80
N LEU F 278 26.45 -13.42 28.44
CA LEU F 278 26.10 -13.00 27.09
C LEU F 278 25.58 -11.57 27.05
N GLY F 279 25.98 -10.74 28.02
CA GLY F 279 25.79 -9.30 27.95
C GLY F 279 24.65 -8.73 28.77
N LEU F 280 23.83 -9.56 29.41
CA LEU F 280 22.76 -9.06 30.27
C LEU F 280 23.32 -8.57 31.60
N LYS F 281 22.56 -7.68 32.25
CA LYS F 281 22.96 -7.17 33.55
C LYS F 281 22.90 -8.27 34.62
N PRO F 282 23.81 -8.23 35.61
CA PRO F 282 23.84 -9.13 36.77
C PRO F 282 22.50 -9.34 37.45
N ILE G 6 52.24 26.75 6.19
CA ILE G 6 50.87 26.27 6.37
C ILE G 6 50.13 27.14 7.37
N ARG G 7 48.86 27.43 7.09
CA ARG G 7 48.04 28.23 7.98
C ARG G 7 47.46 27.35 9.07
N HIS G 8 47.77 27.67 10.33
CA HIS G 8 47.18 27.01 11.50
C HIS G 8 45.90 27.75 11.88
N ALA G 9 44.85 27.56 11.09
CA ALA G 9 43.63 28.35 11.22
C ALA G 9 42.44 27.45 11.58
N ASN G 10 41.88 27.69 12.76
CA ASN G 10 40.63 27.04 13.19
C ASN G 10 40.01 27.88 14.30
N LYS G 11 39.07 27.28 15.03
CA LYS G 11 38.37 27.87 16.18
C LYS G 11 37.28 28.81 15.71
N ALA G 12 37.67 30.00 15.24
CA ALA G 12 36.72 30.97 14.70
C ALA G 12 36.59 30.89 13.19
N THR G 13 37.35 30.01 12.53
CA THR G 13 37.28 29.86 11.08
C THR G 13 36.06 29.08 10.65
N SER G 14 35.38 29.58 9.61
CA SER G 14 34.25 28.91 9.00
C SER G 14 34.72 27.77 8.10
N SER G 15 33.82 26.81 7.87
CA SER G 15 34.15 25.70 6.97
C SER G 15 34.34 26.18 5.53
N ASP G 16 33.60 27.19 5.11
CA ASP G 16 33.82 27.77 3.78
C ASP G 16 35.22 28.34 3.70
N GLU G 17 35.68 28.97 4.79
CA GLU G 17 37.04 29.45 4.78
C GLU G 17 38.02 28.29 4.71
N ILE G 18 37.77 27.22 5.45
CA ILE G 18 38.70 26.09 5.44
C ILE G 18 38.84 25.53 4.03
N VAL G 19 37.71 25.45 3.32
CA VAL G 19 37.75 25.03 1.93
C VAL G 19 38.56 26.01 1.08
N GLN G 20 38.47 27.31 1.41
CA GLN G 20 39.19 28.30 0.62
C GLN G 20 40.70 28.21 0.84
N ILE G 21 41.15 28.07 2.10
CA ILE G 21 42.58 27.88 2.33
C ILE G 21 43.04 26.58 1.67
N LEU G 22 42.19 25.54 1.66
CA LEU G 22 42.61 24.29 1.04
C LEU G 22 42.78 24.46 -0.46
N GLU G 23 41.88 25.18 -1.10
CA GLU G 23 42.00 25.34 -2.54
C GLU G 23 43.14 26.29 -2.92
N GLU G 24 43.45 27.27 -2.06
CA GLU G 24 44.54 28.19 -2.39
C GLU G 24 45.90 27.56 -2.11
N ASP G 25 46.04 26.83 -1.00
CA ASP G 25 47.34 26.33 -0.57
C ASP G 25 47.51 24.84 -0.76
N GLY G 26 46.43 24.08 -0.85
CA GLY G 26 46.52 22.63 -0.93
C GLY G 26 46.69 21.94 0.40
N VAL G 27 46.73 22.69 1.51
CA VAL G 27 46.92 22.11 2.83
C VAL G 27 46.42 23.13 3.85
N VAL G 28 45.85 22.64 4.95
CA VAL G 28 45.34 23.50 6.01
C VAL G 28 45.45 22.74 7.32
N ILE G 29 45.61 23.50 8.41
CA ILE G 29 45.74 22.94 9.75
C ILE G 29 44.55 23.40 10.58
N VAL G 30 43.73 22.46 11.03
CA VAL G 30 42.61 22.74 11.93
C VAL G 30 43.03 22.34 13.34
N GLU G 31 43.14 23.35 14.21
CA GLU G 31 43.53 23.12 15.59
C GLU G 31 42.36 22.55 16.41
N SER G 32 42.70 21.69 17.37
CA SER G 32 41.78 21.18 18.39
C SER G 32 40.52 20.58 17.75
N PHE G 33 40.73 19.74 16.74
CA PHE G 33 39.61 19.14 16.02
C PHE G 33 38.90 18.09 16.87
N LEU G 34 39.66 17.23 17.54
CA LEU G 34 39.12 16.21 18.41
C LEU G 34 39.35 16.59 19.86
N SER G 35 38.36 16.34 20.72
CA SER G 35 38.57 16.55 22.14
C SER G 35 39.63 15.58 22.64
N SER G 36 40.36 15.98 23.68
CA SER G 36 41.39 15.11 24.22
C SER G 36 40.80 13.80 24.72
N ASP G 37 39.57 13.84 25.24
CA ASP G 37 38.89 12.61 25.61
C ASP G 37 38.57 11.77 24.38
N LEU G 38 38.21 12.42 23.27
CA LEU G 38 37.97 11.67 22.03
C LEU G 38 39.26 11.03 21.53
N VAL G 39 40.39 11.72 21.65
CA VAL G 39 41.66 11.14 21.25
C VAL G 39 42.00 9.96 22.14
N GLN G 40 41.69 10.05 23.44
CA GLN G 40 41.98 8.95 24.34
C GLN G 40 41.06 7.77 24.06
N LYS G 41 39.81 8.04 23.68
CA LYS G 41 38.88 6.97 23.33
C LYS G 41 39.34 6.25 22.06
N LEU G 42 39.83 7.02 21.08
CA LEU G 42 40.32 6.40 19.85
C LEU G 42 41.55 5.55 20.13
N ASN G 43 42.51 6.07 20.91
CA ASN G 43 43.70 5.30 21.23
C ASN G 43 43.36 4.05 22.04
N ASP G 44 42.38 4.14 22.94
CA ASP G 44 42.02 2.99 23.75
C ASP G 44 41.39 1.89 22.90
N GLU G 45 40.48 2.28 22.00
CA GLU G 45 39.89 1.29 21.11
C GLU G 45 40.90 0.73 20.11
N LEU G 46 41.91 1.52 19.74
CA LEU G 46 42.84 1.12 18.70
C LEU G 46 44.02 0.29 19.18
N ASP G 47 44.45 0.49 20.44
CA ASP G 47 45.65 -0.17 20.94
C ASP G 47 45.62 -1.68 20.87
N PRO G 48 44.57 -2.36 21.33
CA PRO G 48 44.58 -3.81 21.16
C PRO G 48 44.67 -4.20 19.71
N HIS G 49 44.08 -3.46 18.77
CA HIS G 49 44.17 -4.02 17.43
C HIS G 49 45.53 -3.68 16.82
N LEU G 50 46.23 -2.64 17.31
CA LEU G 50 47.62 -2.44 16.84
C LEU G 50 48.52 -3.54 17.39
N ALA G 51 48.26 -3.98 18.62
CA ALA G 51 49.08 -5.05 19.20
C ALA G 51 48.89 -6.39 18.50
N ALA G 52 47.69 -6.66 17.99
CA ALA G 52 47.34 -7.95 17.38
C ALA G 52 47.59 -8.01 15.87
N LEU G 53 48.38 -7.08 15.31
CA LEU G 53 48.40 -6.93 13.86
C LEU G 53 48.83 -8.23 13.16
N TYR G 54 49.67 -9.03 13.81
CA TYR G 54 49.98 -10.37 13.34
C TYR G 54 49.88 -11.37 14.50
N ASP G 55 48.78 -11.24 15.25
CA ASP G 55 48.32 -12.23 16.23
C ASP G 55 49.23 -12.38 17.45
N TYR G 63 62.99 -9.60 20.56
CA TYR G 63 63.96 -8.52 20.51
C TYR G 63 63.90 -7.80 19.18
N HIS G 64 62.75 -7.84 18.53
CA HIS G 64 62.59 -7.33 17.17
C HIS G 64 61.39 -6.40 17.16
N PRO G 65 61.53 -5.20 17.71
CA PRO G 65 60.41 -4.26 17.72
C PRO G 65 60.03 -3.86 16.30
N VAL G 66 58.73 -3.67 16.09
CA VAL G 66 58.21 -3.27 14.79
C VAL G 66 58.12 -1.75 14.77
N THR G 67 58.95 -1.12 13.96
CA THR G 67 58.96 0.34 13.90
C THR G 67 57.75 0.90 13.15
N THR G 68 57.37 0.27 12.04
CA THR G 68 56.31 0.80 11.17
C THR G 68 55.06 -0.07 11.27
N LYS G 69 53.90 0.58 11.40
CA LYS G 69 52.62 -0.17 11.50
C LYS G 69 51.53 0.58 10.72
N GLN G 70 50.76 -0.14 9.91
CA GLN G 70 49.65 0.45 9.14
C GLN G 70 48.39 -0.41 9.30
N MET G 71 47.26 0.19 9.66
CA MET G 71 46.04 -0.61 9.93
C MET G 71 44.80 0.09 9.35
N ASN G 72 43.92 -0.67 8.68
CA ASN G 72 42.72 -0.10 8.07
C ASN G 72 41.52 -0.96 8.48
N ASP G 73 40.42 -0.82 7.75
CA ASP G 73 39.13 -1.40 8.14
C ASP G 73 38.71 -0.88 9.51
N LEU G 74 38.91 0.42 9.71
CA LEU G 74 38.54 1.04 10.97
C LEU G 74 37.08 0.85 11.35
N PRO G 75 36.09 0.97 10.43
CA PRO G 75 34.70 0.81 10.89
C PRO G 75 34.44 -0.53 11.57
N ALA G 76 35.06 -1.60 11.11
CA ALA G 76 34.94 -2.86 11.84
C ALA G 76 35.65 -2.81 13.19
N ARG G 77 36.69 -1.97 13.30
CA ARG G 77 37.60 -2.02 14.43
C ARG G 77 37.28 -1.00 15.54
N SER G 78 36.72 0.16 15.23
CA SER G 78 36.56 1.20 16.24
C SER G 78 35.13 1.74 16.22
N GLN G 79 34.48 1.77 17.39
CA GLN G 79 33.13 2.32 17.43
C GLN G 79 33.13 3.84 17.27
N THR G 80 34.09 4.54 17.87
CA THR G 80 34.11 5.99 17.74
C THR G 80 34.39 6.41 16.30
N PHE G 81 35.22 5.64 15.59
CA PHE G 81 35.37 5.86 14.15
C PHE G 81 34.07 5.54 13.41
N ARG G 82 33.33 4.53 13.89
CA ARG G 82 32.08 4.15 13.25
C ARG G 82 31.05 5.27 13.34
N GLN G 83 30.99 5.95 14.48
CA GLN G 83 29.97 6.94 14.76
C GLN G 83 30.50 8.37 14.71
N ASP G 84 31.52 8.67 15.52
CA ASP G 84 31.93 10.06 15.69
C ASP G 84 32.67 10.58 14.45
N LEU G 85 33.65 9.83 13.96
CA LEU G 85 34.47 10.33 12.88
C LEU G 85 33.74 10.32 11.55
N LEU G 86 33.01 9.23 11.25
CA LEU G 86 32.31 9.13 9.97
C LEU G 86 31.14 10.09 9.87
N ASN G 87 30.65 10.60 10.99
CA ASN G 87 29.54 11.56 11.01
C ASN G 87 29.99 12.96 11.34
N ASN G 88 31.30 13.22 11.40
CA ASN G 88 31.79 14.52 11.83
C ASN G 88 31.30 15.60 10.86
N THR G 89 30.77 16.68 11.42
CA THR G 89 30.12 17.68 10.58
C THR G 89 31.12 18.47 9.75
N LEU G 90 32.28 18.79 10.33
CA LEU G 90 33.27 19.58 9.62
C LEU G 90 33.85 18.80 8.45
N ILE G 91 34.11 17.50 8.62
CA ILE G 91 34.67 16.70 7.55
C ILE G 91 33.72 16.66 6.37
N HIS G 92 32.41 16.58 6.65
CA HIS G 92 31.44 16.48 5.57
C HIS G 92 31.21 17.81 4.89
N LYS G 93 31.20 18.92 5.64
CA LYS G 93 31.09 20.22 4.98
C LYS G 93 32.33 20.51 4.13
N VAL G 94 33.51 20.13 4.61
CA VAL G 94 34.71 20.30 3.80
C VAL G 94 34.66 19.41 2.57
N CYS G 95 34.07 18.21 2.68
CA CYS G 95 33.94 17.35 1.51
C CYS G 95 32.99 17.95 0.49
N GLU G 96 31.85 18.47 0.94
CA GLU G 96 30.91 19.09 0.02
C GLU G 96 31.52 20.30 -0.66
N GLY G 97 32.28 21.10 0.09
CA GLY G 97 32.92 22.27 -0.51
C GLY G 97 34.06 21.91 -1.44
N PHE G 98 34.76 20.81 -1.17
CA PHE G 98 35.89 20.41 -2.00
C PHE G 98 35.42 19.80 -3.31
N TYR G 99 34.37 18.98 -3.26
CA TYR G 99 33.90 18.37 -4.47
C TYR G 99 33.02 19.30 -5.29
N GLY G 100 32.19 20.14 -4.65
CA GLY G 100 31.58 21.23 -5.34
C GLY G 100 30.46 20.84 -6.29
N PRO G 101 30.23 21.69 -7.29
CA PRO G 101 29.08 21.48 -8.17
C PRO G 101 29.17 20.19 -8.99
N THR G 102 30.28 20.02 -9.72
CA THR G 102 30.37 18.96 -10.73
C THR G 102 30.41 17.55 -10.13
N VAL G 103 30.87 17.37 -8.89
CA VAL G 103 31.03 16.01 -8.37
C VAL G 103 29.72 15.49 -7.79
N GLY G 104 29.21 16.15 -6.74
CA GLY G 104 27.97 15.74 -6.11
C GLY G 104 28.10 14.83 -4.90
N ASP G 105 28.61 13.61 -5.08
CA ASP G 105 28.67 12.64 -4.00
C ASP G 105 30.09 12.10 -3.81
N TYR G 106 30.35 11.60 -2.62
CA TYR G 106 31.68 11.13 -2.24
C TYR G 106 31.55 9.99 -1.23
N TRP G 107 32.64 9.27 -1.05
CA TRP G 107 32.72 8.21 -0.06
C TRP G 107 34.17 8.06 0.38
N MET G 108 34.38 7.34 1.47
CA MET G 108 35.73 7.18 2.01
C MET G 108 36.43 6.07 1.26
N SER G 109 37.63 6.36 0.77
CA SER G 109 38.40 5.33 0.10
C SER G 109 39.28 4.56 1.07
N HIS G 110 39.86 5.26 2.05
CA HIS G 110 40.81 4.59 2.93
C HIS G 110 40.79 5.24 4.30
N GLY G 111 40.59 4.43 5.33
CA GLY G 111 40.74 4.91 6.69
C GLY G 111 41.79 4.11 7.42
N GLY G 112 42.90 4.77 7.78
CA GLY G 112 43.99 4.02 8.38
C GLY G 112 44.70 4.71 9.53
N VAL G 113 45.08 3.94 10.53
CA VAL G 113 45.96 4.39 11.60
C VAL G 113 47.38 4.02 11.20
N LEU G 114 48.29 4.97 11.34
CA LEU G 114 49.70 4.93 10.96
C LEU G 114 50.58 5.17 12.17
N GLU G 115 51.63 4.34 12.28
CA GLU G 115 52.55 4.32 13.41
C GLU G 115 53.97 4.30 12.87
N ARG G 116 54.75 5.33 13.16
CA ARG G 116 56.19 5.25 12.98
C ARG G 116 56.88 5.33 14.33
N GLY G 117 57.69 4.34 14.64
CA GLY G 117 58.48 4.32 15.85
C GLY G 117 59.86 4.92 15.64
N PRO G 118 60.76 4.69 16.59
CA PRO G 118 62.12 5.25 16.45
C PRO G 118 62.86 4.70 15.24
N GLY G 119 63.67 5.55 14.63
CA GLY G 119 64.52 5.16 13.52
C GLY G 119 63.87 5.10 12.16
N THR G 120 62.68 5.67 11.98
CA THR G 120 62.03 5.58 10.68
C THR G 120 62.68 6.53 9.68
N PRO G 121 63.02 6.04 8.49
CA PRO G 121 63.69 6.89 7.49
C PRO G 121 62.78 7.98 6.91
N ILE G 122 63.43 9.05 6.44
CA ILE G 122 62.74 10.15 5.75
C ILE G 122 62.06 9.64 4.49
N GLN G 123 60.88 10.18 4.20
CA GLN G 123 60.09 9.83 3.02
C GLN G 123 60.41 10.72 1.83
N SER G 124 60.21 10.18 0.63
CA SER G 124 60.34 10.98 -0.59
C SER G 124 59.16 11.91 -0.76
N LEU G 125 59.39 13.11 -1.31
CA LEU G 125 58.27 13.94 -1.72
C LEU G 125 57.47 13.25 -2.81
N HIS G 126 56.16 13.30 -2.68
CA HIS G 126 55.28 12.53 -3.54
C HIS G 126 53.89 13.16 -3.51
N ARG G 127 53.07 12.75 -4.47
CA ARG G 127 51.65 13.07 -4.49
C ARG G 127 50.90 11.75 -4.47
N ASP G 128 49.89 11.63 -3.59
CA ASP G 128 49.15 10.39 -3.50
C ASP G 128 48.42 10.05 -4.80
N GLU G 129 47.94 11.07 -5.52
CA GLU G 129 47.20 10.83 -6.74
C GLU G 129 48.10 10.32 -7.86
N ALA G 130 49.38 10.09 -7.57
CA ALA G 130 50.24 9.37 -8.51
C ALA G 130 49.78 7.94 -8.74
N VAL G 131 48.95 7.39 -7.83
CA VAL G 131 48.45 6.03 -8.06
C VAL G 131 47.44 5.97 -9.22
N PHE G 132 47.06 7.11 -9.78
CA PHE G 132 46.12 7.21 -10.90
C PHE G 132 46.83 7.97 -12.01
N PRO G 133 47.63 7.27 -12.84
CA PRO G 133 48.37 7.99 -13.89
C PRO G 133 47.47 8.75 -14.86
N ALA G 134 46.28 8.22 -15.13
CA ALA G 134 45.35 8.90 -16.04
C ALA G 134 44.88 10.24 -15.45
N ILE G 135 44.75 10.33 -14.13
CA ILE G 135 44.44 11.63 -13.51
C ILE G 135 45.71 12.43 -13.25
N HIS G 136 46.76 11.75 -12.80
CA HIS G 136 48.00 12.43 -12.42
C HIS G 136 48.64 13.14 -13.61
N SER G 137 48.38 12.69 -14.84
CA SER G 137 48.98 13.30 -16.02
C SER G 137 48.35 14.64 -16.39
N LEU G 138 47.20 15.00 -15.83
CA LEU G 138 46.61 16.32 -16.07
C LEU G 138 47.20 17.40 -15.17
N SER G 139 48.01 17.03 -14.18
CA SER G 139 48.73 17.97 -13.30
C SER G 139 47.70 18.87 -12.61
N GLY G 140 47.89 20.18 -12.58
CA GLY G 140 47.04 21.05 -11.78
C GLY G 140 45.69 21.38 -12.40
N SER G 141 45.50 21.06 -13.67
CA SER G 141 44.21 21.25 -14.31
C SER G 141 43.24 20.12 -14.04
N GLY G 142 43.67 19.07 -13.34
CA GLY G 142 42.86 17.90 -13.12
C GLY G 142 41.74 18.10 -12.13
N PRO G 143 40.72 17.24 -12.22
CA PRO G 143 39.57 17.35 -11.32
C PRO G 143 39.97 17.00 -9.88
N PRO G 144 39.25 17.53 -8.90
CA PRO G 144 39.48 17.06 -7.52
C PRO G 144 39.14 15.58 -7.40
N VAL G 145 40.05 14.82 -6.79
CA VAL G 145 39.82 13.39 -6.60
C VAL G 145 40.01 13.01 -5.13
N MET G 146 41.23 13.14 -4.64
CA MET G 146 41.59 12.68 -3.31
C MET G 146 41.52 13.84 -2.33
N LEU G 147 40.88 13.61 -1.19
CA LEU G 147 40.85 14.59 -0.10
C LEU G 147 41.23 13.87 1.18
N HIS G 148 42.29 14.32 1.84
CA HIS G 148 42.91 13.57 2.94
C HIS G 148 42.82 14.36 4.23
N PHE G 149 42.17 13.76 5.23
CA PHE G 149 42.08 14.32 6.58
C PHE G 149 43.04 13.52 7.48
N PHE G 150 44.08 14.19 7.99
CA PHE G 150 45.18 13.57 8.74
C PHE G 150 45.06 14.02 10.19
N ILE G 151 44.50 13.16 11.04
CA ILE G 151 44.14 13.47 12.41
C ILE G 151 45.25 13.02 13.36
N ALA G 152 45.36 13.74 14.48
CA ALA G 152 46.33 13.44 15.51
C ALA G 152 45.90 12.30 16.40
N LEU G 153 46.88 11.45 16.75
CA LEU G 153 46.79 10.58 17.90
C LEU G 153 48.07 10.61 18.71
N SER G 154 49.05 11.42 18.30
CA SER G 154 50.25 11.70 19.09
C SER G 154 50.76 13.07 18.68
N ASP G 155 51.73 13.57 19.43
CA ASP G 155 52.33 14.87 19.13
C ASP G 155 53.05 14.83 17.79
N PHE G 156 52.96 15.95 17.05
CA PHE G 156 53.63 16.10 15.76
C PHE G 156 54.82 17.03 15.93
N THR G 157 56.00 16.45 16.10
CA THR G 157 57.22 17.22 16.22
C THR G 157 58.04 17.05 14.95
N ALA G 158 58.87 18.06 14.66
CA ALA G 158 59.89 17.85 13.62
C ALA G 158 60.85 16.76 14.05
N GLU G 159 61.01 16.58 15.36
CA GLU G 159 61.94 15.60 15.91
C GLU G 159 61.45 14.17 15.69
N ASN G 160 60.15 13.93 15.81
CA ASN G 160 59.58 12.60 15.59
C ASN G 160 59.05 12.44 14.17
N GLY G 161 59.27 13.45 13.32
CA GLY G 161 59.01 13.40 11.90
C GLY G 161 57.67 13.91 11.40
N ALA G 162 57.20 15.07 11.84
CA ALA G 162 55.89 15.56 11.38
C ALA G 162 55.91 15.72 9.87
N THR G 163 54.77 15.43 9.24
CA THR G 163 54.66 15.43 7.79
C THR G 163 54.90 16.84 7.27
N GLN G 164 55.63 16.94 6.16
CA GLN G 164 55.94 18.20 5.51
C GLN G 164 55.13 18.40 4.23
N PHE G 165 54.88 19.66 3.88
CA PHE G 165 54.07 20.02 2.73
C PHE G 165 54.72 21.15 1.96
N ILE G 166 54.40 21.23 0.67
CA ILE G 166 54.78 22.35 -0.18
C ILE G 166 53.50 23.05 -0.62
N PRO G 167 53.17 24.18 0.02
CA PRO G 167 51.89 24.84 -0.30
C PRO G 167 51.82 25.28 -1.76
N GLY G 168 50.64 25.13 -2.35
CA GLY G 168 50.43 25.53 -3.72
C GLY G 168 50.91 24.56 -4.77
N SER G 169 51.53 23.44 -4.36
CA SER G 169 52.07 22.50 -5.33
C SER G 169 50.98 21.71 -6.02
N HIS G 170 49.75 21.77 -5.50
CA HIS G 170 48.62 21.15 -6.15
C HIS G 170 48.21 21.87 -7.43
N LYS G 171 48.68 23.09 -7.64
CA LYS G 171 48.32 23.88 -8.81
C LYS G 171 49.36 23.84 -9.93
N TRP G 172 50.49 23.16 -9.73
CA TRP G 172 51.58 23.21 -10.72
C TRP G 172 51.16 22.57 -12.04
N ALA G 173 51.68 23.13 -13.14
CA ALA G 173 51.35 22.66 -14.48
C ALA G 173 52.03 21.36 -14.85
N ASP G 174 53.08 20.96 -14.13
CA ASP G 174 53.81 19.71 -14.40
C ASP G 174 54.00 18.98 -13.08
N PHE G 175 53.33 17.85 -12.94
CA PHE G 175 53.40 17.05 -11.71
C PHE G 175 54.59 16.10 -11.70
N ASN G 176 55.40 16.06 -12.76
CA ASN G 176 56.67 15.36 -12.68
C ASN G 176 57.64 16.07 -11.74
N ASP G 177 57.40 17.35 -11.46
CA ASP G 177 58.21 18.12 -10.52
C ASP G 177 57.62 17.96 -9.13
N ASN G 178 58.35 17.28 -8.25
CA ASN G 178 57.90 17.09 -6.88
C ASN G 178 58.46 18.15 -5.95
N GLY G 179 59.12 19.16 -6.52
CA GLY G 179 59.74 20.24 -5.80
C GLY G 179 61.07 19.85 -5.19
N THR G 180 61.57 20.71 -4.31
CA THR G 180 62.84 20.44 -3.66
C THR G 180 62.61 20.56 -2.17
N ARG G 181 63.42 19.93 -1.33
CA ARG G 181 62.93 19.87 0.04
C ARG G 181 62.91 21.24 0.71
N ASP G 182 63.85 22.18 0.47
CA ASP G 182 63.77 23.41 1.28
C ASP G 182 62.45 24.18 1.08
N GLN G 183 61.64 23.77 0.11
CA GLN G 183 60.30 24.28 -0.09
C GLN G 183 59.26 23.61 0.80
N ALA G 184 59.61 22.59 1.58
CA ALA G 184 58.62 21.89 2.39
C ALA G 184 58.48 22.57 3.75
N VAL G 185 57.24 22.70 4.22
CA VAL G 185 56.95 23.22 5.55
C VAL G 185 56.41 22.10 6.41
N THR G 186 56.99 21.93 7.60
CA THR G 186 56.53 20.92 8.54
C THR G 186 55.21 21.37 9.19
N ALA G 187 54.34 20.40 9.45
CA ALA G 187 53.06 20.66 10.10
C ALA G 187 53.17 20.26 11.57
N ILE G 188 53.38 21.23 12.45
CA ILE G 188 53.47 20.98 13.88
C ILE G 188 52.08 21.09 14.50
N LEU G 189 51.61 19.99 15.09
CA LEU G 189 50.37 19.98 15.87
C LEU G 189 50.59 19.09 17.10
N LYS G 190 49.76 19.29 18.13
CA LYS G 190 49.93 18.60 19.42
C LYS G 190 48.78 17.66 19.75
N ALA G 191 47.56 18.17 19.95
CA ALA G 191 46.43 17.40 20.48
C ALA G 191 45.67 16.85 19.28
N GLY G 192 44.42 16.44 19.46
CA GLY G 192 43.68 15.89 18.35
C GLY G 192 43.38 16.93 17.29
N GLU G 193 44.44 17.54 16.76
CA GLU G 193 44.42 18.43 15.61
C GLU G 193 44.51 17.66 14.30
N MET G 194 44.10 18.32 13.24
CA MET G 194 44.08 17.69 11.94
C MET G 194 44.76 18.59 10.91
N VAL G 195 45.33 17.95 9.89
CA VAL G 195 45.81 18.63 8.70
C VAL G 195 45.10 18.03 7.49
N ILE G 196 44.53 18.89 6.65
CA ILE G 196 43.82 18.47 5.45
C ILE G 196 44.68 18.80 4.23
N PHE G 197 44.71 17.90 3.26
CA PHE G 197 45.43 18.19 2.03
C PHE G 197 44.82 17.40 0.88
N THR G 198 45.09 17.85 -0.33
CA THR G 198 44.59 17.19 -1.53
C THR G 198 45.59 16.14 -2.00
N GLY G 199 45.12 15.25 -2.86
CA GLY G 199 46.00 14.26 -3.44
C GLY G 199 46.99 14.82 -4.44
N LYS G 200 46.85 16.10 -4.81
CA LYS G 200 47.77 16.78 -5.70
C LYS G 200 48.85 17.57 -4.95
N THR G 201 48.80 17.60 -3.62
CA THR G 201 49.76 18.37 -2.86
C THR G 201 50.98 17.51 -2.57
N VAL G 202 52.17 18.05 -2.85
CA VAL G 202 53.41 17.33 -2.55
C VAL G 202 53.60 17.26 -1.04
N HIS G 203 54.02 16.10 -0.55
CA HIS G 203 54.24 15.92 0.87
C HIS G 203 55.21 14.77 1.07
N CYS G 204 55.71 14.65 2.31
CA CYS G 204 56.55 13.53 2.69
C CYS G 204 56.57 13.43 4.21
N GLY G 205 56.65 12.19 4.70
CA GLY G 205 56.84 11.96 6.12
C GLY G 205 58.26 12.26 6.57
N GLY G 206 58.39 12.58 7.85
CA GLY G 206 59.69 12.93 8.40
C GLY G 206 60.46 11.75 8.96
N ALA G 207 61.74 12.00 9.27
CA ALA G 207 62.56 11.03 9.98
C ALA G 207 62.34 11.18 11.48
N ASN G 208 62.27 10.05 12.18
CA ASN G 208 62.07 10.03 13.62
C ASN G 208 63.44 9.89 14.26
N SER G 209 64.05 11.03 14.60
CA SER G 209 65.36 10.99 15.24
C SER G 209 65.32 10.45 16.67
N THR G 210 64.26 10.69 17.43
CA THR G 210 64.23 10.19 18.80
C THR G 210 64.23 8.68 18.85
N LYS G 211 64.94 8.14 19.85
CA LYS G 211 64.94 6.71 20.10
C LYS G 211 63.72 6.26 20.88
N ASP G 212 62.90 7.20 21.37
CA ASP G 212 61.92 6.90 22.41
C ASP G 212 60.49 7.32 22.07
N SER G 213 60.17 7.74 20.84
CA SER G 213 58.86 8.34 20.59
C SER G 213 58.23 7.82 19.30
N VAL G 214 56.95 7.42 19.41
CA VAL G 214 56.24 6.81 18.25
C VAL G 214 55.19 7.79 17.69
N ARG G 215 55.24 8.06 16.38
CA ARG G 215 54.27 8.98 15.75
C ARG G 215 53.00 8.19 15.38
N ARG G 216 51.84 8.65 15.85
CA ARG G 216 50.56 7.97 15.53
C ARG G 216 49.59 8.96 14.87
N ALA G 217 49.00 8.54 13.74
CA ALA G 217 48.07 9.41 13.03
C ALA G 217 46.93 8.59 12.43
N LEU G 218 45.79 9.26 12.20
CA LEU G 218 44.65 8.62 11.52
C LEU G 218 44.33 9.38 10.24
N GLY G 219 44.52 8.73 9.10
CA GLY G 219 44.19 9.32 7.81
C GLY G 219 42.86 8.80 7.28
N MET G 220 42.05 9.73 6.78
CA MET G 220 40.79 9.43 6.10
C MET G 220 40.89 10.03 4.71
N ASN G 221 41.02 9.17 3.71
CA ASN G 221 41.18 9.56 2.32
C ASN G 221 39.87 9.31 1.59
N PHE G 222 39.25 10.41 1.12
CA PHE G 222 37.99 10.39 0.40
C PHE G 222 38.22 10.51 -1.10
N HIS G 223 37.28 9.95 -1.85
CA HIS G 223 37.20 9.87 -3.30
C HIS G 223 35.87 10.46 -3.77
N PRO G 224 35.81 10.96 -5.00
CA PRO G 224 34.50 11.20 -5.61
C PRO G 224 33.85 9.86 -5.93
N TRP G 225 32.54 9.91 -6.18
CA TRP G 225 31.76 8.70 -6.34
C TRP G 225 32.32 7.81 -7.45
N TYR G 226 32.93 8.41 -8.48
CA TYR G 226 33.31 7.65 -9.66
C TYR G 226 34.70 7.02 -9.58
N VAL G 227 35.44 7.22 -8.48
CA VAL G 227 36.77 6.64 -8.33
C VAL G 227 36.69 5.51 -7.32
N THR G 228 37.28 4.36 -7.66
CA THR G 228 37.16 3.16 -6.85
C THR G 228 37.83 3.35 -5.49
N PRO G 229 37.13 3.10 -4.39
CA PRO G 229 37.78 3.15 -3.07
C PRO G 229 38.85 2.09 -2.95
N TYR G 230 39.91 2.42 -2.21
CA TYR G 230 40.95 1.44 -1.94
C TYR G 230 40.45 0.30 -1.06
N GLU G 231 39.60 0.61 -0.08
CA GLU G 231 39.13 -0.37 0.88
C GLU G 231 37.79 -0.99 0.47
N ASN G 232 37.65 -2.29 0.72
CA ASN G 232 36.39 -3.00 0.59
C ASN G 232 35.84 -3.26 1.98
N PHE G 233 34.59 -2.86 2.22
CA PHE G 233 33.99 -2.95 3.55
C PHE G 233 32.84 -3.96 3.61
N TYR G 234 32.78 -4.91 2.67
CA TYR G 234 31.69 -5.87 2.68
C TYR G 234 31.87 -7.02 3.67
N ASN G 235 33.09 -7.26 4.16
CA ASN G 235 33.25 -8.24 5.22
C ASN G 235 32.97 -7.64 6.60
N THR G 236 32.62 -6.37 6.65
CA THR G 236 32.23 -5.75 7.90
C THR G 236 30.99 -6.47 8.44
N PRO G 237 30.97 -6.84 9.72
CA PRO G 237 29.83 -7.64 10.21
C PRO G 237 28.52 -6.88 10.06
N ARG G 238 27.46 -7.63 9.74
CA ARG G 238 26.19 -7.00 9.39
C ARG G 238 25.65 -6.21 10.58
N GLU G 239 25.83 -6.73 11.80
CA GLU G 239 25.28 -6.05 12.96
C GLU G 239 25.92 -4.69 13.20
N VAL G 240 27.22 -4.55 12.89
CA VAL G 240 27.84 -3.24 13.10
C VAL G 240 27.44 -2.28 11.99
N VAL G 241 27.22 -2.78 10.76
CA VAL G 241 26.77 -1.91 9.69
C VAL G 241 25.38 -1.38 9.98
N GLU G 242 24.53 -2.20 10.59
CA GLU G 242 23.19 -1.73 10.94
C GLU G 242 23.19 -0.72 12.08
N SER G 243 24.26 -0.68 12.89
CA SER G 243 24.38 0.32 13.95
C SER G 243 24.81 1.69 13.44
N MET G 244 25.25 1.79 12.19
CA MET G 244 25.76 3.03 11.62
C MET G 244 24.64 3.87 10.99
N THR G 245 24.89 5.17 10.91
CA THR G 245 23.98 6.08 10.21
C THR G 245 24.02 5.83 8.71
N PRO G 246 22.94 6.13 7.99
CA PRO G 246 22.96 5.94 6.53
C PRO G 246 24.05 6.74 5.83
N LEU G 247 24.40 7.92 6.35
CA LEU G 247 25.50 8.68 5.79
C LEU G 247 26.81 7.90 5.93
N ALA G 248 27.09 7.39 7.13
CA ALA G 248 28.30 6.61 7.33
C ALA G 248 28.28 5.32 6.52
N GLN G 249 27.10 4.73 6.32
CA GLN G 249 27.00 3.54 5.49
C GLN G 249 27.32 3.85 4.04
N ARG G 250 26.88 5.03 3.55
CA ARG G 250 27.26 5.44 2.20
C ARG G 250 28.76 5.70 2.11
N MET G 251 29.35 6.19 3.20
CA MET G 251 30.78 6.47 3.21
C MET G 251 31.60 5.20 3.05
N ILE G 252 31.08 4.06 3.51
CA ILE G 252 31.82 2.80 3.45
C ILE G 252 31.28 1.89 2.35
N GLY G 253 30.52 2.44 1.40
CA GLY G 253 30.11 1.72 0.22
C GLY G 253 28.91 0.82 0.35
N TRP G 254 28.16 0.94 1.44
CA TRP G 254 26.94 0.14 1.64
C TRP G 254 25.67 0.82 1.14
N ARG G 255 25.76 2.06 0.66
CA ARG G 255 24.63 2.77 0.07
C ARG G 255 25.03 3.29 -1.30
N THR G 256 24.02 3.52 -2.16
CA THR G 256 24.31 4.06 -3.48
C THR G 256 24.71 5.53 -3.41
N LEU G 257 25.56 5.92 -4.34
CA LEU G 257 25.97 7.31 -4.48
C LEU G 257 24.98 8.05 -5.36
N HIS G 258 24.92 9.37 -5.18
CA HIS G 258 24.00 10.23 -5.90
C HIS G 258 24.77 11.38 -6.53
N PRO G 259 25.50 11.11 -7.62
CA PRO G 259 26.14 12.19 -8.35
C PRO G 259 25.07 13.12 -8.90
N HIS G 260 25.38 14.41 -8.93
CA HIS G 260 24.44 15.35 -9.54
C HIS G 260 24.26 15.14 -11.04
N SER G 261 25.30 14.66 -11.73
CA SER G 261 25.15 14.51 -13.18
C SER G 261 24.04 13.52 -13.50
N HIS G 262 24.24 12.25 -13.16
CA HIS G 262 23.19 11.24 -13.37
C HIS G 262 22.55 10.99 -12.01
N SER G 263 21.62 11.88 -11.63
CA SER G 263 21.05 11.86 -10.28
C SER G 263 20.23 10.60 -10.00
N PHE G 264 19.83 9.86 -11.04
CA PHE G 264 19.14 8.59 -10.85
C PHE G 264 19.96 7.63 -10.00
N GLY G 265 21.28 7.81 -9.95
CA GLY G 265 22.09 7.06 -9.03
C GLY G 265 23.22 6.27 -9.66
N TRP G 266 24.16 5.85 -8.83
CA TRP G 266 25.28 5.02 -9.22
C TRP G 266 25.53 4.03 -8.09
N TRP G 267 26.15 2.89 -8.44
CA TRP G 267 26.40 1.82 -7.46
C TRP G 267 25.07 1.22 -6.98
N LEU G 268 24.23 0.82 -7.95
CA LEU G 268 22.89 0.31 -7.70
C LEU G 268 22.86 -1.21 -7.81
N ILE G 269 21.77 -1.79 -7.29
CA ILE G 269 21.46 -3.20 -7.44
C ILE G 269 20.10 -3.32 -8.13
N ARG G 270 20.09 -3.85 -9.35
CA ARG G 270 18.89 -3.97 -10.17
C ARG G 270 18.20 -2.61 -10.31
N ASN G 271 19.01 -1.56 -10.53
CA ASN G 271 18.55 -0.18 -10.68
C ASN G 271 17.74 0.29 -9.47
N ALA G 272 18.07 -0.22 -8.28
CA ALA G 272 17.41 0.15 -7.04
C ALA G 272 18.46 0.41 -5.98
N GLU G 273 18.04 1.05 -4.89
CA GLU G 273 18.97 1.40 -3.81
C GLU G 273 19.66 0.15 -3.28
N ALA G 274 20.97 0.24 -3.12
CA ALA G 274 21.80 -0.95 -2.87
C ALA G 274 21.65 -1.46 -1.45
N GLY G 275 21.69 -0.57 -0.46
CA GLY G 275 21.64 -1.02 0.92
C GLY G 275 20.32 -1.68 1.26
N GLN G 276 19.22 -1.13 0.75
CA GLN G 276 17.93 -1.79 0.90
C GLN G 276 17.91 -3.13 0.18
N ALA G 277 18.63 -3.26 -0.93
CA ALA G 277 18.60 -4.50 -1.69
C ALA G 277 19.22 -5.66 -0.94
N LEU G 278 20.17 -5.40 -0.04
CA LEU G 278 20.77 -6.47 0.75
C LEU G 278 20.52 -6.32 2.26
N GLY G 279 19.33 -5.81 2.62
CA GLY G 279 18.81 -5.96 3.96
C GLY G 279 18.90 -4.77 4.90
N LEU G 280 19.53 -3.67 4.50
CA LEU G 280 19.55 -2.52 5.39
C LEU G 280 18.19 -1.80 5.38
N LYS G 281 17.91 -1.07 6.45
CA LYS G 281 16.67 -0.30 6.49
C LYS G 281 16.72 0.81 5.44
N PRO G 282 15.57 1.14 4.82
CA PRO G 282 15.48 2.18 3.79
C PRO G 282 15.91 3.56 4.30
N ARG H 7 8.26 40.28 -29.59
CA ARG H 7 7.68 41.25 -28.66
C ARG H 7 6.39 40.70 -28.05
N HIS H 8 6.22 40.96 -26.76
CA HIS H 8 5.19 40.33 -25.95
C HIS H 8 3.82 40.93 -26.23
N ALA H 9 2.78 40.11 -25.99
CA ALA H 9 1.41 40.49 -26.33
C ALA H 9 0.43 39.93 -25.30
N ASN H 10 -0.24 40.82 -24.58
CA ASN H 10 -1.26 40.50 -23.60
C ASN H 10 -2.66 40.64 -24.20
N LYS H 11 -3.68 40.64 -23.35
CA LYS H 11 -5.06 40.80 -23.83
C LYS H 11 -5.35 42.22 -24.32
N ALA H 12 -4.55 43.22 -23.94
CA ALA H 12 -4.71 44.51 -24.59
C ALA H 12 -4.15 44.49 -25.99
N THR H 13 -3.46 43.40 -26.35
CA THR H 13 -3.05 43.17 -27.72
C THR H 13 -4.19 42.57 -28.51
N SER H 14 -4.32 43.10 -29.73
CA SER H 14 -5.22 42.69 -30.81
C SER H 14 -4.75 41.41 -31.45
N SER H 15 -5.70 40.63 -31.95
CA SER H 15 -5.31 39.52 -32.80
C SER H 15 -4.72 40.06 -34.08
N ASP H 16 -5.24 41.21 -34.51
CA ASP H 16 -4.70 41.93 -35.64
C ASP H 16 -3.24 42.30 -35.38
N GLU H 17 -2.97 43.02 -34.29
CA GLU H 17 -1.61 43.48 -34.02
C GLU H 17 -0.62 42.33 -33.82
N ILE H 18 -1.06 41.15 -33.40
CA ILE H 18 -0.12 40.05 -33.36
C ILE H 18 0.18 39.55 -34.76
N VAL H 19 -0.84 39.50 -35.64
CA VAL H 19 -0.51 39.16 -37.02
C VAL H 19 0.45 40.22 -37.59
N GLN H 20 0.38 41.44 -37.08
CA GLN H 20 1.29 42.49 -37.56
C GLN H 20 2.68 42.43 -36.93
N ILE H 21 2.86 41.91 -35.70
CA ILE H 21 4.22 41.53 -35.29
C ILE H 21 4.73 40.45 -36.20
N LEU H 22 3.98 39.37 -36.34
CA LEU H 22 4.47 38.21 -37.13
C LEU H 22 4.99 38.72 -38.47
N GLU H 23 4.29 39.70 -39.06
CA GLU H 23 4.74 40.28 -40.34
C GLU H 23 6.04 41.04 -40.12
N GLU H 24 6.11 41.84 -39.06
CA GLU H 24 7.30 42.71 -38.85
C GLU H 24 8.51 41.92 -38.36
N ASP H 25 8.40 41.24 -37.21
CA ASP H 25 9.54 40.55 -36.62
C ASP H 25 9.66 39.08 -36.98
N GLY H 26 8.57 38.44 -37.40
CA GLY H 26 8.59 37.01 -37.68
C GLY H 26 8.42 36.11 -36.48
N VAL H 27 8.24 36.67 -35.28
CA VAL H 27 8.11 35.90 -34.05
C VAL H 27 7.40 36.79 -33.03
N VAL H 28 6.57 36.17 -32.19
CA VAL H 28 5.74 36.89 -31.23
C VAL H 28 5.69 36.08 -29.95
N ILE H 29 5.55 36.77 -28.82
CA ILE H 29 5.34 36.11 -27.54
C ILE H 29 3.98 36.58 -27.01
N VAL H 30 3.06 35.65 -26.82
CA VAL H 30 1.78 36.01 -26.20
C VAL H 30 1.80 35.64 -24.72
N LEU H 34 -2.11 30.24 -21.97
CA LEU H 34 -3.04 29.10 -21.69
C LEU H 34 -3.28 28.98 -20.18
N SER H 35 -4.51 28.64 -19.78
CA SER H 35 -4.86 28.49 -18.34
C SER H 35 -3.86 27.56 -17.66
N SER H 36 -3.30 27.99 -16.53
CA SER H 36 -2.38 27.11 -15.76
C SER H 36 -3.09 25.78 -15.48
N ASP H 37 -4.39 25.82 -15.21
CA ASP H 37 -5.13 24.53 -15.03
C ASP H 37 -5.04 23.74 -16.33
N LEU H 38 -5.44 24.34 -17.46
CA LEU H 38 -5.30 23.67 -18.76
C LEU H 38 -3.84 23.23 -18.92
N VAL H 39 -2.88 24.07 -18.56
CA VAL H 39 -1.51 23.59 -18.69
C VAL H 39 -1.30 22.33 -17.85
N GLN H 40 -1.87 22.28 -16.64
CA GLN H 40 -1.70 21.05 -15.88
C GLN H 40 -2.52 19.92 -16.48
N LYS H 41 -3.70 20.22 -17.05
CA LYS H 41 -4.47 19.15 -17.67
C LYS H 41 -3.72 18.58 -18.88
N LEU H 42 -3.05 19.45 -19.64
CA LEU H 42 -2.25 18.97 -20.75
C LEU H 42 -1.12 18.09 -20.25
N ASN H 43 -0.41 18.53 -19.20
CA ASN H 43 0.68 17.73 -18.68
C ASN H 43 0.19 16.38 -18.16
N ASP H 44 -0.99 16.37 -17.54
CA ASP H 44 -1.53 15.13 -16.98
C ASP H 44 -1.92 14.14 -18.08
N GLU H 45 -2.61 14.62 -19.11
CA GLU H 45 -2.98 13.70 -20.19
C GLU H 45 -1.76 13.21 -20.97
N LEU H 46 -0.73 14.05 -21.07
CA LEU H 46 0.40 13.72 -21.93
C LEU H 46 1.48 12.90 -21.21
N ASP H 47 1.59 13.00 -19.88
CA ASP H 47 2.65 12.29 -19.18
C ASP H 47 2.64 10.78 -19.37
N PRO H 48 1.51 10.06 -19.19
CA PRO H 48 1.56 8.60 -19.41
C PRO H 48 2.00 8.20 -20.80
N HIS H 49 1.65 8.96 -21.83
CA HIS H 49 2.08 8.59 -23.18
C HIS H 49 3.58 8.80 -23.35
N LEU H 50 4.11 9.88 -22.77
CA LEU H 50 5.56 10.11 -22.85
C LEU H 50 6.33 9.07 -22.06
N ALA H 51 5.79 8.62 -20.92
CA ALA H 51 6.49 7.61 -20.14
C ALA H 51 6.57 6.28 -20.88
N ALA H 52 5.61 6.03 -21.76
CA ALA H 52 5.53 4.79 -22.52
C ALA H 52 6.37 4.79 -23.79
N LEU H 53 6.98 5.93 -24.13
CA LEU H 53 7.79 6.08 -25.34
C LEU H 53 8.70 4.89 -25.63
N SER H 58 9.63 -2.47 -19.50
CA SER H 58 10.22 -1.77 -18.36
C SER H 58 10.31 -0.26 -18.60
N GLY H 59 10.59 0.47 -17.53
CA GLY H 59 10.70 1.92 -17.57
C GLY H 59 12.05 2.37 -18.08
N GLU H 60 12.24 2.37 -19.40
CA GLU H 60 13.58 2.41 -19.98
C GLU H 60 14.38 3.60 -19.47
N SER H 61 15.33 3.32 -18.60
CA SER H 61 16.34 4.31 -18.20
C SER H 61 17.74 3.75 -18.42
N ALA H 62 18.04 2.62 -17.80
CA ALA H 62 19.30 1.90 -17.97
C ALA H 62 20.52 2.80 -17.79
N TYR H 63 20.59 3.47 -16.63
CA TYR H 63 21.67 4.41 -16.29
C TYR H 63 21.88 5.42 -17.40
N HIS H 64 20.91 5.50 -18.32
CA HIS H 64 21.07 6.19 -19.59
C HIS H 64 19.80 6.98 -19.88
N PRO H 65 19.48 7.98 -19.05
CA PRO H 65 18.16 8.60 -19.14
C PRO H 65 17.98 9.28 -20.48
N VAL H 66 16.74 9.22 -20.98
CA VAL H 66 16.44 9.83 -22.25
C VAL H 66 16.42 11.34 -22.06
N THR H 67 17.24 12.04 -22.82
CA THR H 67 17.40 13.48 -22.68
C THR H 67 16.51 14.25 -23.65
N THR H 68 16.55 13.92 -24.94
CA THR H 68 15.67 14.52 -25.93
C THR H 68 14.48 13.59 -26.15
N LYS H 69 13.27 14.15 -26.14
CA LYS H 69 12.05 13.37 -26.32
C LYS H 69 11.10 14.12 -27.24
N GLN H 70 10.38 13.36 -28.07
CA GLN H 70 9.35 13.90 -28.93
C GLN H 70 8.15 12.96 -28.96
N MET H 71 6.98 13.52 -29.25
CA MET H 71 5.74 12.75 -29.29
C MET H 71 4.78 13.47 -30.22
N ASN H 72 4.04 12.71 -31.03
CA ASN H 72 3.07 13.32 -31.94
C ASN H 72 1.80 12.48 -31.94
N ASP H 73 0.94 12.70 -32.95
CA ASP H 73 -0.40 12.13 -33.01
C ASP H 73 -1.20 12.51 -31.76
N LEU H 74 -1.10 13.79 -31.38
CA LEU H 74 -1.78 14.28 -30.19
C LEU H 74 -3.29 14.07 -30.18
N PRO H 75 -4.05 14.29 -31.28
CA PRO H 75 -5.51 14.16 -31.16
C PRO H 75 -5.97 12.80 -30.67
N ALA H 76 -5.28 11.72 -31.06
CA ALA H 76 -5.61 10.41 -30.50
C ALA H 76 -5.25 10.31 -29.02
N ARG H 77 -4.26 11.08 -28.57
CA ARG H 77 -3.66 10.90 -27.26
C ARG H 77 -4.18 11.85 -26.19
N SER H 78 -4.64 13.05 -26.56
CA SER H 78 -5.00 14.08 -25.59
C SER H 78 -6.37 14.63 -25.90
N GLN H 79 -7.26 14.62 -24.90
CA GLN H 79 -8.60 15.17 -25.09
C GLN H 79 -8.60 16.69 -25.15
N THR H 80 -7.83 17.35 -24.26
CA THR H 80 -7.82 18.81 -24.27
C THR H 80 -7.16 19.37 -25.52
N PHE H 81 -6.12 18.69 -26.04
CA PHE H 81 -5.59 19.06 -27.34
C PHE H 81 -6.62 18.82 -28.43
N ARG H 82 -7.40 17.76 -28.25
CA ARG H 82 -8.42 17.39 -29.22
C ARG H 82 -9.51 18.46 -29.32
N GLN H 83 -9.87 19.08 -28.19
CA GLN H 83 -11.00 20.01 -28.16
C GLN H 83 -10.59 21.46 -27.99
N ASP H 84 -9.90 21.79 -26.90
CA ASP H 84 -9.65 23.20 -26.59
C ASP H 84 -8.59 23.80 -27.51
N LEU H 85 -7.49 23.08 -27.72
CA LEU H 85 -6.35 23.61 -28.44
C LEU H 85 -6.64 23.72 -29.93
N LEU H 86 -7.25 22.67 -30.51
CA LEU H 86 -7.56 22.69 -31.94
C LEU H 86 -8.70 23.65 -32.28
N ASN H 87 -9.50 24.06 -31.29
CA ASN H 87 -10.58 25.01 -31.50
C ASN H 87 -10.28 26.39 -30.94
N ASN H 88 -9.06 26.63 -30.46
CA ASN H 88 -8.72 27.87 -29.78
C ASN H 88 -8.86 29.08 -30.72
N THR H 89 -9.49 30.14 -30.20
CA THR H 89 -9.81 31.28 -31.05
C THR H 89 -8.56 32.03 -31.48
N LEU H 90 -7.55 32.11 -30.59
CA LEU H 90 -6.33 32.83 -30.93
C LEU H 90 -5.55 32.13 -32.05
N ILE H 91 -5.41 30.79 -32.01
CA ILE H 91 -4.69 30.10 -33.08
C ILE H 91 -5.40 30.34 -34.42
N HIS H 92 -6.74 30.30 -34.45
CA HIS H 92 -7.39 30.46 -35.75
C HIS H 92 -7.42 31.89 -36.24
N LYS H 93 -7.52 32.87 -35.34
CA LYS H 93 -7.44 34.26 -35.77
C LYS H 93 -6.07 34.57 -36.37
N VAL H 94 -5.00 34.11 -35.70
CA VAL H 94 -3.68 34.33 -36.27
C VAL H 94 -3.49 33.54 -37.56
N CYS H 95 -4.09 32.36 -37.68
CA CYS H 95 -3.95 31.61 -38.92
C CYS H 95 -4.62 32.32 -40.09
N GLU H 96 -5.85 32.79 -39.90
CA GLU H 96 -6.52 33.50 -40.97
C GLU H 96 -5.77 34.78 -41.32
N GLY H 97 -5.25 35.49 -40.33
CA GLY H 97 -4.51 36.71 -40.63
C GLY H 97 -3.19 36.46 -41.32
N PHE H 98 -2.55 35.32 -41.02
CA PHE H 98 -1.25 35.00 -41.59
C PHE H 98 -1.38 34.53 -43.03
N TYR H 99 -2.39 33.68 -43.32
CA TYR H 99 -2.54 33.21 -44.69
C TYR H 99 -3.24 34.25 -45.56
N GLY H 100 -4.19 35.00 -45.00
CA GLY H 100 -4.72 36.15 -45.68
C GLY H 100 -5.68 35.80 -46.80
N PRO H 101 -5.83 36.74 -47.72
CA PRO H 101 -6.87 36.59 -48.76
C PRO H 101 -6.64 35.41 -49.69
N THR H 102 -5.47 35.35 -50.33
CA THR H 102 -5.27 34.43 -51.44
C THR H 102 -5.32 32.96 -51.02
N VAL H 103 -4.99 32.65 -49.76
CA VAL H 103 -4.92 31.24 -49.35
C VAL H 103 -6.30 30.71 -49.01
N GLY H 104 -6.94 31.28 -47.98
CA GLY H 104 -8.28 30.86 -47.63
C GLY H 104 -8.37 29.79 -46.56
N ASP H 105 -7.84 28.59 -46.84
CA ASP H 105 -7.98 27.47 -45.92
C ASP H 105 -6.63 26.91 -45.55
N TYR H 106 -6.59 26.24 -44.40
CA TYR H 106 -5.35 25.73 -43.82
C TYR H 106 -5.68 24.51 -42.98
N TRP H 107 -4.62 23.77 -42.65
CA TRP H 107 -4.76 22.61 -41.77
C TRP H 107 -3.43 22.39 -41.05
N MET H 108 -3.48 21.54 -40.03
CA MET H 108 -2.31 21.29 -39.19
C MET H 108 -1.42 20.20 -39.80
N SER H 109 -0.14 20.50 -39.93
CA SER H 109 0.87 19.55 -40.39
C SER H 109 1.51 18.78 -39.25
N HIS H 110 1.66 19.42 -38.09
CA HIS H 110 2.39 18.84 -36.97
C HIS H 110 1.74 19.18 -35.64
N GLY H 111 1.47 18.15 -34.85
CA GLY H 111 1.15 18.36 -33.45
C GLY H 111 2.13 17.56 -32.61
N GLY H 112 3.03 18.23 -31.88
CA GLY H 112 4.06 17.50 -31.17
C GLY H 112 4.46 18.05 -29.82
N VAL H 113 4.74 17.17 -28.87
CA VAL H 113 5.37 17.53 -27.60
C VAL H 113 6.86 17.30 -27.72
N LEU H 114 7.66 18.31 -27.37
CA LEU H 114 9.11 18.25 -27.45
C LEU H 114 9.70 18.63 -26.09
N GLU H 115 10.57 17.78 -25.55
CA GLU H 115 11.21 18.13 -24.29
C GLU H 115 12.70 17.77 -24.28
N SER H 124 21.68 24.07 -33.69
CA SER H 124 22.10 24.78 -34.89
C SER H 124 21.04 25.77 -35.36
N LEU H 125 21.46 26.88 -35.97
CA LEU H 125 20.52 27.77 -36.61
C LEU H 125 19.89 27.04 -37.79
N HIS H 126 18.59 27.23 -37.97
CA HIS H 126 17.89 26.57 -39.06
C HIS H 126 16.57 27.27 -39.32
N ARG H 127 15.87 26.79 -40.34
CA ARG H 127 14.57 27.31 -40.75
C ARG H 127 13.73 26.09 -41.15
N ASP H 128 12.56 25.93 -40.54
CA ASP H 128 11.81 24.70 -40.77
C ASP H 128 11.46 24.53 -42.25
N GLU H 129 11.15 25.64 -42.92
CA GLU H 129 10.81 25.58 -44.34
C GLU H 129 12.00 25.17 -45.21
N ALA H 130 13.12 24.81 -44.60
CA ALA H 130 14.21 24.17 -45.33
C ALA H 130 13.79 22.81 -45.87
N VAL H 131 12.73 22.21 -45.33
CA VAL H 131 12.32 20.89 -45.81
C VAL H 131 11.63 21.00 -47.17
N PHE H 132 11.42 22.24 -47.65
CA PHE H 132 10.74 22.51 -48.92
C PHE H 132 11.67 23.31 -49.79
N PRO H 133 12.63 22.65 -50.47
CA PRO H 133 13.67 23.41 -51.19
C PRO H 133 13.15 24.37 -52.25
N ALA H 134 12.08 24.03 -52.95
CA ALA H 134 11.54 24.93 -53.97
C ALA H 134 10.99 26.21 -53.34
N ILE H 135 10.42 26.10 -52.14
CA ILE H 135 9.96 27.28 -51.42
C ILE H 135 11.12 27.99 -50.75
N HIS H 136 12.04 27.22 -50.17
CA HIS H 136 13.14 27.81 -49.43
C HIS H 136 14.06 28.62 -50.33
N SER H 137 14.12 28.27 -51.62
CA SER H 137 14.98 29.02 -52.54
C SER H 137 14.46 30.44 -52.80
N LEU H 138 13.18 30.71 -52.52
CA LEU H 138 12.63 32.04 -52.75
C LEU H 138 12.96 33.03 -51.64
N SER H 139 13.50 32.57 -50.51
CA SER H 139 13.96 33.42 -49.40
C SER H 139 12.76 34.22 -48.86
N GLY H 140 12.93 35.50 -48.57
CA GLY H 140 11.93 36.26 -47.83
C GLY H 140 10.73 36.71 -48.63
N SER H 141 10.78 36.64 -49.96
CA SER H 141 9.64 36.93 -50.80
C SER H 141 8.74 35.73 -51.02
N GLY H 142 9.11 34.57 -50.48
CA GLY H 142 8.33 33.37 -50.68
C GLY H 142 6.99 33.42 -49.97
N PRO H 143 6.02 32.67 -50.48
CA PRO H 143 4.68 32.69 -49.87
C PRO H 143 4.69 32.14 -48.55
N PRO H 144 3.79 32.56 -47.62
CA PRO H 144 3.68 31.94 -46.30
C PRO H 144 3.34 30.46 -46.42
N VAL H 145 4.03 29.64 -45.63
CA VAL H 145 3.71 28.22 -45.60
C VAL H 145 3.48 27.74 -44.17
N MET H 146 4.53 27.74 -43.36
CA MET H 146 4.45 27.19 -42.01
C MET H 146 4.10 28.28 -41.02
N LEU H 147 3.20 27.96 -40.10
CA LEU H 147 2.95 28.83 -38.94
C LEU H 147 3.04 27.97 -37.70
N HIS H 148 3.91 28.37 -36.77
CA HIS H 148 4.34 27.51 -35.67
C HIS H 148 3.94 28.14 -34.35
N PHE H 149 3.12 27.44 -33.59
CA PHE H 149 2.70 27.85 -32.25
C PHE H 149 3.41 26.97 -31.24
N PHE H 150 4.27 27.58 -30.41
CA PHE H 150 5.14 26.88 -29.47
C PHE H 150 4.69 27.24 -28.06
N ILE H 151 3.88 26.37 -27.45
CA ILE H 151 3.29 26.63 -26.14
C ILE H 151 4.19 26.08 -25.04
N ALA H 152 4.23 26.79 -23.92
CA ALA H 152 5.07 26.45 -22.77
C ALA H 152 4.30 25.54 -21.83
N LEU H 153 4.60 24.25 -21.87
CA LEU H 153 4.11 23.33 -20.85
C LEU H 153 4.99 23.31 -19.62
N SER H 154 6.15 23.94 -19.68
CA SER H 154 7.02 24.13 -18.52
C SER H 154 7.73 25.47 -18.71
N ASP H 155 8.45 25.89 -17.67
CA ASP H 155 9.08 27.20 -17.70
C ASP H 155 10.11 27.29 -18.80
N PHE H 156 10.11 28.44 -19.47
CA PHE H 156 10.94 28.68 -20.63
C PHE H 156 12.00 29.71 -20.20
N THR H 157 13.16 29.23 -19.70
CA THR H 157 14.32 30.05 -19.34
C THR H 157 15.54 29.85 -20.25
N ALA H 158 16.41 30.86 -20.28
CA ALA H 158 17.71 30.73 -20.96
C ALA H 158 18.62 29.73 -20.24
N GLU H 159 18.30 29.43 -18.98
CA GLU H 159 19.09 28.50 -18.19
C GLU H 159 18.80 27.04 -18.52
N ASN H 160 17.58 26.70 -18.89
CA ASN H 160 17.24 25.35 -19.33
C ASN H 160 17.19 25.21 -20.86
N GLY H 161 17.61 26.24 -21.60
CA GLY H 161 17.69 26.10 -23.04
C GLY H 161 16.60 26.72 -23.88
N ALA H 162 16.35 28.01 -23.66
CA ALA H 162 15.27 28.68 -24.36
C ALA H 162 15.49 28.71 -25.87
N THR H 163 14.41 28.47 -26.63
CA THR H 163 14.56 28.53 -28.08
C THR H 163 14.92 29.96 -28.38
N GLN H 164 15.91 30.13 -29.24
CA GLN H 164 16.40 31.45 -29.61
C GLN H 164 15.90 31.79 -31.00
N PHE H 165 15.72 33.07 -31.25
CA PHE H 165 15.17 33.55 -32.51
C PHE H 165 15.98 34.74 -32.98
N ILE H 166 15.99 34.96 -34.29
CA ILE H 166 16.59 36.13 -34.90
C ILE H 166 15.47 36.92 -35.57
N PRO H 167 15.02 38.01 -34.94
CA PRO H 167 13.92 38.80 -35.53
C PRO H 167 14.32 39.40 -36.87
N GLY H 168 13.36 39.43 -37.80
CA GLY H 168 13.59 39.98 -39.12
C GLY H 168 14.23 39.04 -40.11
N SER H 169 14.60 37.82 -39.69
CA SER H 169 15.25 36.88 -40.58
C SER H 169 14.30 36.23 -41.58
N HIS H 170 12.99 36.38 -41.40
CA HIS H 170 12.04 35.85 -42.36
C HIS H 170 12.01 36.66 -43.66
N LYS H 171 12.54 37.88 -43.65
CA LYS H 171 12.53 38.75 -44.81
C LYS H 171 13.85 38.80 -45.57
N TRP H 172 14.87 38.07 -45.12
CA TRP H 172 16.19 38.16 -45.74
C TRP H 172 16.12 37.68 -47.19
N ALA H 173 16.91 38.34 -48.04
CA ALA H 173 16.91 38.03 -49.47
C ALA H 173 17.62 36.73 -49.79
N ASP H 174 18.44 36.21 -48.89
CA ASP H 174 19.19 34.99 -49.12
C ASP H 174 19.03 34.06 -47.93
N PHE H 175 18.34 32.94 -48.14
CA PHE H 175 18.16 31.98 -47.07
C PHE H 175 19.31 31.01 -46.91
N ASN H 176 20.37 31.01 -47.73
CA ASN H 176 21.48 30.20 -47.17
C ASN H 176 22.21 30.92 -46.05
N ASP H 177 21.93 32.20 -45.79
CA ASP H 177 22.50 32.85 -44.62
C ASP H 177 21.57 32.58 -43.44
N ASN H 178 22.05 31.82 -42.47
CA ASN H 178 21.31 31.52 -41.25
C ASN H 178 21.65 32.47 -40.13
N GLY H 179 22.41 33.51 -40.44
CA GLY H 179 22.84 34.51 -39.48
C GLY H 179 23.91 33.88 -38.60
N THR H 180 24.20 34.54 -37.47
CA THR H 180 25.16 34.00 -36.49
C THR H 180 24.43 33.84 -35.17
N ARG H 181 25.05 33.23 -34.16
CA ARG H 181 24.30 32.91 -32.91
C ARG H 181 24.16 34.11 -31.95
N ASP H 182 24.52 35.31 -32.40
CA ASP H 182 24.40 36.53 -31.55
C ASP H 182 23.00 37.10 -31.72
N GLN H 183 22.62 37.45 -32.93
CA GLN H 183 21.28 37.95 -33.32
C GLN H 183 20.17 37.16 -32.66
N ALA H 184 20.54 36.12 -31.94
CA ALA H 184 19.51 35.28 -31.37
C ALA H 184 19.08 35.97 -30.10
N VAL H 185 17.78 36.16 -29.98
CA VAL H 185 17.20 36.69 -28.76
C VAL H 185 16.46 35.52 -28.12
N THR H 186 16.72 35.32 -26.84
CA THR H 186 16.09 34.22 -26.13
C THR H 186 14.61 34.52 -25.89
N ALA H 187 13.79 33.47 -25.99
CA ALA H 187 12.35 33.58 -25.77
C ALA H 187 12.05 33.04 -24.38
N ILE H 188 11.88 33.94 -23.42
CA ILE H 188 11.57 33.59 -22.05
C ILE H 188 10.06 33.48 -21.88
N LEU H 189 9.59 32.30 -21.47
CA LEU H 189 8.18 32.06 -21.21
C LEU H 189 8.03 31.35 -19.87
N LYS H 190 6.90 31.57 -19.22
CA LYS H 190 6.61 30.92 -17.95
C LYS H 190 5.76 29.66 -18.13
N ALA H 191 4.56 29.82 -18.69
CA ALA H 191 3.63 28.72 -18.84
C ALA H 191 2.45 29.13 -19.70
N MET H 194 2.87 31.15 -25.02
CA MET H 194 3.31 30.58 -26.29
C MET H 194 4.06 31.64 -27.12
N VAL H 195 4.93 31.15 -28.00
CA VAL H 195 5.61 31.98 -28.99
C VAL H 195 5.25 31.47 -30.38
N ILE H 196 4.84 32.39 -31.26
CA ILE H 196 4.47 32.06 -32.63
C ILE H 196 5.57 32.52 -33.57
N PHE H 197 5.88 31.69 -34.56
CA PHE H 197 6.89 32.06 -35.55
C PHE H 197 6.62 31.37 -36.88
N THR H 198 7.19 31.92 -37.93
CA THR H 198 7.04 31.38 -39.27
C THR H 198 8.16 30.40 -39.57
N GLY H 199 7.96 29.63 -40.63
CA GLY H 199 9.03 28.75 -41.10
C GLY H 199 10.17 29.47 -41.77
N LYS H 200 10.06 30.79 -41.87
CA LYS H 200 11.14 31.59 -42.51
C LYS H 200 12.00 32.27 -41.43
N THR H 201 11.65 32.11 -40.16
CA THR H 201 12.42 32.74 -39.06
C THR H 201 13.53 31.80 -38.62
N VAL H 202 14.77 32.29 -38.61
CA VAL H 202 15.90 31.45 -38.11
C VAL H 202 15.68 31.22 -36.61
N HIS H 203 15.96 30.01 -36.13
CA HIS H 203 15.77 29.74 -34.71
C HIS H 203 16.64 28.56 -34.36
N CYS H 204 16.79 28.33 -33.07
CA CYS H 204 17.51 27.16 -32.58
C CYS H 204 17.12 26.95 -31.13
N GLY H 205 17.04 25.67 -30.75
CA GLY H 205 16.89 25.35 -29.35
C GLY H 205 18.18 25.55 -28.60
N GLY H 206 18.04 25.82 -27.30
CA GLY H 206 19.20 26.06 -26.46
C GLY H 206 19.72 24.80 -25.79
N ALA H 207 20.89 24.94 -25.17
CA ALA H 207 21.43 23.88 -24.34
C ALA H 207 20.82 23.95 -22.95
N ASN H 208 20.53 22.78 -22.38
CA ASN H 208 19.94 22.68 -21.05
C ASN H 208 21.08 22.50 -20.05
N SER H 209 21.57 23.58 -19.45
CA SER H 209 22.65 23.45 -18.44
C SER H 209 22.09 22.98 -17.09
N THR H 210 20.90 23.49 -16.71
CA THR H 210 20.27 23.13 -15.43
C THR H 210 20.44 21.65 -15.17
N LYS H 211 21.07 21.27 -14.05
CA LYS H 211 21.35 19.83 -13.82
C LYS H 211 20.23 19.20 -12.99
N ASP H 212 18.97 19.37 -13.41
CA ASP H 212 17.80 18.80 -12.69
C ASP H 212 16.51 19.08 -13.47
N SER H 213 16.37 20.26 -14.09
CA SER H 213 15.08 20.60 -14.76
C SER H 213 15.06 20.25 -16.25
N VAL H 214 13.85 20.10 -16.82
CA VAL H 214 13.71 19.75 -18.27
C VAL H 214 12.59 20.62 -18.88
N ARG H 215 12.88 21.28 -20.00
CA ARG H 215 11.88 22.18 -20.64
C ARG H 215 10.92 21.36 -21.50
N ARG H 216 9.61 21.60 -21.35
CA ARG H 216 8.60 20.88 -22.14
C ARG H 216 7.80 21.89 -22.97
N ALA H 217 7.69 21.64 -24.28
CA ALA H 217 6.91 22.50 -25.15
C ALA H 217 5.96 21.68 -26.00
N LEU H 218 4.88 22.34 -26.46
CA LEU H 218 3.94 21.75 -27.40
C LEU H 218 3.91 22.62 -28.65
N GLY H 219 4.38 22.07 -29.78
CA GLY H 219 4.37 22.78 -31.05
C GLY H 219 3.24 22.34 -31.95
N MET H 220 2.59 23.31 -32.57
CA MET H 220 1.57 23.09 -33.57
C MET H 220 2.00 23.82 -34.84
N ASN H 221 2.35 23.04 -35.87
CA ASN H 221 2.84 23.57 -37.14
C ASN H 221 1.75 23.42 -38.18
N PHE H 222 1.26 24.57 -38.69
CA PHE H 222 0.20 24.64 -39.68
C PHE H 222 0.76 24.92 -41.07
N HIS H 223 0.02 24.45 -42.08
CA HIS H 223 0.28 24.52 -43.50
C HIS H 223 -0.89 25.20 -44.20
N PRO H 224 -0.65 25.84 -45.34
CA PRO H 224 -1.75 26.18 -46.24
C PRO H 224 -2.31 24.91 -46.87
N TRP H 225 -3.53 25.03 -47.38
CA TRP H 225 -4.27 23.85 -47.83
C TRP H 225 -3.51 23.05 -48.86
N TYR H 226 -2.68 23.70 -49.68
CA TYR H 226 -2.04 23.04 -50.82
C TYR H 226 -0.71 22.38 -50.48
N VAL H 227 -0.25 22.46 -49.23
CA VAL H 227 1.01 21.85 -48.82
C VAL H 227 0.72 20.61 -47.97
N THR H 228 1.38 19.51 -48.32
CA THR H 228 1.08 18.23 -47.67
C THR H 228 1.46 18.27 -46.19
N PRO H 229 0.53 17.94 -45.29
CA PRO H 229 0.88 17.84 -43.87
C PRO H 229 1.88 16.72 -43.61
N TYR H 230 2.75 16.96 -42.62
CA TYR H 230 3.70 15.92 -42.23
C TYR H 230 3.00 14.72 -41.60
N GLU H 231 1.95 14.97 -40.81
CA GLU H 231 1.27 13.89 -40.08
C GLU H 231 0.07 13.36 -40.87
N ASN H 232 -0.09 12.04 -40.84
CA ASN H 232 -1.26 11.35 -41.36
C ASN H 232 -2.11 10.91 -40.18
N PHE H 233 -3.41 11.24 -40.20
CA PHE H 233 -4.27 11.03 -39.05
C PHE H 233 -5.37 9.99 -39.23
N TYR H 234 -5.24 9.07 -40.19
CA TYR H 234 -6.29 8.06 -40.35
C TYR H 234 -6.20 6.92 -39.34
N ASN H 235 -5.09 6.73 -38.65
CA ASN H 235 -5.08 5.68 -37.66
C ASN H 235 -5.73 6.10 -36.35
N THR H 236 -6.23 7.34 -36.27
CA THR H 236 -7.01 7.81 -35.16
C THR H 236 -8.30 7.01 -35.14
N PRO H 237 -8.68 6.43 -34.01
CA PRO H 237 -9.91 5.61 -34.00
C PRO H 237 -11.13 6.48 -34.24
N ARG H 238 -12.11 5.90 -34.88
CA ARG H 238 -13.24 6.65 -35.43
C ARG H 238 -14.00 7.41 -34.36
N GLU H 239 -14.10 6.85 -33.16
CA GLU H 239 -14.82 7.55 -32.09
C GLU H 239 -14.07 8.81 -31.67
N VAL H 240 -12.74 8.79 -31.70
CA VAL H 240 -12.00 10.01 -31.35
C VAL H 240 -12.24 11.09 -32.39
N VAL H 241 -12.32 10.71 -33.67
CA VAL H 241 -12.59 11.67 -34.73
C VAL H 241 -14.01 12.22 -34.63
N GLU H 242 -14.97 11.36 -34.31
CA GLU H 242 -16.37 11.77 -34.25
C GLU H 242 -16.69 12.66 -33.05
N SER H 243 -15.88 12.64 -31.99
CA SER H 243 -16.13 13.52 -30.86
C SER H 243 -15.67 14.96 -31.08
N MET H 244 -14.90 15.23 -32.13
CA MET H 244 -14.33 16.55 -32.37
C MET H 244 -15.29 17.42 -33.17
N THR H 245 -15.09 18.73 -33.03
CA THR H 245 -15.85 19.69 -33.82
C THR H 245 -15.43 19.62 -35.29
N PRO H 246 -16.33 20.00 -36.22
CA PRO H 246 -15.96 19.93 -37.65
C PRO H 246 -14.72 20.75 -38.00
N LEU H 247 -14.49 21.86 -37.32
CA LEU H 247 -13.29 22.64 -37.55
C LEU H 247 -12.03 21.83 -37.20
N ALA H 248 -12.04 21.18 -36.02
CA ALA H 248 -10.90 20.37 -35.63
C ALA H 248 -10.72 19.16 -36.54
N GLN H 249 -11.81 18.60 -37.07
CA GLN H 249 -11.67 17.51 -38.03
C GLN H 249 -11.03 18.00 -39.32
N ARG H 250 -11.36 19.22 -39.76
CA ARG H 250 -10.67 19.77 -40.92
C ARG H 250 -9.19 20.01 -40.63
N MET H 251 -8.86 20.33 -39.39
CA MET H 251 -7.46 20.57 -39.03
C MET H 251 -6.60 19.30 -39.15
N ILE H 252 -7.18 18.12 -38.95
CA ILE H 252 -6.41 16.87 -39.02
C ILE H 252 -6.69 16.11 -40.33
N GLY H 253 -7.24 16.79 -41.33
CA GLY H 253 -7.37 16.22 -42.65
C GLY H 253 -8.58 15.33 -42.88
N TRP H 254 -9.55 15.34 -41.98
CA TRP H 254 -10.77 14.56 -42.13
C TRP H 254 -11.89 15.32 -42.83
N ARG H 255 -11.69 16.60 -43.16
CA ARG H 255 -12.66 17.36 -43.93
C ARG H 255 -11.96 18.01 -45.12
N THR H 256 -12.72 18.32 -46.16
CA THR H 256 -12.15 18.97 -47.33
C THR H 256 -11.85 20.43 -47.06
N LEU H 257 -10.81 20.91 -47.74
CA LEU H 257 -10.40 22.31 -47.67
C LEU H 257 -11.17 23.14 -48.69
N HIS H 258 -11.28 24.45 -48.40
CA HIS H 258 -12.02 25.39 -49.23
C HIS H 258 -11.14 26.58 -49.53
N PRO H 259 -10.22 26.44 -50.47
CA PRO H 259 -9.38 27.57 -50.88
C PRO H 259 -10.17 28.70 -51.51
N HIS H 260 -9.70 29.93 -51.28
CA HIS H 260 -10.26 31.06 -52.00
C HIS H 260 -9.99 30.95 -53.50
N SER H 261 -8.87 30.32 -53.87
CA SER H 261 -8.56 30.07 -55.27
C SER H 261 -9.59 29.15 -55.89
N HIS H 262 -9.71 27.93 -55.38
CA HIS H 262 -10.72 26.98 -55.81
C HIS H 262 -11.84 27.00 -54.77
N SER H 263 -12.75 27.97 -54.91
CA SER H 263 -13.79 28.18 -53.92
C SER H 263 -14.75 27.01 -53.82
N PHE H 264 -14.68 26.06 -54.76
CA PHE H 264 -15.58 24.93 -54.81
C PHE H 264 -15.15 23.79 -53.87
N GLY H 265 -13.86 23.63 -53.63
CA GLY H 265 -13.36 22.67 -52.68
C GLY H 265 -12.12 21.94 -53.17
N TRP H 266 -11.39 21.36 -52.23
CA TRP H 266 -10.20 20.57 -52.51
C TRP H 266 -10.11 19.44 -51.50
N TRP H 267 -9.42 18.36 -51.88
CA TRP H 267 -9.28 17.17 -51.02
C TRP H 267 -10.64 16.48 -50.84
N LEU H 268 -11.29 16.20 -51.97
CA LEU H 268 -12.64 15.66 -52.02
C LEU H 268 -12.63 14.15 -52.30
N ILE H 269 -13.80 13.53 -52.07
CA ILE H 269 -14.06 12.15 -52.47
C ILE H 269 -15.22 12.19 -53.46
N ARG H 270 -14.94 11.83 -54.72
CA ARG H 270 -15.94 11.85 -55.79
C ARG H 270 -16.62 13.22 -55.89
N ASN H 271 -15.81 14.27 -55.81
CA ASN H 271 -16.30 15.65 -55.87
C ASN H 271 -17.33 15.92 -54.80
N ALA H 272 -17.19 15.26 -53.65
CA ALA H 272 -18.06 15.47 -52.50
C ALA H 272 -17.21 15.62 -51.26
N GLU H 273 -17.82 16.19 -50.21
CA GLU H 273 -17.10 16.41 -48.97
C GLU H 273 -16.62 15.07 -48.42
N ALA H 274 -15.35 15.04 -48.00
CA ALA H 274 -14.69 13.77 -47.70
C ALA H 274 -15.21 13.19 -46.40
N GLY H 275 -15.31 14.02 -45.36
CA GLY H 275 -15.73 13.50 -44.06
C GLY H 275 -17.16 13.01 -44.07
N GLN H 276 -18.04 13.71 -44.77
CA GLN H 276 -19.39 13.20 -44.94
C GLN H 276 -19.38 11.90 -45.75
N ALA H 277 -18.48 11.80 -46.73
CA ALA H 277 -18.43 10.62 -47.57
C ALA H 277 -17.98 9.38 -46.80
N LEU H 278 -17.21 9.56 -45.73
CA LEU H 278 -16.73 8.42 -44.95
C LEU H 278 -17.38 8.36 -43.56
N GLY H 279 -18.60 8.87 -43.44
CA GLY H 279 -19.44 8.60 -42.27
C GLY H 279 -19.53 9.69 -41.23
N LEU H 280 -18.80 10.79 -41.39
CA LEU H 280 -18.87 11.87 -40.40
C LEU H 280 -20.15 12.71 -40.61
N LYS H 281 -20.23 13.84 -39.91
CA LYS H 281 -21.40 14.69 -39.97
C LYS H 281 -21.49 15.39 -41.33
N PRO H 282 -22.70 15.79 -41.76
CA PRO H 282 -22.96 16.66 -42.90
C PRO H 282 -21.94 17.79 -43.06
#